data_2JBL
#
_entry.id   2JBL
#
_cell.length_a   223.500
_cell.length_b   223.500
_cell.length_c   113.600
_cell.angle_alpha   90.00
_cell.angle_beta   90.00
_cell.angle_gamma   90.00
#
_symmetry.space_group_name_H-M   'P 43 21 2'
#
loop_
_entity.id
_entity.type
_entity.pdbx_description
1 polymer 'PHOTOSYNTHETIC REACTION CENTER CYTOCHROME C SUBUNIT'
2 polymer 'REACTION CENTER PROTEIN H CHAIN'
3 polymer 'REACTION CENTER PROTEIN L CHAIN'
4 polymer 'REACTION CENTER PROTEIN M CHAIN'
5 non-polymer 'HEME C'
6 non-polymer 'LAURYL DIMETHYLAMINE-N-OXIDE'
7 non-polymer 'SULFATE ION'
8 non-polymer 'BACTERIOCHLOROPHYLL B'
9 non-polymer 'BACTERIOPHEOPHYTIN B'
10 non-polymer 'STIGMATELLIN A'
11 non-polymer 'FE (III) ION'
12 non-polymer MENAQUINONE-7
13 non-polymer 15-cis-1,2-dihydroneurosporene
14 water water
#
loop_
_entity_poly.entity_id
_entity_poly.type
_entity_poly.pdbx_seq_one_letter_code
_entity_poly.pdbx_strand_id
1 'polypeptide(L)'
;MKQLIVNSVATVALASLVAGCFEPPPATTTQTGFRGLSMGEVLHPATVKAKKERDAQYPPALAAVKAEGPPVSQVYKNVK
VLGNLTEAEFLRTMTAITEWVSPQEGCTYCHDENNLASEAKYPYVVARRMLEMTRAINTNWTQHVAQTGVTCYTCHRGTP
LPPYVRYLEPTLPLNNRETPTHVERVETRSGYVVRLAKYTAYSALNYDPFTMFLANDKRQVRVVPQTALPLVGVSRGKER
RPLSDAYATFALMMSISDSLGTNCTFCHNAQTFESWGKKSTPQRAIAWWGIRMVRDLNMNYLAPLNASLPASRLGRQGEA
PQADCRTCHQGVTKPLFGASRLKDYPELGPIKAAAK
;
C
2 'polypeptide(L)'
;(FME)YHGALAQHLDIAQLVWYAQWLVIWTVVLLYLRREDRREGYPLVEPLGLVKLAPEDGQVYELPYPKTFVLPHGGTV
TVPRRRPETRELKLAQTDGFEGAPLQPTGNPLVDAVGPASYAERAEVVDATVDGKAKIVPLRVATDFSIAEGDVDPRGLP
VVAADGVEAGTVTDLWVDRSEHYFRYLELSVAGSARTALIPLGFCDVKKDKIVVTSILSEQFANVPRLQSRDQITLREED
KVSAYYAGGLLYATPERAESLL
;
H
3 'polypeptide(L)'
;ALLSFERKYRVRGGTLIGGDLFDFWVGPYFVGFFGVSAIFFIFLGVSLIGYAASQGPTWDPFAISINPPDLKYGLGAAPL
LEGGFWQAITVCALGAFISWMLREVEISRKLGIGWHVPLAFCVPIFMFCVLQVFRPLLLGSWGHAFPYGILSHLDWVNNF
GYQYLNWHYNPGHMSSVSFLFVNAMALGLHGGLILSVANPGDGDKVKTAEHENQYFRDVVGYSIGALSIHRLGLFLASNI
FLTGAFGTIASGPFWTRGWPEWWGWWLDIPFWS
;
L
4 'polypeptide(L)'
;ADYQTIYTQIQARGPHITVSGEWGDNDRVGKPFYSYWLGKIGDAQIGPIYLGASGIAAFAFGSTAILIILFNMAAEVHFD
PLQFFRQFFWLGLYPPKAQYGMGIPPLHDGGWWLMAGLFMTLSLGSWWIRVYSRARALGLGTHIAWNFAAAIFFVLCIGC
IHPTLVGSWSEGVPFGIWPHIDWLTAFSIRYGNFYYCPWHGFSIGFAYGCGLLFAAHGATILAVARFGGDREIEQITDRG
TAVERAALFWRWTIGFNATIESVHRWGWFFSLMVMVSASVGILLTGTFVDNWYLWCVKHGAAPDYPAYLPATPDPASLPG
APK
;
M
#
loop_
_chem_comp.id
_chem_comp.type
_chem_comp.name
_chem_comp.formula
BCB non-polymer 'BACTERIOCHLOROPHYLL B' 'C55 H72 Mg N4 O6 2'
BPB non-polymer 'BACTERIOPHEOPHYTIN B' 'C55 H74 N4 O6'
FE non-polymer 'FE (III) ION' 'Fe 3'
HEC non-polymer 'HEME C' 'C34 H34 Fe N4 O4'
LDA non-polymer 'LAURYL DIMETHYLAMINE-N-OXIDE' 'C14 H31 N O'
MQ7 non-polymer MENAQUINONE-7 'C46 H64 O2'
NS5 non-polymer 15-cis-1,2-dihydroneurosporene 'C40 H60'
SMA non-polymer 'STIGMATELLIN A' 'C30 H42 O7'
SO4 non-polymer 'SULFATE ION' 'O4 S -2'
#
# COMPACT_ATOMS: atom_id res chain seq x y z
N CYS A 21 13.29 18.10 5.40
CA CYS A 21 13.93 17.34 4.29
C CYS A 21 12.99 17.27 3.08
N PHE A 22 12.69 18.44 2.49
CA PHE A 22 11.81 18.51 1.33
C PHE A 22 12.20 19.63 0.36
N GLU A 23 11.75 19.51 -0.89
CA GLU A 23 12.07 20.51 -1.90
C GLU A 23 10.80 21.30 -2.27
N PRO A 24 10.85 22.64 -2.13
CA PRO A 24 9.73 23.53 -2.43
C PRO A 24 9.32 23.53 -3.90
N PRO A 25 8.01 23.62 -4.17
CA PRO A 25 7.54 23.65 -5.56
C PRO A 25 7.76 25.05 -6.11
N PRO A 26 7.55 25.26 -7.42
CA PRO A 26 7.11 24.28 -8.42
C PRO A 26 8.22 23.32 -8.84
N ALA A 27 7.85 22.28 -9.55
CA ALA A 27 8.79 21.29 -10.04
C ALA A 27 8.69 21.29 -11.56
N THR A 28 9.83 21.16 -12.23
CA THR A 28 9.87 21.13 -13.68
C THR A 28 9.69 19.69 -14.10
N THR A 29 8.74 19.43 -14.99
CA THR A 29 8.51 18.06 -15.44
C THR A 29 8.43 17.99 -16.96
N THR A 30 9.00 16.92 -17.52
CA THR A 30 8.97 16.73 -18.97
C THR A 30 8.17 15.46 -19.26
N GLN A 31 7.92 15.22 -20.54
CA GLN A 31 7.19 14.03 -20.95
C GLN A 31 8.11 13.22 -21.86
N THR A 32 8.29 11.95 -21.56
CA THR A 32 9.15 11.12 -22.37
C THR A 32 8.42 9.89 -22.89
N GLY A 33 7.13 9.78 -22.53
CA GLY A 33 6.33 8.66 -22.98
C GLY A 33 4.94 9.09 -23.37
N PHE A 34 4.15 8.16 -23.89
CA PHE A 34 2.77 8.44 -24.30
C PHE A 34 1.96 9.03 -23.13
N ARG A 35 1.07 9.96 -23.44
CA ARG A 35 0.23 10.59 -22.44
C ARG A 35 -0.41 9.55 -21.52
N GLY A 36 -0.36 9.82 -20.21
CA GLY A 36 -0.95 8.92 -19.24
C GLY A 36 -0.08 7.79 -18.72
N LEU A 37 1.19 7.74 -19.12
CA LEU A 37 2.07 6.68 -18.63
C LEU A 37 2.99 7.18 -17.52
N SER A 38 2.89 8.46 -17.20
CA SER A 38 3.70 9.06 -16.15
C SER A 38 5.20 8.86 -16.38
N MET A 39 5.62 9.04 -17.62
CA MET A 39 7.04 8.91 -17.98
C MET A 39 7.61 10.30 -18.21
N GLY A 40 8.73 10.59 -17.57
CA GLY A 40 9.34 11.90 -17.77
C GLY A 40 10.25 12.33 -16.64
N GLU A 41 10.95 13.45 -16.87
CA GLU A 41 11.85 13.97 -15.85
C GLU A 41 11.08 14.80 -14.83
N VAL A 42 11.64 14.85 -13.63
CA VAL A 42 11.08 15.61 -12.51
C VAL A 42 12.29 16.33 -11.91
N LEU A 43 12.40 17.64 -12.16
CA LEU A 43 13.54 18.41 -11.65
C LEU A 43 13.19 19.55 -10.69
N HIS A 44 14.10 19.82 -9.76
CA HIS A 44 13.94 20.91 -8.80
C HIS A 44 14.71 22.07 -9.46
N PRO A 45 14.03 23.17 -9.78
CA PRO A 45 14.67 24.33 -10.42
C PRO A 45 15.99 24.81 -9.79
N ALA A 46 16.01 24.98 -8.48
CA ALA A 46 17.22 25.45 -7.81
C ALA A 46 18.41 24.55 -8.11
N THR A 47 18.19 23.24 -8.08
CA THR A 47 19.23 22.27 -8.35
C THR A 47 19.78 22.39 -9.77
N VAL A 48 18.87 22.52 -10.73
CA VAL A 48 19.27 22.64 -12.12
C VAL A 48 20.12 23.88 -12.35
N LYS A 49 19.72 25.02 -11.77
CA LYS A 49 20.46 26.26 -11.95
C LYS A 49 21.83 26.19 -11.26
N ALA A 50 21.88 25.54 -10.10
CA ALA A 50 23.14 25.40 -9.39
C ALA A 50 24.13 24.59 -10.25
N LYS A 51 23.62 23.60 -10.98
CA LYS A 51 24.48 22.79 -11.83
C LYS A 51 24.85 23.56 -13.09
N LYS A 52 23.91 24.34 -13.62
CA LYS A 52 24.18 25.14 -14.81
C LYS A 52 25.33 26.11 -14.50
N GLU A 53 25.27 26.73 -13.34
CA GLU A 53 26.30 27.67 -12.92
C GLU A 53 27.66 26.98 -12.77
N ARG A 54 27.65 25.82 -12.12
CA ARG A 54 28.89 25.07 -11.95
C ARG A 54 29.47 24.72 -13.31
N ASP A 55 28.63 24.21 -14.21
CA ASP A 55 29.07 23.83 -15.53
C ASP A 55 29.41 25.02 -16.42
N ALA A 56 28.88 26.18 -16.07
CA ALA A 56 29.14 27.39 -16.86
C ALA A 56 30.60 27.82 -16.73
N GLN A 57 31.30 27.31 -15.73
CA GLN A 57 32.71 27.65 -15.53
C GLN A 57 33.58 27.14 -16.68
N TYR A 58 32.97 26.40 -17.61
CA TYR A 58 33.67 25.86 -18.77
C TYR A 58 34.37 27.02 -19.51
N PRO A 59 35.71 27.05 -19.48
CA PRO A 59 36.43 28.12 -20.18
C PRO A 59 36.01 28.24 -21.63
N PRO A 60 35.92 29.48 -22.14
CA PRO A 60 35.52 29.66 -23.53
C PRO A 60 36.69 29.25 -24.42
N ALA A 61 36.39 28.96 -25.68
CA ALA A 61 37.44 28.57 -26.62
C ALA A 61 38.43 29.71 -26.81
N LEU A 62 39.71 29.36 -26.95
CA LEU A 62 40.73 30.37 -27.18
C LEU A 62 40.58 30.86 -28.62
N ALA A 63 40.92 32.12 -28.86
CA ALA A 63 40.83 32.69 -30.18
C ALA A 63 41.52 31.81 -31.20
N ALA A 64 40.93 31.69 -32.39
CA ALA A 64 41.52 30.87 -33.43
C ALA A 64 42.81 31.52 -33.92
N VAL A 65 43.76 30.70 -34.35
CA VAL A 65 45.03 31.20 -34.85
C VAL A 65 45.22 30.75 -36.29
N LYS A 66 45.93 31.57 -37.07
CA LYS A 66 46.18 31.25 -38.46
C LYS A 66 47.30 30.22 -38.58
N ALA A 67 47.01 29.11 -39.26
CA ALA A 67 48.02 28.08 -39.44
C ALA A 67 49.09 28.60 -40.38
N GLU A 68 50.29 28.81 -39.84
CA GLU A 68 51.41 29.32 -40.62
C GLU A 68 52.70 28.62 -40.22
N GLY A 69 53.44 28.13 -41.20
CA GLY A 69 54.70 27.47 -40.92
C GLY A 69 54.66 25.96 -41.08
N PRO A 70 55.76 25.27 -40.79
CA PRO A 70 55.84 23.82 -40.90
C PRO A 70 55.20 23.11 -39.72
N PRO A 71 54.83 21.83 -39.90
CA PRO A 71 54.21 21.07 -38.81
C PRO A 71 55.21 20.90 -37.67
N VAL A 72 54.73 20.99 -36.44
CA VAL A 72 55.59 20.86 -35.28
C VAL A 72 56.38 19.55 -35.27
N SER A 73 56.00 18.61 -36.13
CA SER A 73 56.71 17.34 -36.21
C SER A 73 58.13 17.62 -36.69
N GLN A 74 58.30 18.75 -37.36
CA GLN A 74 59.60 19.19 -37.84
C GLN A 74 60.18 20.17 -36.82
N VAL A 75 59.39 21.18 -36.47
CA VAL A 75 59.78 22.20 -35.52
C VAL A 75 60.21 21.69 -34.14
N TYR A 76 59.33 20.99 -33.45
CA TYR A 76 59.66 20.48 -32.12
C TYR A 76 60.34 19.12 -32.14
N LYS A 77 60.83 18.70 -30.99
CA LYS A 77 61.58 17.45 -30.88
C LYS A 77 60.87 16.18 -30.41
N ASN A 78 59.94 16.29 -29.47
CA ASN A 78 59.25 15.10 -28.97
C ASN A 78 57.73 15.15 -29.04
N VAL A 79 57.21 15.42 -30.23
CA VAL A 79 55.77 15.48 -30.44
C VAL A 79 55.28 14.24 -31.18
N LYS A 80 54.65 13.33 -30.45
CA LYS A 80 54.17 12.07 -31.03
C LYS A 80 52.70 12.07 -31.48
N VAL A 81 51.88 12.94 -30.90
CA VAL A 81 50.46 12.97 -31.26
C VAL A 81 49.98 14.16 -32.09
N LEU A 82 50.30 15.37 -31.65
CA LEU A 82 49.84 16.57 -32.34
C LEU A 82 50.84 17.11 -33.37
N GLY A 83 51.70 16.22 -33.87
CA GLY A 83 52.72 16.60 -34.83
C GLY A 83 52.27 17.27 -36.11
N ASN A 84 51.02 17.08 -36.51
CA ASN A 84 50.53 17.67 -37.75
C ASN A 84 50.09 19.13 -37.60
N LEU A 85 50.13 19.64 -36.37
CA LEU A 85 49.73 21.02 -36.11
C LEU A 85 50.86 22.02 -36.29
N THR A 86 50.54 23.24 -36.72
CA THR A 86 51.54 24.28 -36.89
C THR A 86 51.89 24.76 -35.47
N GLU A 87 52.98 25.49 -35.34
CA GLU A 87 53.42 25.97 -34.02
C GLU A 87 52.33 26.76 -33.27
N ALA A 88 51.70 27.71 -33.94
CA ALA A 88 50.67 28.53 -33.30
C ALA A 88 49.50 27.70 -32.80
N GLU A 89 49.05 26.75 -33.61
CA GLU A 89 47.94 25.87 -33.26
C GLU A 89 48.31 25.00 -32.07
N PHE A 90 49.49 24.39 -32.15
CA PHE A 90 49.99 23.51 -31.12
C PHE A 90 50.02 24.20 -29.75
N LEU A 91 50.60 25.39 -29.70
CA LEU A 91 50.71 26.14 -28.46
C LEU A 91 49.32 26.54 -27.97
N ARG A 92 48.40 26.75 -28.90
CA ARG A 92 47.04 27.09 -28.54
C ARG A 92 46.47 25.90 -27.76
N THR A 93 46.74 24.70 -28.27
CA THR A 93 46.30 23.46 -27.67
C THR A 93 46.90 23.27 -26.29
N MET A 94 48.17 23.62 -26.14
CA MET A 94 48.85 23.48 -24.85
C MET A 94 48.25 24.44 -23.84
N THR A 95 47.82 25.61 -24.31
CA THR A 95 47.23 26.60 -23.42
C THR A 95 45.86 26.13 -22.94
N ALA A 96 45.07 25.57 -23.86
CA ALA A 96 43.75 25.06 -23.51
C ALA A 96 43.92 23.92 -22.51
N ILE A 97 44.81 22.99 -22.86
CA ILE A 97 45.10 21.84 -22.00
C ILE A 97 45.46 22.29 -20.58
N THR A 98 46.27 23.34 -20.49
CA THR A 98 46.69 23.86 -19.20
C THR A 98 45.51 24.46 -18.43
N GLU A 99 44.63 25.12 -19.16
CA GLU A 99 43.47 25.74 -18.57
C GLU A 99 42.43 24.70 -18.12
N TRP A 100 42.33 23.62 -18.86
CA TRP A 100 41.37 22.55 -18.53
C TRP A 100 41.82 21.61 -17.43
N VAL A 101 43.09 21.24 -17.47
CA VAL A 101 43.63 20.28 -16.50
C VAL A 101 44.41 20.82 -15.32
N SER A 102 45.37 21.72 -15.58
CA SER A 102 46.18 22.26 -14.50
C SER A 102 46.32 23.78 -14.51
N PRO A 103 45.19 24.50 -14.36
CA PRO A 103 45.25 25.95 -14.36
C PRO A 103 46.03 26.50 -13.15
N GLN A 104 45.85 25.87 -12.00
CA GLN A 104 46.55 26.30 -10.79
C GLN A 104 48.04 26.01 -10.84
N GLU A 105 48.41 24.87 -11.41
CA GLU A 105 49.81 24.46 -11.49
C GLU A 105 50.60 25.10 -12.62
N GLY A 106 49.95 25.34 -13.76
CA GLY A 106 50.62 25.95 -14.89
C GLY A 106 51.29 24.91 -15.79
N CYS A 107 52.05 25.38 -16.78
CA CYS A 107 52.75 24.51 -17.73
C CYS A 107 53.74 23.54 -17.10
N THR A 108 54.38 23.96 -16.02
CA THR A 108 55.38 23.11 -15.38
C THR A 108 54.81 21.89 -14.70
N TYR A 109 53.49 21.74 -14.70
CA TYR A 109 52.89 20.58 -14.06
C TYR A 109 53.32 19.33 -14.82
N CYS A 110 53.42 19.45 -16.13
CA CYS A 110 53.82 18.32 -16.98
C CYS A 110 55.16 18.57 -17.66
N HIS A 111 55.69 19.78 -17.51
CA HIS A 111 56.95 20.11 -18.18
C HIS A 111 58.12 20.48 -17.29
N ASP A 112 59.31 20.22 -17.82
CA ASP A 112 60.55 20.58 -17.16
C ASP A 112 60.75 22.01 -17.60
N GLU A 113 60.83 22.92 -16.63
CA GLU A 113 60.99 24.35 -16.89
C GLU A 113 62.09 24.62 -17.92
N ASN A 114 63.11 23.76 -17.95
CA ASN A 114 64.23 23.93 -18.86
C ASN A 114 64.32 23.00 -20.08
N ASN A 115 63.32 22.15 -20.27
CA ASN A 115 63.32 21.24 -21.42
C ASN A 115 61.90 20.72 -21.67
N LEU A 116 61.21 21.35 -22.60
CA LEU A 116 59.84 21.00 -22.93
C LEU A 116 59.66 19.68 -23.68
N ALA A 117 60.75 18.99 -23.97
CA ALA A 117 60.66 17.72 -24.66
C ALA A 117 60.88 16.57 -23.68
N SER A 118 61.21 16.93 -22.45
CA SER A 118 61.44 15.94 -21.40
C SER A 118 60.15 15.27 -20.92
N GLU A 119 60.22 13.95 -20.69
CA GLU A 119 59.08 13.18 -20.21
C GLU A 119 59.33 12.80 -18.76
N ALA A 120 60.26 13.51 -18.13
CA ALA A 120 60.64 13.26 -16.75
C ALA A 120 59.47 13.23 -15.76
N LYS A 121 58.49 14.10 -15.97
CA LYS A 121 57.33 14.16 -15.07
C LYS A 121 56.21 13.25 -15.57
N TYR A 122 55.64 12.43 -14.68
CA TYR A 122 54.60 11.49 -15.07
C TYR A 122 53.37 12.14 -15.72
N PRO A 123 52.97 13.35 -15.26
CA PRO A 123 51.80 13.96 -15.88
C PRO A 123 51.98 14.10 -17.38
N TYR A 124 53.24 14.21 -17.81
CA TYR A 124 53.54 14.34 -19.23
C TYR A 124 53.11 13.13 -20.03
N VAL A 125 53.60 11.94 -19.65
CA VAL A 125 53.25 10.73 -20.39
C VAL A 125 51.77 10.39 -20.26
N VAL A 126 51.21 10.62 -19.08
CA VAL A 126 49.80 10.35 -18.88
C VAL A 126 49.01 11.25 -19.84
N ALA A 127 49.33 12.53 -19.85
CA ALA A 127 48.66 13.48 -20.72
C ALA A 127 48.78 13.07 -22.19
N ARG A 128 49.88 12.43 -22.56
CA ARG A 128 50.05 12.00 -23.95
C ARG A 128 49.00 10.93 -24.27
N ARG A 129 48.86 9.97 -23.37
CA ARG A 129 47.89 8.89 -23.54
C ARG A 129 46.48 9.48 -23.54
N MET A 130 46.28 10.48 -22.68
CA MET A 130 44.99 11.16 -22.56
C MET A 130 44.63 11.89 -23.85
N LEU A 131 45.63 12.39 -24.55
CA LEU A 131 45.37 13.08 -25.82
C LEU A 131 44.85 12.03 -26.79
N GLU A 132 45.39 10.83 -26.69
CA GLU A 132 44.96 9.73 -27.55
C GLU A 132 43.55 9.29 -27.17
N MET A 133 43.34 9.07 -25.87
CA MET A 133 42.03 8.65 -25.39
C MET A 133 40.95 9.65 -25.82
N THR A 134 41.21 10.93 -25.59
CA THR A 134 40.26 11.97 -25.95
C THR A 134 39.93 11.91 -27.44
N ARG A 135 40.96 11.83 -28.27
CA ARG A 135 40.76 11.77 -29.72
C ARG A 135 40.02 10.48 -30.08
N ALA A 136 40.21 9.45 -29.27
CA ALA A 136 39.56 8.16 -29.53
C ALA A 136 38.06 8.34 -29.27
N ILE A 137 37.74 8.92 -28.13
CA ILE A 137 36.36 9.16 -27.75
C ILE A 137 35.61 9.94 -28.83
N ASN A 138 36.16 11.08 -29.23
CA ASN A 138 35.52 11.91 -30.24
C ASN A 138 35.54 11.32 -31.64
N THR A 139 36.34 10.28 -31.84
CA THR A 139 36.42 9.66 -33.16
C THR A 139 35.72 8.32 -33.25
N ASN A 140 35.94 7.46 -32.27
CA ASN A 140 35.36 6.12 -32.28
C ASN A 140 34.12 5.89 -31.46
N TRP A 141 33.74 6.85 -30.63
CA TRP A 141 32.54 6.67 -29.81
C TRP A 141 31.54 7.77 -30.11
N THR A 142 31.45 8.07 -31.38
CA THR A 142 30.56 9.07 -31.88
C THR A 142 29.10 8.65 -31.62
N GLN A 143 28.87 7.34 -31.49
N GLN A 143 28.90 7.35 -31.47
CA GLN A 143 27.53 6.85 -31.22
CA GLN A 143 27.57 6.80 -31.20
C GLN A 143 27.04 7.35 -29.86
C GLN A 143 27.06 7.34 -29.86
N HIS A 144 27.98 7.72 -28.98
CA HIS A 144 27.61 8.24 -27.68
C HIS A 144 27.79 9.75 -27.55
N VAL A 145 28.98 10.25 -27.87
CA VAL A 145 29.25 11.68 -27.73
C VAL A 145 28.78 12.54 -28.89
N ALA A 146 28.37 11.89 -29.98
CA ALA A 146 27.88 12.59 -31.16
C ALA A 146 28.81 13.73 -31.57
N GLN A 147 28.22 14.86 -31.93
CA GLN A 147 29.00 16.02 -32.36
C GLN A 147 29.31 16.95 -31.21
N THR A 148 28.90 16.57 -30.00
CA THR A 148 29.16 17.37 -28.82
C THR A 148 30.61 17.11 -28.45
N GLY A 149 30.96 15.83 -28.36
CA GLY A 149 32.32 15.44 -28.01
C GLY A 149 32.73 15.80 -26.60
N VAL A 150 33.96 15.49 -26.25
CA VAL A 150 34.48 15.80 -24.93
C VAL A 150 35.85 16.45 -25.06
N THR A 151 36.29 17.08 -23.98
CA THR A 151 37.58 17.73 -23.92
C THR A 151 38.16 17.34 -22.56
N CYS A 152 39.41 17.68 -22.30
CA CYS A 152 40.01 17.35 -21.04
C CYS A 152 39.16 17.91 -19.89
N TYR A 153 38.54 19.06 -20.14
CA TYR A 153 37.72 19.70 -19.13
C TYR A 153 36.51 18.87 -18.70
N THR A 154 35.88 18.21 -19.68
CA THR A 154 34.70 17.39 -19.40
C THR A 154 34.85 16.57 -18.14
N CYS A 155 36.00 15.93 -17.98
CA CYS A 155 36.27 15.11 -16.79
C CYS A 155 37.04 15.85 -15.72
N HIS A 156 38.16 16.48 -16.11
CA HIS A 156 39.02 17.17 -15.16
C HIS A 156 38.47 18.39 -14.45
N ARG A 157 37.66 19.19 -15.13
CA ARG A 157 37.06 20.36 -14.51
C ARG A 157 38.09 21.26 -13.82
N GLY A 158 39.25 21.42 -14.46
CA GLY A 158 40.29 22.29 -13.92
C GLY A 158 41.22 21.75 -12.86
N THR A 159 41.25 20.43 -12.64
CA THR A 159 42.16 19.85 -11.66
C THR A 159 42.81 18.60 -12.25
N PRO A 160 44.10 18.37 -11.95
CA PRO A 160 44.79 17.19 -12.47
C PRO A 160 43.99 15.93 -12.15
N LEU A 161 43.49 15.84 -10.93
CA LEU A 161 42.69 14.70 -10.51
C LEU A 161 41.23 15.01 -10.75
N PRO A 162 40.56 14.24 -11.65
CA PRO A 162 39.15 14.50 -11.92
C PRO A 162 38.36 14.33 -10.63
N PRO A 163 37.37 15.20 -10.38
CA PRO A 163 36.59 15.08 -9.14
C PRO A 163 35.74 13.81 -8.97
N TYR A 164 35.34 13.18 -10.07
CA TYR A 164 34.53 11.97 -9.96
C TYR A 164 35.15 10.78 -10.65
N VAL A 165 35.81 9.93 -9.86
CA VAL A 165 36.47 8.73 -10.37
C VAL A 165 36.14 7.56 -9.44
N ARG A 166 36.40 6.33 -9.91
N ARG A 166 36.41 6.34 -9.91
CA ARG A 166 36.13 5.16 -9.08
CA ARG A 166 36.14 5.15 -9.12
C ARG A 166 37.35 4.25 -8.97
C ARG A 166 37.36 4.25 -8.97
N TYR A 167 37.45 3.59 -7.82
CA TYR A 167 38.53 2.67 -7.53
C TYR A 167 37.85 1.31 -7.60
N LEU A 168 38.56 0.23 -7.31
CA LEU A 168 37.92 -1.08 -7.38
C LEU A 168 36.98 -1.34 -6.22
N GLU A 169 36.86 -0.35 -5.34
CA GLU A 169 35.93 -0.46 -4.20
C GLU A 169 35.29 0.92 -4.02
N PRO A 170 34.03 0.95 -3.58
CA PRO A 170 33.35 2.23 -3.38
C PRO A 170 34.08 3.19 -2.45
N THR A 171 34.18 4.44 -2.87
CA THR A 171 34.85 5.46 -2.08
C THR A 171 33.92 6.64 -1.83
N LEU A 172 34.12 7.32 -0.72
CA LEU A 172 33.31 8.47 -0.36
C LEU A 172 34.23 9.58 0.15
N PRO A 173 33.91 10.85 -0.14
CA PRO A 173 32.76 11.36 -0.90
C PRO A 173 32.89 11.04 -2.39
N LEU A 174 31.78 11.15 -3.13
CA LEU A 174 31.83 10.89 -4.57
C LEU A 174 32.76 11.92 -5.21
N ASN A 175 32.68 13.15 -4.73
CA ASN A 175 33.51 14.22 -5.22
C ASN A 175 34.77 14.22 -4.35
N ASN A 176 35.89 13.82 -4.93
CA ASN A 176 37.14 13.75 -4.16
C ASN A 176 37.73 15.09 -3.73
N ARG A 177 37.11 16.20 -4.12
CA ARG A 177 37.59 17.52 -3.72
C ARG A 177 37.09 17.79 -2.31
N GLU A 178 36.21 16.92 -1.82
CA GLU A 178 35.66 17.05 -0.47
C GLU A 178 36.47 16.23 0.52
N THR A 179 36.57 16.74 1.74
CA THR A 179 37.32 16.07 2.80
C THR A 179 36.49 14.94 3.39
N PRO A 180 37.04 13.71 3.43
CA PRO A 180 36.37 12.53 3.97
C PRO A 180 36.21 12.57 5.47
N THR A 181 35.18 11.90 6.00
CA THR A 181 35.01 11.84 7.44
C THR A 181 35.79 10.57 7.81
N HIS A 182 35.91 10.29 9.10
CA HIS A 182 36.64 9.10 9.49
C HIS A 182 35.95 7.88 8.92
N VAL A 183 34.62 7.84 9.09
CA VAL A 183 33.82 6.72 8.62
C VAL A 183 33.85 6.55 7.10
N GLU A 184 33.90 7.66 6.37
CA GLU A 184 33.93 7.58 4.90
C GLU A 184 35.24 7.03 4.38
N ARG A 185 36.28 7.05 5.22
CA ARG A 185 37.59 6.53 4.85
C ARG A 185 37.44 5.06 4.43
N VAL A 186 38.03 4.71 3.30
CA VAL A 186 37.94 3.35 2.81
C VAL A 186 38.54 2.36 3.82
N GLU A 187 39.45 2.85 4.66
CA GLU A 187 40.08 2.00 5.67
C GLU A 187 39.10 1.61 6.78
N THR A 188 38.12 2.48 7.04
CA THR A 188 37.12 2.22 8.07
C THR A 188 36.10 1.21 7.55
N ARG A 189 36.23 -0.02 8.03
CA ARG A 189 35.36 -1.11 7.63
C ARG A 189 33.88 -0.91 7.96
N SER A 190 33.60 -0.22 9.06
CA SER A 190 32.23 0.01 9.49
C SER A 190 31.45 0.98 8.60
N GLY A 191 32.13 1.61 7.65
CA GLY A 191 31.45 2.56 6.78
C GLY A 191 31.18 1.99 5.39
N TYR A 192 31.49 0.71 5.22
CA TYR A 192 31.30 0.06 3.92
C TYR A 192 29.89 0.19 3.33
N VAL A 193 28.88 -0.19 4.11
CA VAL A 193 27.50 -0.13 3.64
C VAL A 193 27.10 1.25 3.14
N VAL A 194 27.45 2.28 3.91
CA VAL A 194 27.12 3.64 3.53
C VAL A 194 27.88 4.03 2.26
N ARG A 195 29.10 3.55 2.10
CA ARG A 195 29.86 3.89 0.91
C ARG A 195 29.19 3.28 -0.31
N LEU A 196 28.63 2.08 -0.13
CA LEU A 196 27.96 1.39 -1.22
C LEU A 196 26.62 2.08 -1.48
N ALA A 197 25.90 2.38 -0.41
CA ALA A 197 24.61 3.03 -0.52
C ALA A 197 24.70 4.36 -1.26
N LYS A 198 25.70 5.16 -0.94
CA LYS A 198 25.85 6.46 -1.60
C LYS A 198 26.13 6.31 -3.08
N TYR A 199 26.62 5.14 -3.49
CA TYR A 199 26.91 4.95 -4.90
C TYR A 199 25.70 4.42 -5.67
N THR A 200 24.68 3.98 -4.93
CA THR A 200 23.47 3.44 -5.55
C THR A 200 22.23 4.23 -5.16
N ALA A 201 22.33 5.55 -5.23
CA ALA A 201 21.22 6.44 -4.92
C ALA A 201 20.61 6.19 -3.55
N TYR A 202 21.46 5.79 -2.61
CA TYR A 202 21.05 5.52 -1.23
C TYR A 202 20.33 4.20 -0.99
N SER A 203 20.24 3.36 -2.00
CA SER A 203 19.55 2.09 -1.80
C SER A 203 20.40 1.20 -0.90
N ALA A 204 19.87 0.04 -0.53
CA ALA A 204 20.60 -0.88 0.31
C ALA A 204 21.12 -2.05 -0.52
N LEU A 205 21.05 -1.91 -1.84
CA LEU A 205 21.51 -2.95 -2.75
C LEU A 205 22.96 -3.30 -2.43
N ASN A 206 23.15 -4.55 -2.02
CA ASN A 206 24.46 -5.03 -1.61
C ASN A 206 25.41 -5.37 -2.75
N TYR A 207 25.43 -4.54 -3.78
CA TYR A 207 26.30 -4.77 -4.92
C TYR A 207 26.96 -3.48 -5.38
N ASP A 208 28.16 -3.61 -5.92
CA ASP A 208 28.88 -2.46 -6.44
C ASP A 208 28.87 -2.56 -7.96
N PRO A 209 27.96 -1.83 -8.61
CA PRO A 209 27.83 -1.83 -10.07
C PRO A 209 29.05 -1.41 -10.88
N PHE A 210 29.98 -0.67 -10.27
CA PHE A 210 31.15 -0.27 -11.04
C PHE A 210 32.07 -1.43 -11.37
N THR A 211 32.61 -2.06 -10.32
CA THR A 211 33.50 -3.19 -10.52
C THR A 211 32.80 -4.32 -11.26
N MET A 212 31.50 -4.45 -11.06
CA MET A 212 30.74 -5.51 -11.73
C MET A 212 30.44 -5.30 -13.21
N PHE A 213 30.07 -4.08 -13.61
CA PHE A 213 29.69 -3.85 -14.99
C PHE A 213 30.48 -2.86 -15.83
N LEU A 214 31.10 -1.89 -15.17
CA LEU A 214 31.81 -0.85 -15.90
C LEU A 214 33.33 -0.97 -16.04
N ALA A 215 33.97 -1.67 -15.13
CA ALA A 215 35.42 -1.83 -15.17
C ALA A 215 35.86 -2.70 -16.34
N ASN A 216 34.98 -3.60 -16.77
CA ASN A 216 35.28 -4.48 -17.89
C ASN A 216 34.00 -5.04 -18.53
N ASP A 217 34.16 -5.89 -19.53
CA ASP A 217 33.01 -6.45 -20.23
C ASP A 217 32.70 -7.90 -19.85
N LYS A 218 33.05 -8.30 -18.64
CA LYS A 218 32.80 -9.68 -18.21
C LYS A 218 31.33 -10.03 -17.98
N ARG A 219 30.57 -9.13 -17.37
CA ARG A 219 29.17 -9.41 -17.08
C ARG A 219 28.13 -8.87 -18.06
N GLN A 220 26.99 -9.53 -18.08
CA GLN A 220 25.86 -9.18 -18.93
C GLN A 220 24.86 -8.41 -18.06
N VAL A 221 24.45 -7.23 -18.51
CA VAL A 221 23.50 -6.42 -17.74
C VAL A 221 22.09 -6.98 -17.76
N ARG A 222 21.65 -7.44 -18.92
CA ARG A 222 20.30 -7.98 -19.04
C ARG A 222 20.10 -9.24 -18.22
N VAL A 223 18.94 -9.32 -17.56
CA VAL A 223 18.63 -10.46 -16.71
C VAL A 223 17.20 -10.92 -16.90
N VAL A 224 16.42 -10.20 -17.71
CA VAL A 224 15.03 -10.56 -17.93
C VAL A 224 14.82 -11.53 -19.07
N PRO A 225 14.08 -12.62 -18.83
CA PRO A 225 13.81 -13.62 -19.87
C PRO A 225 13.14 -12.99 -21.09
N GLN A 226 13.39 -13.53 -22.27
CA GLN A 226 12.78 -13.01 -23.47
C GLN A 226 11.66 -13.91 -24.00
N THR A 227 11.18 -14.82 -23.15
CA THR A 227 10.09 -15.71 -23.53
C THR A 227 9.09 -15.73 -22.38
N ALA A 228 7.83 -16.00 -22.69
CA ALA A 228 6.79 -16.05 -21.66
C ALA A 228 7.03 -17.19 -20.68
N LEU A 229 7.32 -18.37 -21.21
CA LEU A 229 7.55 -19.54 -20.38
C LEU A 229 9.03 -19.84 -20.19
N PRO A 230 9.39 -20.55 -19.12
CA PRO A 230 10.79 -20.88 -18.83
C PRO A 230 11.31 -21.96 -19.79
N LEU A 231 12.35 -21.63 -20.54
CA LEU A 231 12.96 -22.55 -21.49
C LEU A 231 13.61 -23.72 -20.74
N VAL A 232 13.33 -24.94 -21.19
CA VAL A 232 13.91 -26.11 -20.56
C VAL A 232 15.38 -26.19 -20.94
N GLY A 233 16.24 -26.23 -19.93
CA GLY A 233 17.66 -26.29 -20.20
C GLY A 233 18.44 -25.15 -19.58
N VAL A 234 17.73 -24.13 -19.11
CA VAL A 234 18.39 -22.98 -18.48
C VAL A 234 17.58 -22.46 -17.29
N SER A 235 16.48 -23.14 -16.97
CA SER A 235 15.60 -22.70 -15.90
C SER A 235 15.60 -23.45 -14.59
N ARG A 236 16.57 -24.34 -14.37
CA ARG A 236 16.58 -25.08 -13.11
C ARG A 236 17.98 -25.21 -12.50
N GLY A 237 18.02 -25.16 -11.18
CA GLY A 237 19.27 -25.29 -10.46
C GLY A 237 20.43 -24.45 -10.98
N LYS A 238 21.60 -25.07 -11.04
CA LYS A 238 22.82 -24.40 -11.47
C LYS A 238 22.78 -23.88 -12.91
N GLU A 239 21.72 -24.18 -13.64
CA GLU A 239 21.65 -23.69 -15.01
C GLU A 239 21.18 -22.25 -14.98
N ARG A 240 20.63 -21.84 -13.84
CA ARG A 240 20.08 -20.50 -13.68
C ARG A 240 21.06 -19.48 -13.16
N ARG A 241 20.88 -18.24 -13.61
CA ARG A 241 21.71 -17.16 -13.08
C ARG A 241 21.09 -16.92 -11.71
N PRO A 242 21.90 -16.60 -10.70
CA PRO A 242 21.33 -16.37 -9.37
C PRO A 242 20.50 -15.08 -9.35
N LEU A 243 19.54 -14.99 -8.45
CA LEU A 243 18.70 -13.80 -8.36
C LEU A 243 19.55 -12.56 -8.08
N SER A 244 20.74 -12.78 -7.51
CA SER A 244 21.65 -11.68 -7.21
C SER A 244 21.92 -10.81 -8.44
N ASP A 245 21.93 -11.44 -9.62
CA ASP A 245 22.17 -10.72 -10.87
C ASP A 245 21.15 -9.61 -11.08
N ALA A 246 19.90 -9.88 -10.72
CA ALA A 246 18.85 -8.90 -10.87
C ALA A 246 19.06 -7.72 -9.93
N TYR A 247 19.47 -8.00 -8.70
CA TYR A 247 19.74 -6.94 -7.73
C TYR A 247 20.85 -6.06 -8.30
N ALA A 248 21.92 -6.71 -8.76
CA ALA A 248 23.06 -6.00 -9.33
C ALA A 248 22.68 -5.07 -10.47
N THR A 249 21.91 -5.58 -11.42
CA THR A 249 21.46 -4.77 -12.55
C THR A 249 20.66 -3.55 -12.06
N PHE A 250 19.83 -3.77 -11.05
CA PHE A 250 19.01 -2.72 -10.46
C PHE A 250 19.96 -1.68 -9.85
N ALA A 251 20.99 -2.14 -9.15
CA ALA A 251 21.97 -1.25 -8.52
C ALA A 251 22.65 -0.41 -9.60
N LEU A 252 23.07 -1.07 -10.68
CA LEU A 252 23.70 -0.37 -11.78
C LEU A 252 22.80 0.76 -12.26
N MET A 253 21.53 0.42 -12.45
CA MET A 253 20.54 1.38 -12.93
C MET A 253 20.28 2.52 -11.95
N MET A 254 20.37 2.23 -10.65
CA MET A 254 20.18 3.27 -9.64
C MET A 254 21.37 4.22 -9.81
N SER A 255 22.55 3.63 -9.92
CA SER A 255 23.79 4.36 -10.08
C SER A 255 23.75 5.26 -11.33
N ILE A 256 23.28 4.70 -12.44
CA ILE A 256 23.17 5.43 -13.70
C ILE A 256 22.21 6.61 -13.57
N SER A 257 21.06 6.34 -12.95
CA SER A 257 20.04 7.36 -12.74
C SER A 257 20.59 8.56 -11.98
N ASP A 258 21.21 8.29 -10.83
CA ASP A 258 21.77 9.34 -10.00
C ASP A 258 22.91 10.06 -10.74
N SER A 259 23.72 9.30 -11.48
CA SER A 259 24.84 9.88 -12.22
C SER A 259 24.42 10.89 -13.27
N LEU A 260 23.22 10.74 -13.82
CA LEU A 260 22.77 11.68 -14.83
C LEU A 260 21.73 12.63 -14.24
N GLY A 261 21.39 12.43 -12.97
CA GLY A 261 20.38 13.25 -12.34
C GLY A 261 19.03 13.04 -13.04
N THR A 262 18.68 11.78 -13.29
CA THR A 262 17.41 11.49 -13.94
C THR A 262 16.77 10.24 -13.32
N ASN A 263 15.65 9.79 -13.85
CA ASN A 263 15.00 8.62 -13.31
C ASN A 263 14.84 7.57 -14.41
N CYS A 264 14.38 6.38 -14.03
CA CYS A 264 14.21 5.28 -14.98
C CYS A 264 13.42 5.60 -16.24
N THR A 265 12.33 6.37 -16.11
CA THR A 265 11.49 6.68 -17.26
C THR A 265 12.16 7.54 -18.31
N PHE A 266 13.37 8.00 -18.02
CA PHE A 266 14.10 8.81 -18.97
C PHE A 266 14.52 7.88 -20.09
N CYS A 267 14.61 6.59 -19.79
CA CYS A 267 15.03 5.61 -20.79
C CYS A 267 14.09 4.44 -21.02
N HIS A 268 13.36 4.03 -19.98
CA HIS A 268 12.47 2.89 -20.07
C HIS A 268 11.01 3.25 -19.86
N ASN A 269 10.13 2.39 -20.36
CA ASN A 269 8.71 2.48 -20.08
C ASN A 269 8.72 1.29 -19.11
N ALA A 270 8.52 1.53 -17.82
CA ALA A 270 8.57 0.45 -16.82
C ALA A 270 7.63 -0.72 -17.10
N GLN A 271 6.67 -0.53 -18.00
CA GLN A 271 5.76 -1.63 -18.34
C GLN A 271 6.58 -2.87 -18.64
N THR A 272 7.69 -2.69 -19.35
CA THR A 272 8.58 -3.78 -19.71
C THR A 272 10.00 -3.22 -19.88
N PHE A 273 10.79 -3.30 -18.81
CA PHE A 273 12.15 -2.78 -18.83
C PHE A 273 13.00 -3.41 -19.92
N GLU A 274 12.73 -4.68 -20.20
CA GLU A 274 13.52 -5.42 -21.17
C GLU A 274 13.21 -5.20 -22.64
N SER A 275 12.15 -4.44 -22.95
CA SER A 275 11.78 -4.23 -24.35
C SER A 275 12.30 -2.94 -24.97
N TRP A 276 12.57 -2.99 -26.26
CA TRP A 276 13.04 -1.80 -26.96
C TRP A 276 11.91 -1.33 -27.85
N GLY A 277 12.20 -0.81 -29.03
CA GLY A 277 11.14 -0.34 -29.87
C GLY A 277 10.42 0.82 -29.21
N LYS A 278 9.10 0.72 -29.08
CA LYS A 278 8.30 1.79 -28.46
C LYS A 278 8.42 1.80 -26.95
N LYS A 279 8.96 0.73 -26.39
CA LYS A 279 9.10 0.61 -24.95
C LYS A 279 10.34 1.32 -24.39
N SER A 280 11.18 1.85 -25.28
CA SER A 280 12.38 2.54 -24.84
C SER A 280 12.54 3.85 -25.60
N THR A 281 13.31 4.77 -25.01
CA THR A 281 13.56 6.07 -25.63
C THR A 281 14.91 6.08 -26.32
N PRO A 282 15.13 7.04 -27.23
CA PRO A 282 16.42 7.12 -27.93
C PRO A 282 17.55 7.18 -26.90
N GLN A 283 17.30 7.87 -25.79
CA GLN A 283 18.31 8.01 -24.74
C GLN A 283 18.78 6.67 -24.19
N ARG A 284 17.94 5.63 -24.28
CA ARG A 284 18.36 4.35 -23.76
C ARG A 284 19.42 3.71 -24.67
N ALA A 285 19.26 3.88 -25.97
CA ALA A 285 20.23 3.33 -26.91
C ALA A 285 21.53 4.11 -26.74
N ILE A 286 21.43 5.41 -26.49
CA ILE A 286 22.64 6.19 -26.31
C ILE A 286 23.37 5.71 -25.06
N ALA A 287 22.61 5.44 -24.00
CA ALA A 287 23.18 4.96 -22.74
C ALA A 287 23.83 3.60 -22.98
N TRP A 288 23.25 2.80 -23.87
CA TRP A 288 23.79 1.49 -24.18
C TRP A 288 25.21 1.67 -24.71
N TRP A 289 25.38 2.61 -25.63
CA TRP A 289 26.70 2.88 -26.19
C TRP A 289 27.65 3.43 -25.13
N GLY A 290 27.09 4.18 -24.18
CA GLY A 290 27.89 4.75 -23.12
C GLY A 290 28.55 3.66 -22.31
N ILE A 291 27.82 2.57 -22.08
CA ILE A 291 28.36 1.46 -21.32
C ILE A 291 29.56 0.83 -22.06
N ARG A 292 29.42 0.66 -23.37
CA ARG A 292 30.52 0.10 -24.15
C ARG A 292 31.72 1.05 -24.16
N MET A 293 31.44 2.34 -24.28
CA MET A 293 32.49 3.34 -24.30
C MET A 293 33.25 3.38 -22.96
N VAL A 294 32.50 3.35 -21.87
CA VAL A 294 33.12 3.39 -20.55
C VAL A 294 34.00 2.17 -20.31
N ARG A 295 33.58 1.02 -20.83
CA ARG A 295 34.35 -0.20 -20.67
C ARG A 295 35.65 -0.10 -21.46
N ASP A 296 35.55 0.51 -22.63
CA ASP A 296 36.71 0.68 -23.49
C ASP A 296 37.73 1.65 -22.87
N LEU A 297 37.24 2.72 -22.27
CA LEU A 297 38.12 3.70 -21.65
C LEU A 297 38.86 3.08 -20.46
N ASN A 298 38.13 2.33 -19.65
CA ASN A 298 38.73 1.71 -18.47
C ASN A 298 39.71 0.59 -18.80
N MET A 299 39.28 -0.32 -19.67
CA MET A 299 40.15 -1.44 -20.03
C MET A 299 41.37 -1.06 -20.86
N ASN A 300 41.18 -0.18 -21.83
CA ASN A 300 42.28 0.19 -22.72
C ASN A 300 42.99 1.52 -22.54
N TYR A 301 42.62 2.31 -21.54
CA TYR A 301 43.28 3.60 -21.34
C TYR A 301 43.58 3.95 -19.89
N LEU A 302 42.57 3.87 -19.04
CA LEU A 302 42.73 4.24 -17.65
C LEU A 302 43.36 3.18 -16.73
N ALA A 303 42.86 1.95 -16.81
CA ALA A 303 43.39 0.87 -15.97
C ALA A 303 44.89 0.71 -16.12
N PRO A 304 45.39 0.69 -17.38
CA PRO A 304 46.84 0.53 -17.62
C PRO A 304 47.67 1.68 -17.02
N LEU A 305 47.07 2.84 -16.85
CA LEU A 305 47.80 3.98 -16.30
C LEU A 305 48.35 3.73 -14.90
N ASN A 306 48.02 2.60 -14.30
CA ASN A 306 48.54 2.31 -12.97
C ASN A 306 50.05 2.11 -13.03
N ALA A 307 50.54 1.75 -14.21
CA ALA A 307 51.96 1.53 -14.40
C ALA A 307 52.73 2.84 -14.54
N SER A 308 52.02 3.94 -14.75
CA SER A 308 52.67 5.23 -14.92
C SER A 308 52.30 6.25 -13.87
N LEU A 309 51.55 5.86 -12.86
CA LEU A 309 51.15 6.81 -11.82
C LEU A 309 51.83 6.54 -10.49
N PRO A 310 52.05 7.60 -9.71
CA PRO A 310 52.67 7.40 -8.40
C PRO A 310 51.75 6.58 -7.52
N ALA A 311 52.34 5.84 -6.57
CA ALA A 311 51.55 5.01 -5.67
C ALA A 311 50.46 5.81 -4.99
N SER A 312 50.74 7.08 -4.71
CA SER A 312 49.75 7.94 -4.05
C SER A 312 48.45 8.06 -4.83
N ARG A 313 48.51 7.80 -6.14
CA ARG A 313 47.32 7.89 -6.98
C ARG A 313 46.53 6.59 -7.03
N LEU A 314 47.21 5.48 -6.78
CA LEU A 314 46.59 4.16 -6.84
C LEU A 314 45.66 3.81 -5.68
N GLY A 315 44.79 2.83 -5.91
CA GLY A 315 43.86 2.38 -4.88
C GLY A 315 44.50 1.28 -4.06
N ARG A 316 43.80 0.81 -3.03
CA ARG A 316 44.34 -0.24 -2.17
C ARG A 316 44.72 -1.53 -2.91
N GLN A 317 44.35 -1.63 -4.17
CA GLN A 317 44.69 -2.81 -4.95
C GLN A 317 45.60 -2.42 -6.12
N GLY A 318 46.26 -1.28 -5.98
CA GLY A 318 47.17 -0.81 -7.01
C GLY A 318 46.50 -0.45 -8.32
N GLU A 319 45.19 -0.24 -8.28
CA GLU A 319 44.46 0.12 -9.49
C GLU A 319 44.53 1.62 -9.71
N ALA A 320 44.50 2.03 -10.97
CA ALA A 320 44.53 3.44 -11.30
C ALA A 320 43.08 3.91 -11.21
N PRO A 321 42.86 5.18 -10.86
CA PRO A 321 41.48 5.69 -10.76
C PRO A 321 40.80 5.50 -12.11
N GLN A 322 39.54 5.07 -12.11
CA GLN A 322 38.86 4.88 -13.39
C GLN A 322 37.57 5.69 -13.55
N ALA A 323 36.97 5.61 -14.74
CA ALA A 323 35.77 6.38 -15.04
C ALA A 323 34.45 5.61 -15.06
N ASP A 324 33.38 6.33 -14.72
CA ASP A 324 32.02 5.78 -14.76
C ASP A 324 31.19 6.86 -15.44
N CYS A 325 29.86 6.73 -15.40
CA CYS A 325 29.01 7.71 -16.06
C CYS A 325 29.13 9.09 -15.42
N ARG A 326 29.26 9.11 -14.10
CA ARG A 326 29.34 10.38 -13.41
C ARG A 326 30.59 11.17 -13.79
N THR A 327 31.71 10.48 -13.99
CA THR A 327 32.96 11.13 -14.33
C THR A 327 32.77 12.28 -15.33
N CYS A 328 31.97 12.06 -16.36
CA CYS A 328 31.70 13.11 -17.36
C CYS A 328 30.40 13.88 -17.09
N HIS A 329 29.33 13.13 -16.87
CA HIS A 329 28.00 13.68 -16.66
C HIS A 329 27.82 14.50 -15.39
N GLN A 330 28.40 14.03 -14.30
CA GLN A 330 28.33 14.76 -13.05
C GLN A 330 26.91 15.23 -12.67
N GLY A 331 25.95 14.32 -12.78
CA GLY A 331 24.57 14.62 -12.41
C GLY A 331 23.72 15.35 -13.42
N VAL A 332 24.12 15.33 -14.69
CA VAL A 332 23.37 16.01 -15.73
C VAL A 332 23.21 15.04 -16.90
N THR A 333 22.01 14.96 -17.48
CA THR A 333 21.76 14.05 -18.59
C THR A 333 22.78 14.23 -19.71
N LYS A 334 23.21 15.47 -19.92
CA LYS A 334 24.24 15.77 -20.91
C LYS A 334 25.34 16.49 -20.15
N PRO A 335 26.59 16.02 -20.29
CA PRO A 335 27.69 16.67 -19.57
C PRO A 335 27.71 18.15 -19.90
N LEU A 336 27.88 18.98 -18.87
CA LEU A 336 27.95 20.43 -19.07
C LEU A 336 26.77 20.94 -19.90
N PHE A 337 25.60 20.34 -19.69
CA PHE A 337 24.39 20.72 -20.40
C PHE A 337 24.53 20.79 -21.91
N GLY A 338 25.39 19.95 -22.48
CA GLY A 338 25.55 19.91 -23.93
C GLY A 338 26.60 20.84 -24.51
N ALA A 339 27.28 21.62 -23.68
CA ALA A 339 28.31 22.52 -24.16
C ALA A 339 29.32 21.76 -25.01
N SER A 340 29.80 22.39 -26.08
CA SER A 340 30.77 21.74 -26.95
C SER A 340 31.92 22.66 -27.34
N ARG A 341 33.06 22.06 -27.69
CA ARG A 341 34.24 22.80 -28.13
C ARG A 341 34.86 22.01 -29.27
N LEU A 342 34.08 21.08 -29.81
CA LEU A 342 34.53 20.22 -30.88
C LEU A 342 35.09 20.97 -32.09
N LYS A 343 34.36 21.98 -32.56
CA LYS A 343 34.80 22.76 -33.71
C LYS A 343 35.94 23.71 -33.37
N ASP A 344 36.10 24.01 -32.08
CA ASP A 344 37.15 24.92 -31.64
C ASP A 344 38.50 24.22 -31.50
N TYR A 345 38.47 22.91 -31.26
CA TYR A 345 39.69 22.15 -31.10
C TYR A 345 39.64 20.85 -31.88
N PRO A 346 39.62 20.93 -33.22
CA PRO A 346 39.57 19.73 -34.05
C PRO A 346 40.71 18.75 -33.79
N GLU A 347 41.79 19.21 -33.17
CA GLU A 347 42.92 18.32 -32.87
C GLU A 347 42.46 17.22 -31.91
N LEU A 348 41.37 17.46 -31.19
CA LEU A 348 40.86 16.49 -30.23
C LEU A 348 39.89 15.49 -30.85
N GLY A 349 39.67 15.62 -32.15
CA GLY A 349 38.77 14.71 -32.82
C GLY A 349 37.53 15.39 -33.33
N PRO A 350 36.81 14.78 -34.27
CA PRO A 350 37.12 13.47 -34.86
C PRO A 350 38.32 13.51 -35.82
N ILE A 351 39.12 12.46 -35.79
CA ILE A 351 40.29 12.36 -36.64
C ILE A 351 39.98 11.58 -37.93
N LYS A 352 40.16 12.23 -39.07
CA LYS A 352 39.90 11.59 -40.36
C LYS A 352 41.12 10.83 -40.88
N FME B 1 12.19 -26.48 -25.71
CN FME B 1 12.03 -25.46 -26.62
O1 FME B 1 11.16 -25.76 -27.42
CA FME B 1 10.98 -26.84 -24.99
CB FME B 1 11.06 -28.30 -24.59
CG FME B 1 11.03 -29.24 -25.79
SD FME B 1 11.88 -30.81 -25.41
CE FME B 1 11.08 -31.30 -23.89
C FME B 1 10.77 -25.96 -23.75
O FME B 1 11.72 -25.46 -23.15
N TYR B 2 9.51 -25.77 -23.38
CA TYR B 2 9.17 -24.91 -22.24
C TYR B 2 8.43 -25.55 -21.08
N HIS B 3 8.83 -25.18 -19.86
CA HIS B 3 8.17 -25.67 -18.66
C HIS B 3 6.77 -25.04 -18.70
N GLY B 4 5.76 -25.80 -18.34
CA GLY B 4 4.40 -25.28 -18.32
C GLY B 4 3.63 -25.37 -19.64
N ALA B 5 4.33 -25.63 -20.74
CA ALA B 5 3.66 -25.75 -22.04
C ALA B 5 2.86 -27.04 -22.10
N LEU B 6 1.68 -26.98 -22.71
CA LEU B 6 0.82 -28.15 -22.82
C LEU B 6 0.30 -28.39 -24.24
N ALA B 7 0.45 -27.38 -25.09
CA ALA B 7 0.00 -27.49 -26.47
C ALA B 7 0.43 -26.25 -27.26
N GLN B 8 0.03 -26.20 -28.53
CA GLN B 8 0.37 -25.09 -29.40
C GLN B 8 0.23 -23.75 -28.68
N HIS B 9 -0.92 -23.57 -28.01
CA HIS B 9 -1.17 -22.32 -27.29
C HIS B 9 -1.94 -22.60 -26.00
N LEU B 10 -1.38 -23.47 -25.16
CA LEU B 10 -2.01 -23.82 -23.90
C LEU B 10 -0.93 -24.05 -22.84
N ASP B 11 -1.02 -23.34 -21.73
CA ASP B 11 -0.04 -23.52 -20.66
C ASP B 11 -0.69 -23.60 -19.28
N ILE B 12 0.05 -24.12 -18.30
CA ILE B 12 -0.44 -24.29 -16.93
C ILE B 12 -1.08 -23.03 -16.32
N ALA B 13 -0.34 -21.92 -16.29
CA ALA B 13 -0.84 -20.68 -15.71
C ALA B 13 -2.21 -20.33 -16.27
N GLN B 14 -2.34 -20.46 -17.58
CA GLN B 14 -3.59 -20.17 -18.26
C GLN B 14 -4.74 -21.02 -17.73
N LEU B 15 -4.46 -22.29 -17.46
CA LEU B 15 -5.51 -23.15 -16.93
C LEU B 15 -5.87 -22.74 -15.51
N VAL B 16 -4.86 -22.48 -14.68
CA VAL B 16 -5.08 -22.08 -13.30
C VAL B 16 -5.88 -20.78 -13.23
N TRP B 17 -5.73 -19.92 -14.23
CA TRP B 17 -6.46 -18.67 -14.23
C TRP B 17 -7.96 -18.98 -14.25
N TYR B 18 -8.37 -19.90 -15.11
CA TYR B 18 -9.78 -20.29 -15.21
C TYR B 18 -10.26 -20.94 -13.94
N ALA B 19 -9.45 -21.82 -13.38
CA ALA B 19 -9.81 -22.51 -12.15
C ALA B 19 -10.06 -21.51 -11.02
N GLN B 20 -9.17 -20.53 -10.89
CA GLN B 20 -9.28 -19.50 -9.86
C GLN B 20 -10.61 -18.75 -9.95
N TRP B 21 -10.99 -18.32 -11.16
CA TRP B 21 -12.25 -17.62 -11.30
C TRP B 21 -13.41 -18.53 -10.96
N LEU B 22 -13.28 -19.80 -11.31
CA LEU B 22 -14.33 -20.77 -11.03
C LEU B 22 -14.48 -20.95 -9.52
N VAL B 23 -13.36 -21.02 -8.81
CA VAL B 23 -13.39 -21.19 -7.37
C VAL B 23 -14.03 -19.99 -6.68
N ILE B 24 -13.66 -18.80 -7.15
CA ILE B 24 -14.19 -17.57 -6.59
C ILE B 24 -15.69 -17.43 -6.77
N TRP B 25 -16.16 -17.62 -8.00
CA TRP B 25 -17.59 -17.49 -8.27
C TRP B 25 -18.42 -18.55 -7.56
N THR B 26 -17.88 -19.76 -7.46
CA THR B 26 -18.58 -20.83 -6.79
C THR B 26 -18.74 -20.48 -5.31
N VAL B 27 -17.66 -20.04 -4.67
CA VAL B 27 -17.72 -19.71 -3.27
C VAL B 27 -18.63 -18.52 -3.04
N VAL B 28 -18.53 -17.50 -3.90
CA VAL B 28 -19.36 -16.31 -3.72
C VAL B 28 -20.85 -16.57 -3.95
N LEU B 29 -21.19 -17.18 -5.08
CA LEU B 29 -22.60 -17.43 -5.42
C LEU B 29 -23.26 -18.60 -4.70
N LEU B 30 -22.62 -19.77 -4.73
CA LEU B 30 -23.21 -20.94 -4.12
C LEU B 30 -23.11 -21.03 -2.60
N TYR B 31 -22.11 -20.36 -2.02
CA TYR B 31 -21.94 -20.40 -0.58
C TYR B 31 -22.27 -19.10 0.15
N LEU B 32 -21.41 -18.10 0.01
CA LEU B 32 -21.60 -16.82 0.70
C LEU B 32 -22.96 -16.15 0.48
N ARG B 33 -23.40 -16.07 -0.78
CA ARG B 33 -24.69 -15.43 -1.05
C ARG B 33 -25.87 -16.18 -0.43
N ARG B 34 -25.69 -17.46 -0.13
CA ARG B 34 -26.79 -18.19 0.50
C ARG B 34 -26.74 -17.96 2.00
N GLU B 35 -25.53 -17.86 2.53
CA GLU B 35 -25.36 -17.57 3.95
C GLU B 35 -25.96 -16.18 4.19
N ASP B 36 -25.92 -15.33 3.18
CA ASP B 36 -26.49 -13.99 3.32
C ASP B 36 -27.99 -14.03 3.51
N ARG B 37 -28.61 -15.17 3.21
CA ARG B 37 -30.07 -15.28 3.31
C ARG B 37 -30.62 -16.06 4.50
N ARG B 38 -29.85 -16.13 5.58
CA ARG B 38 -30.33 -16.84 6.76
C ARG B 38 -31.22 -15.96 7.61
N GLU B 39 -31.45 -14.73 7.16
CA GLU B 39 -32.32 -13.81 7.89
C GLU B 39 -33.16 -13.06 6.89
N GLY B 40 -34.45 -12.90 7.19
CA GLY B 40 -35.31 -12.13 6.31
C GLY B 40 -35.95 -12.81 5.11
N TYR B 41 -35.53 -14.03 4.79
CA TYR B 41 -36.09 -14.75 3.65
C TYR B 41 -37.04 -15.85 4.11
N PRO B 42 -38.02 -16.22 3.26
CA PRO B 42 -38.27 -15.67 1.92
C PRO B 42 -38.76 -14.23 1.95
N LEU B 43 -38.53 -13.51 0.86
CA LEU B 43 -38.98 -12.13 0.74
C LEU B 43 -40.50 -12.14 0.79
N VAL B 44 -41.12 -10.99 1.05
CA VAL B 44 -42.57 -10.93 1.11
C VAL B 44 -43.20 -9.97 0.09
N GLU B 45 -44.49 -10.13 -0.14
CA GLU B 45 -45.23 -9.30 -1.09
C GLU B 45 -46.74 -9.40 -0.85
N PRO B 46 -47.43 -8.24 -0.81
CA PRO B 46 -48.87 -8.21 -0.59
C PRO B 46 -49.65 -9.10 -1.56
N LEU B 47 -50.27 -10.14 -1.01
CA LEU B 47 -51.04 -11.08 -1.83
C LEU B 47 -52.26 -10.40 -2.44
N GLY B 48 -52.60 -10.80 -3.66
CA GLY B 48 -53.75 -10.21 -4.34
C GLY B 48 -55.03 -10.99 -4.10
N LEU B 49 -55.20 -12.08 -4.85
CA LEU B 49 -56.38 -12.91 -4.72
C LEU B 49 -56.00 -14.36 -4.44
N VAL B 50 -55.42 -15.01 -5.43
CA VAL B 50 -54.99 -16.41 -5.29
C VAL B 50 -53.52 -16.56 -5.69
N LYS B 51 -52.65 -16.66 -4.68
CA LYS B 51 -51.22 -16.81 -4.93
C LYS B 51 -50.53 -17.41 -3.71
N LEU B 52 -50.37 -18.73 -3.72
CA LEU B 52 -49.72 -19.43 -2.62
C LEU B 52 -48.84 -20.56 -3.15
N ALA B 53 -48.21 -20.33 -4.29
CA ALA B 53 -47.34 -21.33 -4.89
C ALA B 53 -45.86 -20.96 -4.72
N PRO B 54 -45.16 -21.63 -3.79
CA PRO B 54 -43.75 -21.39 -3.51
C PRO B 54 -42.88 -21.56 -4.76
N GLU B 55 -42.36 -20.45 -5.27
CA GLU B 55 -41.50 -20.47 -6.45
C GLU B 55 -40.31 -21.37 -6.17
N ASP B 56 -39.80 -22.06 -7.20
CA ASP B 56 -38.64 -22.94 -7.03
C ASP B 56 -37.46 -22.11 -6.52
N GLY B 57 -37.36 -20.87 -7.02
CA GLY B 57 -36.26 -19.98 -6.64
C GLY B 57 -36.13 -19.71 -5.16
N GLN B 58 -37.25 -19.73 -4.45
CA GLN B 58 -37.24 -19.47 -3.02
C GLN B 58 -36.60 -20.63 -2.29
N VAL B 59 -36.59 -21.80 -2.90
CA VAL B 59 -35.97 -22.96 -2.29
C VAL B 59 -34.49 -22.95 -2.64
N TYR B 60 -34.19 -22.67 -3.92
CA TYR B 60 -32.82 -22.66 -4.41
C TYR B 60 -31.87 -21.65 -3.78
N GLU B 61 -32.36 -20.46 -3.47
CA GLU B 61 -31.51 -19.42 -2.90
C GLU B 61 -31.20 -19.61 -1.42
N LEU B 62 -31.94 -20.48 -0.75
CA LEU B 62 -31.72 -20.70 0.67
C LEU B 62 -30.73 -21.82 0.94
N PRO B 63 -29.97 -21.71 2.03
CA PRO B 63 -29.01 -22.75 2.38
C PRO B 63 -29.74 -23.72 3.29
N TYR B 64 -29.13 -24.86 3.62
CA TYR B 64 -29.78 -25.80 4.52
C TYR B 64 -29.79 -25.17 5.89
N PRO B 65 -30.85 -25.39 6.67
CA PRO B 65 -30.91 -24.80 8.00
C PRO B 65 -29.74 -25.21 8.91
N LYS B 66 -29.34 -24.29 9.78
CA LYS B 66 -28.28 -24.56 10.74
C LYS B 66 -28.93 -24.33 12.10
N THR B 67 -28.42 -24.99 13.13
CA THR B 67 -28.96 -24.85 14.47
C THR B 67 -27.89 -24.44 15.47
N PHE B 68 -28.15 -23.34 16.18
CA PHE B 68 -27.22 -22.84 17.19
C PHE B 68 -27.59 -23.42 18.56
N VAL B 69 -26.62 -24.03 19.22
CA VAL B 69 -26.86 -24.57 20.55
C VAL B 69 -26.51 -23.42 21.50
N LEU B 70 -27.53 -22.83 22.11
CA LEU B 70 -27.34 -21.71 23.01
C LEU B 70 -26.58 -22.10 24.28
N PRO B 71 -25.71 -21.20 24.77
CA PRO B 71 -24.92 -21.45 25.98
C PRO B 71 -25.73 -21.74 27.24
N HIS B 72 -26.89 -21.10 27.38
CA HIS B 72 -27.69 -21.31 28.57
C HIS B 72 -28.96 -22.09 28.31
N GLY B 73 -28.90 -22.98 27.32
CA GLY B 73 -30.06 -23.79 26.98
C GLY B 73 -30.93 -23.32 25.85
N GLY B 74 -31.48 -24.28 25.11
CA GLY B 74 -32.32 -23.95 23.99
C GLY B 74 -31.52 -23.98 22.71
N THR B 75 -32.20 -23.75 21.59
CA THR B 75 -31.53 -23.74 20.30
C THR B 75 -32.23 -22.73 19.41
N VAL B 76 -31.53 -22.34 18.36
CA VAL B 76 -32.09 -21.41 17.38
C VAL B 76 -31.70 -21.98 16.03
N THR B 77 -32.67 -22.02 15.13
CA THR B 77 -32.44 -22.55 13.80
C THR B 77 -32.70 -21.47 12.79
N VAL B 78 -31.80 -21.34 11.81
CA VAL B 78 -31.93 -20.35 10.76
C VAL B 78 -31.44 -20.95 9.45
N PRO B 79 -32.09 -20.60 8.33
CA PRO B 79 -33.23 -19.67 8.36
C PRO B 79 -34.49 -20.36 8.88
N ARG B 80 -35.51 -19.57 9.13
CA ARG B 80 -36.80 -20.07 9.59
C ARG B 80 -37.80 -18.95 9.36
N ARG B 81 -39.05 -19.34 9.11
CA ARG B 81 -40.11 -18.38 8.86
C ARG B 81 -40.40 -17.55 10.11
N ARG B 82 -40.35 -16.23 9.97
CA ARG B 82 -40.60 -15.33 11.09
C ARG B 82 -41.47 -14.16 10.68
N PRO B 83 -42.71 -14.42 10.26
CA PRO B 83 -43.57 -13.30 9.85
C PRO B 83 -43.80 -12.34 11.03
N GLU B 84 -44.10 -11.08 10.72
CA GLU B 84 -44.34 -10.09 11.75
C GLU B 84 -45.83 -9.80 11.81
N THR B 85 -46.52 -10.45 12.74
CA THR B 85 -47.97 -10.29 12.90
C THR B 85 -48.36 -8.97 13.54
N ARG B 86 -47.42 -8.37 14.27
CA ARG B 86 -47.64 -7.10 14.95
C ARG B 86 -48.19 -6.04 14.00
N GLU B 87 -49.36 -5.49 14.33
CA GLU B 87 -49.98 -4.46 13.50
C GLU B 87 -49.11 -3.22 13.45
N LEU B 88 -49.01 -2.60 12.28
CA LEU B 88 -48.19 -1.41 12.13
C LEU B 88 -49.02 -0.19 11.74
N LYS B 89 -48.95 0.85 12.57
CA LYS B 89 -49.69 2.08 12.33
C LYS B 89 -49.03 2.89 11.21
N LEU B 90 -49.12 2.37 9.99
CA LEU B 90 -48.55 3.02 8.82
C LEU B 90 -49.52 2.93 7.65
N ALA B 91 -49.46 3.92 6.76
CA ALA B 91 -50.34 3.95 5.61
C ALA B 91 -49.51 4.28 4.37
N GLN B 92 -49.93 3.76 3.22
CA GLN B 92 -49.21 4.01 1.97
C GLN B 92 -49.43 5.45 1.51
N THR B 93 -48.36 6.12 1.11
CA THR B 93 -48.45 7.50 0.65
C THR B 93 -48.88 7.58 -0.80
N ASP B 94 -48.54 6.55 -1.57
CA ASP B 94 -48.91 6.50 -2.98
C ASP B 94 -49.35 5.10 -3.36
N GLY B 95 -49.50 4.84 -4.66
CA GLY B 95 -49.95 3.54 -5.11
C GLY B 95 -48.90 2.48 -5.34
N PHE B 96 -47.82 2.81 -6.04
CA PHE B 96 -46.78 1.83 -6.33
C PHE B 96 -46.13 1.21 -5.11
N GLU B 97 -45.61 0.00 -5.28
CA GLU B 97 -44.98 -0.76 -4.22
C GLU B 97 -43.71 -0.15 -3.65
N GLY B 98 -43.10 0.76 -4.40
CA GLY B 98 -41.87 1.39 -3.94
C GLY B 98 -42.13 2.67 -3.16
N ALA B 99 -43.40 3.01 -2.96
CA ALA B 99 -43.76 4.22 -2.23
C ALA B 99 -43.49 4.08 -0.74
N PRO B 100 -43.10 5.18 -0.08
CA PRO B 100 -42.82 5.13 1.36
C PRO B 100 -44.11 5.05 2.17
N LEU B 101 -44.00 4.57 3.41
CA LEU B 101 -45.13 4.47 4.31
C LEU B 101 -45.13 5.70 5.21
N GLN B 102 -46.29 6.02 5.77
CA GLN B 102 -46.42 7.17 6.65
C GLN B 102 -47.11 6.77 7.94
N PRO B 103 -46.57 7.16 9.10
CA PRO B 103 -47.21 6.79 10.36
C PRO B 103 -48.60 7.42 10.50
N THR B 104 -49.52 6.67 11.11
CA THR B 104 -50.88 7.14 11.30
C THR B 104 -51.15 7.63 12.73
N GLY B 105 -50.19 7.40 13.62
CA GLY B 105 -50.35 7.84 14.99
C GLY B 105 -49.07 8.49 15.49
N ASN B 106 -48.63 8.11 16.69
CA ASN B 106 -47.40 8.63 17.25
C ASN B 106 -46.34 7.59 16.92
N PRO B 107 -45.45 7.90 15.97
CA PRO B 107 -44.40 6.94 15.58
C PRO B 107 -43.50 6.46 16.70
N LEU B 108 -43.28 7.31 17.71
CA LEU B 108 -42.42 6.92 18.82
C LEU B 108 -43.10 5.86 19.67
N VAL B 109 -44.40 6.05 19.91
CA VAL B 109 -45.17 5.12 20.71
C VAL B 109 -45.55 3.89 19.87
N ASP B 110 -45.94 4.12 18.62
CA ASP B 110 -46.32 3.04 17.74
C ASP B 110 -45.11 2.19 17.31
N ALA B 111 -43.91 2.68 17.57
CA ALA B 111 -42.68 1.98 17.21
C ALA B 111 -42.60 1.60 15.73
N VAL B 112 -42.61 2.60 14.86
CA VAL B 112 -42.51 2.36 13.42
C VAL B 112 -41.37 3.20 12.87
N GLY B 113 -41.00 2.97 11.62
CA GLY B 113 -39.88 3.68 11.02
C GLY B 113 -38.64 3.53 11.87
N PRO B 114 -37.84 4.59 12.04
CA PRO B 114 -36.65 4.45 12.86
C PRO B 114 -36.94 4.18 14.35
N ALA B 115 -38.22 4.06 14.70
CA ALA B 115 -38.63 3.79 16.08
C ALA B 115 -38.94 2.31 16.25
N SER B 116 -38.84 1.56 15.15
CA SER B 116 -39.11 0.13 15.16
C SER B 116 -38.08 -0.67 15.96
N TYR B 117 -38.54 -1.73 16.64
CA TYR B 117 -37.63 -2.60 17.38
C TYR B 117 -37.82 -3.99 16.80
N ALA B 118 -36.83 -4.86 16.99
CA ALA B 118 -36.92 -6.22 16.46
C ALA B 118 -37.68 -7.12 17.42
N GLU B 119 -38.13 -8.26 16.91
CA GLU B 119 -38.88 -9.23 17.71
C GLU B 119 -37.91 -10.12 18.49
N ARG B 120 -36.97 -9.51 19.19
CA ARG B 120 -36.01 -10.29 19.96
C ARG B 120 -36.70 -11.04 21.08
N ALA B 121 -36.00 -12.02 21.64
CA ALA B 121 -36.55 -12.83 22.71
C ALA B 121 -36.76 -12.00 23.98
N GLU B 122 -37.83 -12.30 24.69
CA GLU B 122 -38.12 -11.62 25.94
C GLU B 122 -37.35 -12.34 27.04
N VAL B 123 -36.03 -12.37 26.91
CA VAL B 123 -35.18 -13.01 27.89
C VAL B 123 -34.03 -12.07 28.26
N VAL B 124 -33.59 -12.18 29.51
CA VAL B 124 -32.50 -11.35 30.00
C VAL B 124 -31.20 -11.87 29.42
N ASP B 125 -30.42 -10.99 28.79
CA ASP B 125 -29.15 -11.40 28.22
C ASP B 125 -28.30 -11.77 29.43
N ALA B 126 -27.56 -12.88 29.32
CA ALA B 126 -26.76 -13.35 30.44
C ALA B 126 -25.25 -13.26 30.30
N THR B 127 -24.57 -13.45 31.42
CA THR B 127 -23.12 -13.44 31.47
C THR B 127 -22.73 -14.89 31.24
N VAL B 128 -21.45 -15.16 31.11
CA VAL B 128 -20.99 -16.51 30.85
C VAL B 128 -21.37 -17.45 31.99
N ASP B 129 -21.33 -16.94 33.21
CA ASP B 129 -21.64 -17.74 34.38
C ASP B 129 -23.14 -17.73 34.76
N GLY B 130 -23.98 -17.22 33.87
CA GLY B 130 -25.42 -17.24 34.10
C GLY B 130 -26.15 -16.08 34.74
N LYS B 131 -25.48 -14.98 35.02
CA LYS B 131 -26.16 -13.83 35.65
C LYS B 131 -26.69 -12.83 34.61
N ALA B 132 -27.53 -11.90 35.07
CA ALA B 132 -28.05 -10.88 34.17
C ALA B 132 -26.86 -10.04 33.75
N LYS B 133 -26.71 -9.79 32.46
CA LYS B 133 -25.57 -9.03 31.95
C LYS B 133 -25.67 -7.53 32.18
N ILE B 134 -26.76 -6.91 31.74
CA ILE B 134 -26.93 -5.47 31.90
C ILE B 134 -27.76 -5.14 33.15
N VAL B 135 -27.09 -4.60 34.16
CA VAL B 135 -27.74 -4.26 35.41
C VAL B 135 -27.25 -2.93 35.97
N PRO B 136 -28.09 -2.25 36.77
CA PRO B 136 -27.73 -0.96 37.37
C PRO B 136 -26.67 -1.15 38.45
N LEU B 137 -25.92 -0.10 38.76
CA LEU B 137 -24.87 -0.17 39.77
C LEU B 137 -25.42 -0.51 41.15
N ARG B 138 -26.66 -0.11 41.41
CA ARG B 138 -27.29 -0.40 42.69
C ARG B 138 -27.22 -1.92 42.91
N VAL B 139 -27.09 -2.66 41.82
CA VAL B 139 -27.00 -4.11 41.87
C VAL B 139 -25.57 -4.60 41.63
N ALA B 140 -24.93 -4.07 40.60
CA ALA B 140 -23.55 -4.45 40.29
C ALA B 140 -22.62 -3.77 41.29
N THR B 141 -22.72 -4.22 42.53
CA THR B 141 -21.93 -3.71 43.66
C THR B 141 -20.44 -3.62 43.40
N ASP B 142 -19.87 -4.69 42.88
CA ASP B 142 -18.43 -4.73 42.61
C ASP B 142 -17.96 -3.91 41.41
N PHE B 143 -18.87 -3.21 40.74
CA PHE B 143 -18.51 -2.36 39.60
C PHE B 143 -18.55 -0.89 39.99
N SER B 144 -17.70 -0.08 39.36
CA SER B 144 -17.65 1.34 39.68
C SER B 144 -17.25 2.20 38.49
N ILE B 145 -17.30 3.51 38.68
CA ILE B 145 -16.92 4.45 37.63
C ILE B 145 -15.43 4.72 37.81
N ALA B 146 -14.66 4.56 36.74
CA ALA B 146 -13.22 4.80 36.81
C ALA B 146 -12.89 6.19 37.32
N GLU B 147 -11.87 6.29 38.15
CA GLU B 147 -11.46 7.59 38.69
C GLU B 147 -11.04 8.47 37.53
N GLY B 148 -11.62 9.65 37.43
CA GLY B 148 -11.28 10.55 36.35
C GLY B 148 -12.49 10.90 35.51
N ASP B 149 -13.49 10.02 35.48
CA ASP B 149 -14.69 10.28 34.70
C ASP B 149 -15.82 10.83 35.53
N VAL B 150 -16.73 11.53 34.85
CA VAL B 150 -17.89 12.13 35.47
C VAL B 150 -18.80 11.07 36.04
N ASP B 151 -19.39 11.36 37.20
CA ASP B 151 -20.34 10.45 37.84
C ASP B 151 -21.66 11.16 37.53
N PRO B 152 -22.45 10.63 36.60
CA PRO B 152 -23.72 11.23 36.21
C PRO B 152 -24.81 11.26 37.29
N ARG B 153 -24.69 10.40 38.29
CA ARG B 153 -25.70 10.33 39.35
C ARG B 153 -25.92 11.66 40.08
N GLY B 154 -27.16 12.13 40.03
CA GLY B 154 -27.50 13.39 40.65
C GLY B 154 -27.61 14.49 39.60
N LEU B 155 -26.88 14.32 38.50
CA LEU B 155 -26.89 15.29 37.41
C LEU B 155 -28.22 15.34 36.67
N PRO B 156 -28.59 16.51 36.16
CA PRO B 156 -29.84 16.65 35.43
C PRO B 156 -29.72 16.23 33.95
N VAL B 157 -30.85 15.87 33.35
CA VAL B 157 -30.86 15.47 31.95
C VAL B 157 -31.60 16.55 31.17
N VAL B 158 -30.93 17.13 30.19
CA VAL B 158 -31.53 18.18 29.37
C VAL B 158 -31.89 17.68 27.97
N ALA B 159 -33.16 17.81 27.61
CA ALA B 159 -33.64 17.36 26.31
C ALA B 159 -33.35 18.36 25.18
N ALA B 160 -33.72 17.98 23.97
CA ALA B 160 -33.51 18.80 22.78
C ALA B 160 -34.12 20.21 22.88
N ASP B 161 -35.20 20.34 23.64
CA ASP B 161 -35.85 21.63 23.81
C ASP B 161 -35.20 22.47 24.90
N GLY B 162 -34.06 22.00 25.40
CA GLY B 162 -33.36 22.74 26.42
C GLY B 162 -33.93 22.60 27.82
N VAL B 163 -35.11 22.02 27.92
CA VAL B 163 -35.77 21.83 29.20
C VAL B 163 -35.24 20.63 29.97
N GLU B 164 -35.11 20.77 31.29
CA GLU B 164 -34.64 19.67 32.13
C GLU B 164 -35.78 18.67 32.21
N ALA B 165 -35.51 17.41 31.94
CA ALA B 165 -36.57 16.40 31.94
C ALA B 165 -36.45 15.34 33.03
N GLY B 166 -35.34 15.36 33.77
CA GLY B 166 -35.18 14.37 34.82
C GLY B 166 -33.84 14.43 35.50
N THR B 167 -33.62 13.52 36.42
CA THR B 167 -32.37 13.46 37.17
C THR B 167 -31.80 12.05 37.06
N VAL B 168 -30.52 11.97 36.74
CA VAL B 168 -29.86 10.67 36.60
C VAL B 168 -29.72 10.04 37.97
N THR B 169 -30.22 8.81 38.12
CA THR B 169 -30.12 8.12 39.38
C THR B 169 -29.16 6.95 39.35
N ASP B 170 -28.90 6.39 38.17
CA ASP B 170 -28.00 5.25 38.11
C ASP B 170 -27.45 4.93 36.71
N LEU B 171 -26.45 4.06 36.66
CA LEU B 171 -25.84 3.63 35.40
C LEU B 171 -25.96 2.12 35.30
N TRP B 172 -26.31 1.63 34.11
CA TRP B 172 -26.40 0.19 33.91
C TRP B 172 -25.13 -0.26 33.20
N VAL B 173 -24.43 -1.21 33.80
CA VAL B 173 -23.19 -1.71 33.25
C VAL B 173 -23.38 -3.08 32.61
N ASP B 174 -22.48 -3.40 31.68
CA ASP B 174 -22.43 -4.66 30.96
C ASP B 174 -21.40 -5.43 31.74
N ARG B 175 -21.84 -6.39 32.55
CA ARG B 175 -20.92 -7.17 33.37
C ARG B 175 -20.06 -8.17 32.60
N SER B 176 -20.36 -8.36 31.33
CA SER B 176 -19.58 -9.28 30.51
C SER B 176 -18.43 -8.52 29.87
N GLU B 177 -18.68 -7.27 29.50
CA GLU B 177 -17.68 -6.45 28.84
C GLU B 177 -17.15 -5.26 29.64
N HIS B 178 -17.58 -5.12 30.90
CA HIS B 178 -17.15 -4.02 31.75
C HIS B 178 -17.33 -2.72 30.97
N TYR B 179 -18.57 -2.36 30.72
CA TYR B 179 -18.87 -1.20 29.90
C TYR B 179 -20.27 -0.66 30.20
N PHE B 180 -20.39 0.64 30.42
CA PHE B 180 -21.70 1.22 30.69
C PHE B 180 -22.50 1.34 29.39
N ARG B 181 -23.74 0.88 29.40
CA ARG B 181 -24.58 0.96 28.20
C ARG B 181 -25.82 1.85 28.36
N TYR B 182 -26.31 2.01 29.58
CA TYR B 182 -27.49 2.86 29.81
C TYR B 182 -27.38 3.72 31.05
N LEU B 183 -28.15 4.81 31.06
CA LEU B 183 -28.22 5.69 32.21
C LEU B 183 -29.69 5.65 32.64
N GLU B 184 -29.94 5.64 33.94
CA GLU B 184 -31.31 5.62 34.43
C GLU B 184 -31.61 6.99 35.03
N LEU B 185 -32.75 7.56 34.67
CA LEU B 185 -33.12 8.86 35.20
C LEU B 185 -34.53 8.86 35.74
N SER B 186 -34.77 9.77 36.69
CA SER B 186 -36.07 9.94 37.28
C SER B 186 -36.72 10.97 36.36
N VAL B 187 -37.89 10.65 35.82
CA VAL B 187 -38.55 11.58 34.92
C VAL B 187 -39.35 12.64 35.67
N ALA B 188 -39.00 13.90 35.41
CA ALA B 188 -39.66 15.02 36.05
C ALA B 188 -41.17 15.02 35.88
N GLY B 189 -41.88 15.28 36.97
CA GLY B 189 -43.33 15.32 36.94
C GLY B 189 -43.99 13.98 36.65
N SER B 190 -43.27 12.90 36.95
CA SER B 190 -43.79 11.56 36.72
C SER B 190 -43.30 10.63 37.81
N ALA B 191 -44.03 9.54 38.04
CA ALA B 191 -43.65 8.58 39.06
C ALA B 191 -43.01 7.38 38.38
N ARG B 192 -42.07 7.66 37.47
CA ARG B 192 -41.38 6.60 36.75
C ARG B 192 -39.94 6.95 36.43
N THR B 193 -39.15 5.91 36.18
CA THR B 193 -37.75 6.09 35.80
C THR B 193 -37.69 5.67 34.34
N ALA B 194 -36.64 6.07 33.65
CA ALA B 194 -36.48 5.71 32.25
C ALA B 194 -35.01 5.46 31.99
N LEU B 195 -34.74 4.56 31.05
CA LEU B 195 -33.36 4.27 30.68
C LEU B 195 -33.09 4.98 29.37
N ILE B 196 -31.83 5.32 29.16
CA ILE B 196 -31.43 5.98 27.93
C ILE B 196 -30.07 5.41 27.55
N PRO B 197 -29.92 4.96 26.30
CA PRO B 197 -28.65 4.40 25.85
C PRO B 197 -27.57 5.48 25.95
N LEU B 198 -26.37 5.10 26.38
CA LEU B 198 -25.31 6.09 26.51
C LEU B 198 -24.99 6.78 25.17
N GLY B 199 -25.17 6.05 24.07
CA GLY B 199 -24.89 6.61 22.76
C GLY B 199 -25.78 7.81 22.43
N PHE B 200 -26.81 8.03 23.23
CA PHE B 200 -27.71 9.16 23.01
C PHE B 200 -27.47 10.25 24.05
N CYS B 201 -26.40 10.08 24.83
CA CYS B 201 -26.08 11.03 25.88
C CYS B 201 -24.78 11.80 25.69
N ASP B 202 -24.88 13.12 25.70
CA ASP B 202 -23.68 13.93 25.62
C ASP B 202 -23.38 14.19 27.09
N VAL B 203 -22.43 13.43 27.64
CA VAL B 203 -22.08 13.53 29.06
C VAL B 203 -21.17 14.70 29.46
N LYS B 204 -21.79 15.77 29.93
CA LYS B 204 -21.06 16.95 30.38
C LYS B 204 -20.72 16.79 31.87
N LYS B 205 -19.91 17.71 32.38
CA LYS B 205 -19.49 17.68 33.78
C LYS B 205 -20.63 18.10 34.72
N ASP B 206 -21.51 18.95 34.23
CA ASP B 206 -22.62 19.46 35.02
C ASP B 206 -24.01 19.05 34.52
N LYS B 207 -24.07 18.28 33.45
CA LYS B 207 -25.34 17.83 32.90
C LYS B 207 -25.20 16.78 31.82
N ILE B 208 -26.32 16.15 31.49
CA ILE B 208 -26.37 15.13 30.46
C ILE B 208 -27.33 15.63 29.39
N VAL B 209 -26.78 16.05 28.25
CA VAL B 209 -27.60 16.56 27.16
C VAL B 209 -28.11 15.45 26.24
N VAL B 210 -29.38 15.52 25.89
CA VAL B 210 -30.02 14.54 25.02
C VAL B 210 -30.78 15.29 23.93
N THR B 211 -30.28 15.23 22.70
CA THR B 211 -30.92 15.94 21.61
C THR B 211 -31.90 15.12 20.76
N SER B 212 -31.94 13.82 20.99
CA SER B 212 -32.84 12.97 20.19
C SER B 212 -34.32 13.25 20.40
N ILE B 213 -34.73 13.48 21.65
CA ILE B 213 -36.13 13.76 21.94
C ILE B 213 -36.34 14.98 22.82
N LEU B 214 -37.57 15.46 22.86
CA LEU B 214 -37.94 16.62 23.67
C LEU B 214 -38.28 16.15 25.09
N SER B 215 -38.14 17.06 26.05
CA SER B 215 -38.42 16.73 27.46
C SER B 215 -39.78 16.04 27.64
N GLU B 216 -40.80 16.55 26.96
CA GLU B 216 -42.14 15.98 27.04
C GLU B 216 -42.20 14.52 26.60
N GLN B 217 -41.27 14.13 25.73
CA GLN B 217 -41.26 12.76 25.21
C GLN B 217 -40.59 11.70 26.08
N PHE B 218 -39.91 12.12 27.13
CA PHE B 218 -39.28 11.16 28.04
C PHE B 218 -40.36 10.41 28.80
N ALA B 219 -41.57 10.95 28.78
CA ALA B 219 -42.70 10.36 29.47
C ALA B 219 -43.14 9.03 28.87
N ASN B 220 -43.05 8.91 27.55
CA ASN B 220 -43.47 7.69 26.87
C ASN B 220 -42.39 6.67 26.57
N VAL B 221 -41.18 6.89 27.09
CA VAL B 221 -40.11 5.94 26.87
C VAL B 221 -40.59 4.58 27.35
N PRO B 222 -40.31 3.51 26.59
CA PRO B 222 -40.74 2.16 26.97
C PRO B 222 -40.37 1.81 28.41
N ARG B 223 -41.28 1.12 29.10
CA ARG B 223 -41.06 0.74 30.50
C ARG B 223 -40.60 -0.71 30.62
N LEU B 224 -39.80 -1.00 31.64
CA LEU B 224 -39.30 -2.36 31.86
C LEU B 224 -40.22 -3.13 32.80
N GLN B 225 -40.28 -4.45 32.64
CA GLN B 225 -41.12 -5.28 33.49
C GLN B 225 -40.52 -5.34 34.88
N SER B 226 -39.20 -5.32 34.97
CA SER B 226 -38.51 -5.35 36.24
C SER B 226 -37.74 -4.05 36.42
N ARG B 227 -37.25 -3.80 37.62
CA ARG B 227 -36.52 -2.58 37.90
C ARG B 227 -35.01 -2.80 37.81
N ASP B 228 -34.55 -4.02 38.09
CA ASP B 228 -33.12 -4.30 38.04
C ASP B 228 -32.69 -5.25 36.93
N GLN B 229 -33.58 -5.50 35.98
CA GLN B 229 -33.29 -6.38 34.85
C GLN B 229 -33.88 -5.80 33.59
N ILE B 230 -33.39 -6.26 32.44
CA ILE B 230 -33.89 -5.80 31.16
C ILE B 230 -33.73 -6.93 30.15
N THR B 231 -34.75 -7.15 29.34
CA THR B 231 -34.69 -8.22 28.35
C THR B 231 -34.16 -7.70 27.02
N LEU B 232 -33.68 -8.62 26.19
CA LEU B 232 -33.15 -8.25 24.88
C LEU B 232 -34.17 -7.41 24.09
N ARG B 233 -35.45 -7.77 24.18
CA ARG B 233 -36.43 -6.99 23.44
C ARG B 233 -36.65 -5.61 24.05
N GLU B 234 -36.56 -5.50 25.37
CA GLU B 234 -36.75 -4.20 25.99
C GLU B 234 -35.63 -3.28 25.56
N GLU B 235 -34.42 -3.83 25.51
CA GLU B 235 -33.25 -3.07 25.10
C GLU B 235 -33.54 -2.47 23.72
N ASP B 236 -34.09 -3.29 22.83
CA ASP B 236 -34.41 -2.85 21.48
C ASP B 236 -35.52 -1.80 21.53
N LYS B 237 -36.51 -2.02 22.38
CA LYS B 237 -37.60 -1.06 22.51
C LYS B 237 -37.11 0.28 23.01
N VAL B 238 -36.27 0.24 24.04
CA VAL B 238 -35.74 1.47 24.62
C VAL B 238 -34.82 2.22 23.64
N SER B 239 -33.92 1.50 22.99
CA SER B 239 -33.00 2.11 22.03
C SER B 239 -33.73 2.70 20.83
N ALA B 240 -34.69 1.96 20.32
CA ALA B 240 -35.46 2.39 19.15
C ALA B 240 -36.24 3.68 19.41
N TYR B 241 -36.76 3.81 20.63
CA TYR B 241 -37.53 4.99 20.99
C TYR B 241 -36.78 6.30 20.72
N TYR B 242 -35.56 6.40 21.23
CA TYR B 242 -34.75 7.60 21.01
C TYR B 242 -34.35 7.76 19.55
N ALA B 243 -33.99 6.65 18.90
CA ALA B 243 -33.59 6.71 17.50
C ALA B 243 -34.78 7.29 16.74
N GLY B 244 -35.98 6.96 17.19
CA GLY B 244 -37.17 7.47 16.53
C GLY B 244 -37.23 8.99 16.61
N GLY B 245 -36.77 9.54 17.74
CA GLY B 245 -36.79 10.99 17.89
C GLY B 245 -35.97 11.70 16.83
N LEU B 246 -34.87 11.09 16.42
CA LEU B 246 -33.98 11.68 15.42
C LEU B 246 -34.75 12.14 14.19
N LEU B 247 -35.80 11.42 13.85
CA LEU B 247 -36.61 11.75 12.69
C LEU B 247 -37.98 12.31 13.04
N TYR B 248 -38.48 11.99 14.24
CA TYR B 248 -39.82 12.41 14.62
C TYR B 248 -40.01 13.36 15.81
N ALA B 249 -38.96 13.68 16.55
CA ALA B 249 -39.10 14.57 17.70
C ALA B 249 -39.95 15.80 17.36
N THR B 250 -39.71 16.38 16.20
CA THR B 250 -40.48 17.54 15.76
C THR B 250 -40.84 17.38 14.29
N PRO B 251 -41.92 18.05 13.84
CA PRO B 251 -42.39 17.97 12.46
C PRO B 251 -41.35 18.18 11.37
N GLU B 252 -40.41 19.10 11.59
CA GLU B 252 -39.42 19.37 10.55
C GLU B 252 -38.30 18.35 10.39
N ARG B 253 -38.05 17.56 11.43
CA ARG B 253 -36.98 16.57 11.36
C ARG B 253 -37.11 15.56 10.22
N ALA B 254 -38.33 15.22 9.83
CA ALA B 254 -38.53 14.25 8.77
C ALA B 254 -38.43 14.89 7.38
N GLU B 255 -38.60 16.21 7.34
CA GLU B 255 -38.56 16.93 6.07
C GLU B 255 -37.13 17.18 5.57
N SER B 256 -37.03 17.49 4.29
CA SER B 256 -35.75 17.76 3.64
C SER B 256 -34.85 18.64 4.49
N LEU B 257 -33.66 18.12 4.80
CA LEU B 257 -32.68 18.82 5.62
C LEU B 257 -32.29 20.19 5.03
N LEU B 258 -32.10 20.23 3.72
CA LEU B 258 -31.73 21.48 3.05
C LEU B 258 -32.86 21.86 2.11
N ALA C 1 -40.41 -9.12 -2.58
CA ALA C 1 -39.56 -7.93 -2.88
C ALA C 1 -39.12 -7.22 -1.60
N LEU C 2 -39.58 -7.72 -0.46
CA LEU C 2 -39.23 -7.12 0.82
C LEU C 2 -38.70 -8.16 1.79
N LEU C 3 -37.67 -7.81 2.56
CA LEU C 3 -37.16 -8.73 3.55
C LEU C 3 -38.33 -8.90 4.53
N SER C 4 -38.36 -10.02 5.25
CA SER C 4 -39.47 -10.24 6.17
C SER C 4 -39.64 -9.14 7.22
N PHE C 5 -38.55 -8.49 7.60
CA PHE C 5 -38.59 -7.46 8.64
C PHE C 5 -38.46 -6.03 8.11
N GLU C 6 -38.52 -5.88 6.79
CA GLU C 6 -38.33 -4.60 6.15
C GLU C 6 -39.44 -3.55 6.15
N ARG C 7 -40.68 -3.95 5.88
CA ARG C 7 -41.78 -3.00 5.79
C ARG C 7 -41.89 -1.91 6.85
N LYS C 8 -41.71 -2.28 8.12
CA LYS C 8 -41.81 -1.31 9.20
C LYS C 8 -40.80 -0.18 9.14
N TYR C 9 -39.72 -0.36 8.38
CA TYR C 9 -38.67 0.66 8.27
C TYR C 9 -38.85 1.54 7.03
N ARG C 10 -39.68 1.12 6.09
CA ARG C 10 -39.89 1.89 4.87
C ARG C 10 -40.79 3.11 4.98
N VAL C 11 -40.41 4.06 5.81
CA VAL C 11 -41.20 5.27 6.00
C VAL C 11 -40.64 6.41 5.18
N ARG C 12 -41.40 7.50 5.03
CA ARG C 12 -40.93 8.65 4.27
C ARG C 12 -40.04 9.49 5.19
N GLY C 13 -39.24 10.37 4.59
CA GLY C 13 -38.38 11.25 5.36
C GLY C 13 -36.91 10.90 5.38
N GLY C 14 -36.09 11.84 5.86
CA GLY C 14 -34.67 11.61 5.96
C GLY C 14 -33.83 12.21 4.85
N THR C 15 -34.47 12.74 3.81
CA THR C 15 -33.73 13.31 2.69
C THR C 15 -32.96 14.57 3.06
N LEU C 16 -31.96 14.89 2.24
CA LEU C 16 -31.15 16.08 2.44
C LEU C 16 -31.76 17.16 1.56
N ILE C 17 -32.20 16.76 0.36
CA ILE C 17 -32.83 17.68 -0.57
C ILE C 17 -33.83 16.89 -1.40
N GLY C 18 -34.85 17.56 -1.92
CA GLY C 18 -35.85 16.89 -2.72
C GLY C 18 -37.14 16.57 -2.02
N GLY C 19 -37.08 16.25 -0.73
CA GLY C 19 -38.30 15.93 -0.01
C GLY C 19 -38.99 14.66 -0.49
N ASP C 20 -40.30 14.74 -0.69
CA ASP C 20 -41.07 13.58 -1.14
C ASP C 20 -40.91 13.29 -2.63
N LEU C 21 -40.35 14.25 -3.36
CA LEU C 21 -40.20 14.10 -4.81
C LEU C 21 -39.57 12.78 -5.26
N PHE C 22 -38.47 12.39 -4.63
CA PHE C 22 -37.77 11.16 -4.99
C PHE C 22 -37.66 10.18 -3.82
N ASP C 23 -38.42 10.44 -2.76
CA ASP C 23 -38.38 9.56 -1.60
C ASP C 23 -39.14 8.26 -1.86
N PHE C 24 -38.50 7.35 -2.56
CA PHE C 24 -39.13 6.06 -2.85
C PHE C 24 -38.11 5.00 -3.26
N TRP C 25 -38.60 3.78 -3.45
CA TRP C 25 -37.76 2.65 -3.83
C TRP C 25 -38.13 2.07 -5.19
N VAL C 26 -37.13 1.49 -5.83
CA VAL C 26 -37.30 0.82 -7.11
C VAL C 26 -36.63 -0.50 -6.78
N GLY C 27 -37.43 -1.54 -6.57
CA GLY C 27 -36.86 -2.82 -6.21
C GLY C 27 -36.29 -2.66 -4.80
N PRO C 28 -35.08 -3.16 -4.54
CA PRO C 28 -34.52 -3.02 -3.20
C PRO C 28 -33.79 -1.66 -3.03
N TYR C 29 -33.61 -0.96 -4.15
CA TYR C 29 -32.89 0.31 -4.18
C TYR C 29 -33.66 1.55 -3.75
N PHE C 30 -33.08 2.31 -2.83
CA PHE C 30 -33.71 3.57 -2.45
C PHE C 30 -33.24 4.52 -3.55
N VAL C 31 -34.06 5.49 -3.91
CA VAL C 31 -33.66 6.42 -4.95
C VAL C 31 -33.20 7.74 -4.33
N GLY C 32 -34.13 8.65 -4.07
CA GLY C 32 -33.78 9.93 -3.53
C GLY C 32 -33.16 10.77 -4.63
N PHE C 33 -32.95 12.04 -4.36
CA PHE C 33 -32.38 12.93 -5.35
C PHE C 33 -31.00 12.48 -5.80
N PHE C 34 -30.18 12.05 -4.85
CA PHE C 34 -28.83 11.62 -5.18
C PHE C 34 -28.76 10.30 -5.93
N GLY C 35 -29.84 9.53 -5.88
CA GLY C 35 -29.87 8.27 -6.61
C GLY C 35 -30.08 8.67 -8.07
N VAL C 36 -30.88 9.71 -8.27
CA VAL C 36 -31.19 10.23 -9.60
C VAL C 36 -29.93 10.83 -10.21
N SER C 37 -29.23 11.67 -9.45
CA SER C 37 -28.01 12.30 -9.96
C SER C 37 -26.92 11.24 -10.17
N ALA C 38 -26.90 10.22 -9.31
CA ALA C 38 -25.92 9.16 -9.44
C ALA C 38 -26.13 8.47 -10.79
N ILE C 39 -27.36 8.03 -11.05
CA ILE C 39 -27.65 7.36 -12.31
C ILE C 39 -27.30 8.25 -13.49
N PHE C 40 -27.58 9.53 -13.35
CA PHE C 40 -27.29 10.49 -14.40
C PHE C 40 -25.80 10.48 -14.73
N PHE C 41 -24.96 10.67 -13.73
CA PHE C 41 -23.51 10.69 -13.95
C PHE C 41 -22.96 9.35 -14.44
N ILE C 42 -23.51 8.25 -13.94
CA ILE C 42 -23.05 6.94 -14.36
C ILE C 42 -23.38 6.74 -15.84
N PHE C 43 -24.64 6.96 -16.20
CA PHE C 43 -25.08 6.81 -17.58
C PHE C 43 -24.18 7.65 -18.49
N LEU C 44 -23.95 8.88 -18.08
CA LEU C 44 -23.12 9.81 -18.84
C LEU C 44 -21.68 9.29 -18.93
N GLY C 45 -21.12 8.93 -17.78
CA GLY C 45 -19.76 8.43 -17.76
C GLY C 45 -19.55 7.19 -18.62
N VAL C 46 -20.45 6.22 -18.48
CA VAL C 46 -20.35 4.99 -19.25
C VAL C 46 -20.50 5.24 -20.74
N SER C 47 -21.36 6.19 -21.11
CA SER C 47 -21.57 6.52 -22.51
C SER C 47 -20.27 7.09 -23.07
N LEU C 48 -19.65 7.98 -22.31
CA LEU C 48 -18.39 8.57 -22.73
C LEU C 48 -17.30 7.51 -22.88
N ILE C 49 -17.28 6.55 -21.97
CA ILE C 49 -16.27 5.51 -22.03
C ILE C 49 -16.47 4.65 -23.29
N GLY C 50 -17.72 4.32 -23.58
CA GLY C 50 -18.03 3.49 -24.73
C GLY C 50 -17.71 4.22 -26.03
N TYR C 51 -18.08 5.49 -26.11
CA TYR C 51 -17.82 6.26 -27.30
C TYR C 51 -16.32 6.46 -27.49
N ALA C 52 -15.60 6.75 -26.41
CA ALA C 52 -14.16 6.96 -26.49
C ALA C 52 -13.43 5.68 -26.87
N ALA C 53 -13.89 4.57 -26.33
CA ALA C 53 -13.26 3.28 -26.61
C ALA C 53 -13.49 2.87 -28.06
N SER C 54 -14.66 3.20 -28.60
CA SER C 54 -14.98 2.85 -29.99
C SER C 54 -14.03 3.57 -30.94
N GLN C 55 -13.53 4.72 -30.52
CA GLN C 55 -12.60 5.49 -31.33
C GLN C 55 -11.20 4.92 -31.15
N GLY C 56 -11.05 4.05 -30.15
CA GLY C 56 -9.77 3.44 -29.88
C GLY C 56 -9.38 2.33 -30.83
N PRO C 57 -8.20 1.74 -30.66
CA PRO C 57 -7.65 0.66 -31.49
C PRO C 57 -8.04 -0.76 -31.08
N THR C 58 -8.82 -0.91 -30.02
CA THR C 58 -9.19 -2.24 -29.58
C THR C 58 -10.48 -2.31 -28.76
N TRP C 59 -11.05 -3.50 -28.69
CA TRP C 59 -12.26 -3.73 -27.92
C TRP C 59 -11.99 -4.73 -26.81
N ASP C 60 -10.75 -5.20 -26.73
CA ASP C 60 -10.36 -6.13 -25.67
C ASP C 60 -10.35 -5.35 -24.35
N PRO C 61 -11.12 -5.84 -23.36
CA PRO C 61 -11.27 -5.26 -22.02
C PRO C 61 -9.97 -4.92 -21.31
N PHE C 62 -9.00 -5.81 -21.39
CA PHE C 62 -7.71 -5.61 -20.73
C PHE C 62 -6.83 -4.55 -21.40
N ALA C 63 -7.05 -4.30 -22.68
CA ALA C 63 -6.23 -3.34 -23.40
C ALA C 63 -6.84 -1.95 -23.62
N ILE C 64 -8.15 -1.82 -23.45
CA ILE C 64 -8.78 -0.52 -23.62
C ILE C 64 -8.16 0.48 -22.64
N SER C 65 -7.91 1.70 -23.13
CA SER C 65 -7.32 2.71 -22.28
C SER C 65 -7.70 4.11 -22.74
N ILE C 66 -8.25 4.89 -21.81
CA ILE C 66 -8.66 6.25 -22.08
C ILE C 66 -7.72 7.12 -21.24
N ASN C 67 -6.82 7.82 -21.93
CA ASN C 67 -5.80 8.60 -21.25
C ASN C 67 -5.98 10.11 -21.16
N PRO C 68 -5.32 10.73 -20.16
CA PRO C 68 -5.41 12.18 -19.98
C PRO C 68 -4.61 12.82 -21.11
N PRO C 69 -4.60 14.16 -21.21
CA PRO C 69 -3.86 14.84 -22.27
C PRO C 69 -2.35 14.93 -22.03
N ASP C 70 -1.61 15.34 -23.07
CA ASP C 70 -0.16 15.52 -22.96
C ASP C 70 0.07 16.63 -21.94
N LEU C 71 1.23 16.64 -21.31
CA LEU C 71 1.53 17.67 -20.32
C LEU C 71 1.42 19.09 -20.87
N LYS C 72 1.77 19.28 -22.15
CA LYS C 72 1.73 20.59 -22.78
C LYS C 72 0.39 21.30 -22.67
N TYR C 73 -0.70 20.53 -22.58
CA TYR C 73 -2.01 21.14 -22.48
C TYR C 73 -2.25 21.76 -21.12
N GLY C 74 -1.31 21.61 -20.21
CA GLY C 74 -1.47 22.19 -18.88
C GLY C 74 -2.80 21.83 -18.25
N LEU C 75 -3.40 22.80 -17.57
CA LEU C 75 -4.68 22.58 -16.91
C LEU C 75 -5.86 23.00 -17.76
N GLY C 76 -5.62 23.22 -19.05
CA GLY C 76 -6.68 23.62 -19.95
C GLY C 76 -7.44 22.43 -20.49
N ALA C 77 -8.46 22.69 -21.28
CA ALA C 77 -9.26 21.63 -21.88
C ALA C 77 -8.49 21.07 -23.05
N ALA C 78 -8.59 19.77 -23.27
CA ALA C 78 -7.87 19.14 -24.38
C ALA C 78 -8.86 18.59 -25.39
N PRO C 79 -8.43 18.43 -26.64
CA PRO C 79 -9.36 17.90 -27.63
C PRO C 79 -9.86 16.52 -27.21
N LEU C 80 -11.15 16.27 -27.42
CA LEU C 80 -11.79 15.01 -27.05
C LEU C 80 -10.92 13.75 -27.09
N LEU C 81 -10.46 13.37 -28.29
CA LEU C 81 -9.64 12.17 -28.45
C LEU C 81 -8.25 12.26 -27.84
N GLU C 82 -7.77 13.47 -27.59
CA GLU C 82 -6.44 13.67 -27.03
C GLU C 82 -6.45 14.01 -25.54
N GLY C 83 -7.40 13.46 -24.79
CA GLY C 83 -7.46 13.75 -23.37
C GLY C 83 -8.79 14.37 -22.95
N GLY C 84 -9.49 14.95 -23.92
CA GLY C 84 -10.78 15.57 -23.62
C GLY C 84 -11.76 14.60 -22.99
N PHE C 85 -11.84 13.39 -23.54
CA PHE C 85 -12.74 12.36 -23.01
C PHE C 85 -12.36 12.05 -21.58
N TRP C 86 -11.07 11.85 -21.34
CA TRP C 86 -10.59 11.54 -20.01
C TRP C 86 -11.06 12.62 -19.04
N GLN C 87 -11.02 13.87 -19.48
CA GLN C 87 -11.45 14.96 -18.62
C GLN C 87 -12.95 14.88 -18.31
N ALA C 88 -13.75 14.64 -19.34
CA ALA C 88 -15.19 14.55 -19.16
C ALA C 88 -15.52 13.39 -18.23
N ILE C 89 -14.94 12.23 -18.49
CA ILE C 89 -15.17 11.04 -17.68
C ILE C 89 -14.80 11.27 -16.21
N THR C 90 -13.69 11.96 -15.98
CA THR C 90 -13.24 12.24 -14.62
C THR C 90 -14.30 13.02 -13.87
N VAL C 91 -14.91 13.99 -14.54
CA VAL C 91 -15.96 14.80 -13.93
C VAL C 91 -17.17 13.91 -13.60
N CYS C 92 -17.56 13.05 -14.52
CA CYS C 92 -18.69 12.16 -14.25
C CYS C 92 -18.38 11.23 -13.10
N ALA C 93 -17.14 10.75 -13.02
CA ALA C 93 -16.73 9.86 -11.94
C ALA C 93 -16.98 10.58 -10.62
N LEU C 94 -16.46 11.81 -10.51
CA LEU C 94 -16.63 12.59 -9.30
C LEU C 94 -18.10 12.79 -8.96
N GLY C 95 -18.90 13.12 -9.98
CA GLY C 95 -20.31 13.34 -9.76
C GLY C 95 -20.97 12.10 -9.20
N ALA C 96 -20.64 10.96 -9.79
CA ALA C 96 -21.19 9.68 -9.37
C ALA C 96 -20.77 9.25 -7.95
N PHE C 97 -19.50 9.46 -7.60
CA PHE C 97 -19.04 9.06 -6.26
C PHE C 97 -19.67 9.91 -5.16
N ILE C 98 -19.62 11.22 -5.32
CA ILE C 98 -20.20 12.12 -4.33
C ILE C 98 -21.71 11.89 -4.20
N SER C 99 -22.40 11.67 -5.31
CA SER C 99 -23.84 11.39 -5.25
C SER C 99 -24.04 10.13 -4.41
N TRP C 100 -23.28 9.09 -4.76
CA TRP C 100 -23.38 7.82 -4.06
C TRP C 100 -23.17 8.06 -2.56
N MET C 101 -22.21 8.91 -2.24
CA MET C 101 -21.91 9.22 -0.84
C MET C 101 -23.10 9.93 -0.18
N LEU C 102 -23.61 10.98 -0.83
CA LEU C 102 -24.72 11.72 -0.27
C LEU C 102 -25.98 10.87 -0.16
N ARG C 103 -26.11 9.89 -1.05
CA ARG C 103 -27.28 9.01 -1.02
C ARG C 103 -27.25 8.15 0.23
N GLU C 104 -26.05 7.72 0.64
CA GLU C 104 -25.94 6.89 1.83
C GLU C 104 -26.35 7.70 3.06
N VAL C 105 -26.16 9.01 3.01
CA VAL C 105 -26.54 9.85 4.14
C VAL C 105 -28.05 9.83 4.29
N GLU C 106 -28.77 9.96 3.18
CA GLU C 106 -30.22 9.95 3.23
C GLU C 106 -30.70 8.60 3.74
N ILE C 107 -30.06 7.52 3.29
CA ILE C 107 -30.47 6.20 3.74
C ILE C 107 -30.22 6.07 5.26
N SER C 108 -29.11 6.62 5.72
CA SER C 108 -28.77 6.57 7.15
C SER C 108 -29.79 7.33 7.99
N ARG C 109 -30.13 8.56 7.58
CA ARG C 109 -31.08 9.37 8.31
C ARG C 109 -32.41 8.65 8.44
N LYS C 110 -32.91 8.12 7.32
CA LYS C 110 -34.18 7.40 7.31
C LYS C 110 -34.21 6.24 8.28
N LEU C 111 -33.08 5.56 8.44
CA LEU C 111 -33.01 4.41 9.34
C LEU C 111 -32.66 4.80 10.78
N GLY C 112 -32.37 6.06 11.01
CA GLY C 112 -32.03 6.52 12.34
C GLY C 112 -30.70 5.98 12.84
N ILE C 113 -29.76 5.72 11.92
CA ILE C 113 -28.46 5.20 12.33
C ILE C 113 -27.39 6.24 12.05
N GLY C 114 -26.20 6.01 12.57
CA GLY C 114 -25.10 6.95 12.36
C GLY C 114 -24.74 7.10 10.89
N TRP C 115 -24.02 8.18 10.58
CA TRP C 115 -23.60 8.48 9.22
C TRP C 115 -22.18 7.99 8.97
N HIS C 116 -21.68 7.12 9.85
CA HIS C 116 -20.31 6.62 9.72
C HIS C 116 -19.92 6.04 8.36
N VAL C 117 -20.81 5.30 7.71
CA VAL C 117 -20.45 4.71 6.43
C VAL C 117 -20.17 5.76 5.36
N PRO C 118 -21.12 6.67 5.09
CA PRO C 118 -20.79 7.65 4.06
C PRO C 118 -19.52 8.44 4.43
N LEU C 119 -19.36 8.72 5.72
CA LEU C 119 -18.18 9.43 6.20
C LEU C 119 -16.95 8.62 5.82
N ALA C 120 -17.01 7.31 6.06
CA ALA C 120 -15.89 6.42 5.75
C ALA C 120 -15.65 6.41 4.24
N PHE C 121 -16.74 6.41 3.48
CA PHE C 121 -16.64 6.39 2.03
C PHE C 121 -15.96 7.64 1.44
N CYS C 122 -15.91 8.71 2.23
CA CYS C 122 -15.26 9.95 1.77
C CYS C 122 -13.76 9.76 1.60
N VAL C 123 -13.19 8.85 2.38
CA VAL C 123 -11.76 8.59 2.33
C VAL C 123 -11.34 8.13 0.94
N PRO C 124 -11.96 7.07 0.40
CA PRO C 124 -11.53 6.67 -0.95
C PRO C 124 -11.81 7.75 -2.00
N ILE C 125 -12.87 8.53 -1.83
CA ILE C 125 -13.17 9.60 -2.77
C ILE C 125 -12.05 10.66 -2.68
N PHE C 126 -11.64 10.95 -1.45
CA PHE C 126 -10.56 11.90 -1.21
C PHE C 126 -9.29 11.45 -1.94
N MET C 127 -8.93 10.18 -1.78
CA MET C 127 -7.72 9.67 -2.42
C MET C 127 -7.81 9.80 -3.94
N PHE C 128 -8.99 9.56 -4.49
CA PHE C 128 -9.16 9.68 -5.93
C PHE C 128 -8.80 11.11 -6.33
N CYS C 129 -9.27 12.09 -5.55
CA CYS C 129 -8.99 13.48 -5.84
C CYS C 129 -7.52 13.82 -5.73
N VAL C 130 -6.84 13.21 -4.76
CA VAL C 130 -5.42 13.46 -4.59
C VAL C 130 -4.70 13.04 -5.86
N LEU C 131 -5.03 11.85 -6.35
CA LEU C 131 -4.38 11.32 -7.54
C LEU C 131 -4.76 12.05 -8.82
N GLN C 132 -6.06 12.25 -9.03
CA GLN C 132 -6.56 12.86 -10.26
C GLN C 132 -6.70 14.37 -10.29
N VAL C 133 -6.84 15.02 -9.13
CA VAL C 133 -7.03 16.47 -9.13
C VAL C 133 -5.95 17.28 -8.43
N PHE C 134 -5.82 17.10 -7.12
CA PHE C 134 -4.84 17.84 -6.34
C PHE C 134 -3.40 17.75 -6.83
N ARG C 135 -2.86 16.54 -6.95
CA ARG C 135 -1.49 16.40 -7.42
C ARG C 135 -1.33 17.03 -8.80
N PRO C 136 -2.24 16.72 -9.74
CA PRO C 136 -2.09 17.33 -11.06
C PRO C 136 -2.13 18.86 -10.98
N LEU C 137 -2.93 19.41 -10.07
CA LEU C 137 -2.98 20.86 -9.94
C LEU C 137 -1.64 21.39 -9.42
N LEU C 138 -1.09 20.74 -8.40
CA LEU C 138 0.19 21.18 -7.85
C LEU C 138 1.32 21.08 -8.89
N LEU C 139 1.21 20.15 -9.83
CA LEU C 139 2.25 20.00 -10.84
C LEU C 139 1.95 20.80 -12.09
N GLY C 140 0.77 21.40 -12.13
CA GLY C 140 0.41 22.23 -13.26
C GLY C 140 -0.12 21.58 -14.52
N SER C 141 -0.52 20.31 -14.45
CA SER C 141 -1.02 19.67 -15.67
C SER C 141 -1.90 18.43 -15.43
N TRP C 142 -3.02 18.35 -16.13
CA TRP C 142 -3.92 17.20 -16.00
C TRP C 142 -3.21 15.93 -16.46
N GLY C 143 -2.19 16.12 -17.29
CA GLY C 143 -1.44 15.01 -17.84
C GLY C 143 -0.74 14.12 -16.83
N HIS C 144 -0.67 14.53 -15.58
CA HIS C 144 -0.01 13.71 -14.56
C HIS C 144 -1.00 12.73 -13.92
N ALA C 145 -2.28 12.86 -14.25
CA ALA C 145 -3.28 11.96 -13.66
C ALA C 145 -3.18 10.57 -14.30
N PHE C 146 -3.84 9.58 -13.70
CA PHE C 146 -3.77 8.22 -14.22
C PHE C 146 -4.84 7.93 -15.27
N PRO C 147 -4.53 7.02 -16.21
CA PRO C 147 -5.44 6.62 -17.29
C PRO C 147 -6.52 5.65 -16.86
N TYR C 148 -7.64 5.68 -17.58
CA TYR C 148 -8.74 4.77 -17.27
C TYR C 148 -8.62 3.55 -18.18
N GLY C 149 -7.98 2.52 -17.63
CA GLY C 149 -7.76 1.28 -18.34
C GLY C 149 -7.45 0.23 -17.29
N ILE C 150 -8.04 -0.96 -17.44
CA ILE C 150 -7.82 -2.02 -16.48
C ILE C 150 -6.35 -2.33 -16.25
N LEU C 151 -5.57 -2.42 -17.31
CA LEU C 151 -4.14 -2.70 -17.15
C LEU C 151 -3.30 -1.45 -17.30
N SER C 152 -3.73 -0.54 -18.16
CA SER C 152 -2.97 0.69 -18.37
C SER C 152 -2.78 1.47 -17.08
N HIS C 153 -3.79 1.51 -16.20
CA HIS C 153 -3.58 2.26 -14.98
C HIS C 153 -2.46 1.67 -14.14
N LEU C 154 -2.21 0.37 -14.27
CA LEU C 154 -1.13 -0.28 -13.55
C LEU C 154 0.21 0.21 -14.13
N ASP C 155 0.25 0.40 -15.45
CA ASP C 155 1.48 0.88 -16.07
C ASP C 155 1.81 2.29 -15.57
N TRP C 156 0.78 3.08 -15.33
CA TRP C 156 0.96 4.43 -14.82
C TRP C 156 1.54 4.33 -13.40
N VAL C 157 0.87 3.56 -12.55
CA VAL C 157 1.34 3.38 -11.18
C VAL C 157 2.81 2.99 -11.20
N ASN C 158 3.14 2.03 -12.06
CA ASN C 158 4.48 1.51 -12.23
C ASN C 158 5.51 2.59 -12.55
N ASN C 159 5.28 3.33 -13.63
CA ASN C 159 6.22 4.38 -14.02
C ASN C 159 6.30 5.49 -12.97
N PHE C 160 5.15 5.81 -12.37
CA PHE C 160 5.08 6.84 -11.36
C PHE C 160 6.07 6.43 -10.26
N GLY C 161 5.95 5.20 -9.80
CA GLY C 161 6.84 4.74 -8.76
C GLY C 161 8.29 4.89 -9.14
N TYR C 162 8.64 4.35 -10.30
CA TYR C 162 10.02 4.40 -10.76
C TYR C 162 10.57 5.79 -11.09
N GLN C 163 9.70 6.78 -11.22
CA GLN C 163 10.19 8.12 -11.45
C GLN C 163 10.94 8.58 -10.19
N TYR C 164 10.77 7.85 -9.09
CA TYR C 164 11.46 8.20 -7.86
C TYR C 164 12.40 7.09 -7.44
N LEU C 165 12.96 6.44 -8.45
CA LEU C 165 13.95 5.37 -8.32
C LEU C 165 13.41 4.14 -7.59
N ASN C 166 13.03 4.29 -6.33
CA ASN C 166 12.43 3.17 -5.61
C ASN C 166 11.36 3.71 -4.69
N TRP C 167 10.11 3.58 -5.15
CA TRP C 167 8.95 4.06 -4.42
C TRP C 167 8.76 3.42 -3.05
N HIS C 168 9.34 2.25 -2.82
CA HIS C 168 9.20 1.57 -1.54
C HIS C 168 9.79 2.36 -0.38
N TYR C 169 10.79 3.20 -0.66
CA TYR C 169 11.42 3.98 0.41
C TYR C 169 10.65 5.26 0.76
N ASN C 170 9.58 5.52 0.04
CA ASN C 170 8.75 6.69 0.28
C ASN C 170 8.09 6.44 1.66
N PRO C 171 8.37 7.30 2.66
CA PRO C 171 7.79 7.13 4.00
C PRO C 171 6.26 7.15 4.07
N GLY C 172 5.63 7.96 3.24
CA GLY C 172 4.17 7.96 3.25
C GLY C 172 3.66 6.61 2.74
N HIS C 173 4.39 6.01 1.81
CA HIS C 173 4.04 4.72 1.25
C HIS C 173 4.26 3.61 2.28
N MET C 174 5.36 3.69 3.01
CA MET C 174 5.67 2.70 4.04
C MET C 174 4.53 2.65 5.05
N SER C 175 4.02 3.83 5.42
CA SER C 175 2.93 3.89 6.36
C SER C 175 1.67 3.30 5.75
N SER C 176 1.43 3.65 4.49
CA SER C 176 0.26 3.17 3.75
C SER C 176 0.25 1.65 3.66
N VAL C 177 1.38 1.07 3.29
CA VAL C 177 1.48 -0.38 3.17
C VAL C 177 1.22 -1.07 4.51
N SER C 178 1.81 -0.53 5.56
CA SER C 178 1.65 -1.09 6.90
C SER C 178 0.17 -1.15 7.27
N PHE C 179 -0.56 -0.07 7.05
CA PHE C 179 -1.97 -0.09 7.36
C PHE C 179 -2.72 -1.08 6.47
N LEU C 180 -2.34 -1.18 5.20
CA LEU C 180 -3.00 -2.13 4.30
C LEU C 180 -2.82 -3.53 4.86
N PHE C 181 -1.60 -3.83 5.28
CA PHE C 181 -1.28 -5.15 5.83
C PHE C 181 -1.95 -5.43 7.18
N VAL C 182 -1.86 -4.47 8.11
CA VAL C 182 -2.46 -4.68 9.42
C VAL C 182 -3.97 -4.85 9.29
N ASN C 183 -4.58 -4.04 8.43
CA ASN C 183 -6.01 -4.09 8.25
C ASN C 183 -6.47 -5.45 7.73
N ALA C 184 -5.79 -5.96 6.70
CA ALA C 184 -6.15 -7.25 6.13
C ALA C 184 -6.07 -8.30 7.25
N MET C 185 -4.99 -8.25 8.04
CA MET C 185 -4.82 -9.21 9.13
C MET C 185 -5.93 -9.10 10.17
N ALA C 186 -6.21 -7.87 10.61
CA ALA C 186 -7.24 -7.64 11.62
C ALA C 186 -8.62 -8.11 11.17
N LEU C 187 -8.94 -7.94 9.89
CA LEU C 187 -10.23 -8.36 9.37
C LEU C 187 -10.35 -9.88 9.45
N GLY C 188 -9.26 -10.57 9.07
CA GLY C 188 -9.26 -12.02 9.14
C GLY C 188 -9.43 -12.47 10.58
N LEU C 189 -8.72 -11.82 11.49
CA LEU C 189 -8.80 -12.13 12.90
C LEU C 189 -10.20 -11.87 13.43
N HIS C 190 -10.77 -10.72 13.08
CA HIS C 190 -12.12 -10.37 13.55
C HIS C 190 -13.16 -11.30 12.95
N GLY C 191 -13.01 -11.59 11.66
CA GLY C 191 -13.95 -12.48 11.01
C GLY C 191 -13.83 -13.84 11.67
N GLY C 192 -12.61 -14.33 11.76
CA GLY C 192 -12.38 -15.63 12.36
C GLY C 192 -12.89 -15.71 13.79
N LEU C 193 -12.65 -14.65 14.57
CA LEU C 193 -13.09 -14.68 15.96
C LEU C 193 -14.59 -14.84 16.08
N ILE C 194 -15.35 -13.99 15.38
CA ILE C 194 -16.79 -14.07 15.44
C ILE C 194 -17.31 -15.44 15.01
N LEU C 195 -16.72 -16.00 13.94
CA LEU C 195 -17.16 -17.29 13.47
C LEU C 195 -16.81 -18.40 14.46
N SER C 196 -15.62 -18.33 15.05
CA SER C 196 -15.20 -19.35 16.01
C SER C 196 -16.09 -19.39 17.25
N VAL C 197 -16.73 -18.27 17.57
CA VAL C 197 -17.60 -18.20 18.73
C VAL C 197 -19.01 -18.69 18.43
N ALA C 198 -19.53 -18.36 17.25
CA ALA C 198 -20.88 -18.79 16.87
C ALA C 198 -20.91 -20.18 16.23
N ASN C 199 -19.74 -20.67 15.85
CA ASN C 199 -19.64 -21.99 15.21
C ASN C 199 -18.52 -22.81 15.84
N PRO C 200 -18.66 -23.19 17.11
CA PRO C 200 -17.63 -23.98 17.79
C PRO C 200 -17.34 -25.33 17.16
N GLY C 201 -18.31 -25.89 16.44
CA GLY C 201 -18.09 -27.19 15.83
C GLY C 201 -18.80 -28.30 16.59
N ASP C 202 -18.94 -29.45 15.94
CA ASP C 202 -19.62 -30.61 16.53
C ASP C 202 -20.98 -30.15 17.02
N GLY C 203 -21.28 -30.40 18.29
CA GLY C 203 -22.57 -29.97 18.83
C GLY C 203 -22.41 -29.06 20.03
N ASP C 204 -21.24 -28.44 20.15
CA ASP C 204 -20.98 -27.56 21.28
C ASP C 204 -21.78 -26.28 21.27
N LYS C 205 -21.86 -25.65 22.44
CA LYS C 205 -22.62 -24.42 22.61
C LYS C 205 -21.93 -23.18 22.05
N VAL C 206 -22.74 -22.26 21.57
CA VAL C 206 -22.25 -20.99 21.07
C VAL C 206 -21.57 -20.35 22.28
N LYS C 207 -20.44 -19.68 22.08
CA LYS C 207 -19.76 -19.07 23.21
C LYS C 207 -20.19 -17.64 23.53
N THR C 208 -19.38 -16.94 24.30
CA THR C 208 -19.74 -15.60 24.76
C THR C 208 -18.71 -14.50 24.60
N ALA C 209 -19.11 -13.29 24.96
CA ALA C 209 -18.23 -12.14 24.90
C ALA C 209 -17.02 -12.39 25.79
N GLU C 210 -17.25 -13.03 26.93
CA GLU C 210 -16.16 -13.32 27.86
C GLU C 210 -15.12 -14.22 27.20
N HIS C 211 -15.60 -15.15 26.36
CA HIS C 211 -14.71 -16.05 25.65
C HIS C 211 -13.83 -15.26 24.68
N GLU C 212 -14.41 -14.24 24.05
CA GLU C 212 -13.65 -13.41 23.12
C GLU C 212 -12.51 -12.74 23.88
N ASN C 213 -12.82 -12.19 25.06
CA ASN C 213 -11.80 -11.54 25.87
C ASN C 213 -10.72 -12.54 26.26
N GLN C 214 -11.15 -13.70 26.73
CA GLN C 214 -10.21 -14.72 27.17
C GLN C 214 -9.27 -15.17 26.06
N TYR C 215 -9.82 -15.43 24.88
CA TYR C 215 -8.99 -15.89 23.75
C TYR C 215 -7.80 -14.97 23.48
N PHE C 216 -8.05 -13.68 23.33
CA PHE C 216 -6.95 -12.77 23.04
C PHE C 216 -6.07 -12.40 24.23
N ARG C 217 -6.62 -12.43 25.43
CA ARG C 217 -5.81 -12.15 26.61
C ARG C 217 -4.83 -13.30 26.73
N ASP C 218 -5.29 -14.50 26.38
CA ASP C 218 -4.43 -15.67 26.45
C ASP C 218 -3.36 -15.64 25.35
N VAL C 219 -3.79 -15.42 24.11
CA VAL C 219 -2.87 -15.42 22.99
C VAL C 219 -1.87 -14.27 22.94
N VAL C 220 -2.32 -13.04 23.16
CA VAL C 220 -1.39 -11.91 23.09
C VAL C 220 -1.35 -11.01 24.34
N GLY C 221 -2.03 -11.43 25.40
CA GLY C 221 -2.01 -10.67 26.65
C GLY C 221 -2.92 -9.46 26.70
N TYR C 222 -3.76 -9.28 25.68
CA TYR C 222 -4.66 -8.14 25.68
C TYR C 222 -5.92 -8.34 24.85
N SER C 223 -7.02 -7.76 25.32
CA SER C 223 -8.29 -7.82 24.62
C SER C 223 -8.78 -6.38 24.45
N ILE C 224 -8.98 -5.95 23.21
CA ILE C 224 -9.40 -4.58 22.94
C ILE C 224 -10.89 -4.33 23.10
N GLY C 225 -11.71 -5.38 22.98
CA GLY C 225 -13.14 -5.19 23.11
C GLY C 225 -13.91 -5.22 21.80
N ALA C 226 -15.19 -5.59 21.88
CA ALA C 226 -16.08 -5.71 20.74
C ALA C 226 -16.32 -4.42 19.94
N LEU C 227 -16.84 -3.38 20.60
CA LEU C 227 -17.08 -2.13 19.90
C LEU C 227 -15.77 -1.53 19.41
N SER C 228 -14.73 -1.63 20.25
CA SER C 228 -13.42 -1.09 19.93
C SER C 228 -12.78 -1.61 18.65
N ILE C 229 -12.84 -2.92 18.43
CA ILE C 229 -12.22 -3.48 17.24
C ILE C 229 -12.88 -2.94 15.98
N HIS C 230 -14.17 -2.65 16.06
CA HIS C 230 -14.84 -2.10 14.89
C HIS C 230 -14.37 -0.67 14.68
N ARG C 231 -14.14 0.05 15.77
CA ARG C 231 -13.65 1.43 15.66
C ARG C 231 -12.22 1.35 15.11
N LEU C 232 -11.45 0.40 15.60
CA LEU C 232 -10.08 0.27 15.15
C LEU C 232 -10.00 -0.12 13.66
N GLY C 233 -10.90 -1.00 13.22
CA GLY C 233 -10.91 -1.44 11.84
C GLY C 233 -11.13 -0.27 10.90
N LEU C 234 -12.10 0.57 11.24
CA LEU C 234 -12.40 1.75 10.43
C LEU C 234 -11.17 2.66 10.40
N PHE C 235 -10.49 2.74 11.54
CA PHE C 235 -9.31 3.56 11.67
C PHE C 235 -8.16 3.02 10.80
N LEU C 236 -7.86 1.73 10.93
CA LEU C 236 -6.79 1.12 10.16
C LEU C 236 -7.00 1.19 8.65
N ALA C 237 -8.24 0.95 8.19
CA ALA C 237 -8.50 0.99 6.76
C ALA C 237 -8.43 2.42 6.25
N SER C 238 -9.05 3.34 6.97
CA SER C 238 -9.05 4.74 6.55
C SER C 238 -7.63 5.28 6.43
N ASN C 239 -6.77 4.88 7.36
CA ASN C 239 -5.40 5.37 7.33
C ASN C 239 -4.55 4.86 6.18
N ILE C 240 -5.03 3.82 5.49
CA ILE C 240 -4.31 3.31 4.34
C ILE C 240 -4.17 4.51 3.37
N PHE C 241 -5.26 5.25 3.19
CA PHE C 241 -5.26 6.40 2.29
C PHE C 241 -4.87 7.72 2.97
N LEU C 242 -5.40 7.95 4.18
CA LEU C 242 -5.09 9.19 4.89
C LEU C 242 -3.58 9.40 5.00
N THR C 243 -2.82 8.35 5.30
CA THR C 243 -1.38 8.53 5.39
C THR C 243 -0.75 8.43 4.01
N GLY C 244 -1.27 7.54 3.17
CA GLY C 244 -0.72 7.39 1.83
C GLY C 244 -0.78 8.67 1.01
N ALA C 245 -1.87 9.42 1.16
CA ALA C 245 -2.05 10.67 0.43
C ALA C 245 -0.82 11.58 0.58
N PHE C 246 -0.25 11.61 1.77
CA PHE C 246 0.94 12.44 2.02
C PHE C 246 2.11 12.02 1.14
N GLY C 247 2.36 10.71 1.06
CA GLY C 247 3.45 10.22 0.24
C GLY C 247 3.22 10.47 -1.23
N THR C 248 1.95 10.49 -1.66
CA THR C 248 1.63 10.73 -3.05
C THR C 248 1.78 12.21 -3.42
N ILE C 249 1.17 13.07 -2.61
CA ILE C 249 1.25 14.52 -2.84
C ILE C 249 2.69 15.01 -2.81
N ALA C 250 3.48 14.44 -1.92
CA ALA C 250 4.87 14.85 -1.77
C ALA C 250 5.75 14.57 -2.99
N SER C 251 5.41 13.52 -3.73
CA SER C 251 6.21 13.13 -4.88
C SER C 251 6.00 14.02 -6.09
N GLY C 252 6.99 14.87 -6.34
CA GLY C 252 6.92 15.82 -7.43
C GLY C 252 6.84 17.22 -6.84
N PRO C 253 5.69 17.60 -6.26
CA PRO C 253 5.48 18.92 -5.65
C PRO C 253 6.39 19.27 -4.48
N PHE C 254 6.80 18.28 -3.68
CA PHE C 254 7.65 18.53 -2.53
C PHE C 254 8.91 17.69 -2.46
N TRP C 255 9.18 16.92 -3.50
CA TRP C 255 10.37 16.07 -3.53
C TRP C 255 10.56 15.58 -4.96
N THR C 256 11.72 15.88 -5.55
CA THR C 256 11.97 15.50 -6.93
C THR C 256 13.09 14.48 -7.07
N ARG C 257 13.66 14.04 -5.96
CA ARG C 257 14.74 13.06 -6.01
C ARG C 257 14.20 11.66 -5.79
N GLY C 258 15.11 10.69 -5.71
CA GLY C 258 14.67 9.33 -5.47
C GLY C 258 14.27 9.29 -4.02
N TRP C 259 13.33 8.42 -3.68
CA TRP C 259 12.89 8.35 -2.30
C TRP C 259 13.95 7.80 -1.35
N PRO C 260 14.82 6.90 -1.81
CA PRO C 260 15.82 6.40 -0.86
C PRO C 260 16.66 7.56 -0.32
N GLU C 261 17.09 8.44 -1.22
CA GLU C 261 17.92 9.59 -0.83
C GLU C 261 17.27 10.45 0.25
N TRP C 262 15.95 10.43 0.32
CA TRP C 262 15.27 11.22 1.32
C TRP C 262 15.75 10.82 2.70
N TRP C 263 16.09 9.54 2.87
CA TRP C 263 16.54 9.08 4.17
C TRP C 263 17.90 9.59 4.59
N GLY C 264 18.45 10.48 3.78
CA GLY C 264 19.74 11.06 4.11
C GLY C 264 19.63 11.96 5.33
N TRP C 265 18.46 12.52 5.58
CA TRP C 265 18.26 13.39 6.74
C TRP C 265 18.65 12.60 7.99
N TRP C 266 18.56 11.28 7.89
CA TRP C 266 18.91 10.42 9.00
C TRP C 266 20.34 9.94 8.86
N LEU C 267 20.60 9.25 7.75
CA LEU C 267 21.91 8.70 7.48
C LEU C 267 23.04 9.74 7.51
N ASP C 268 22.75 10.96 7.08
CA ASP C 268 23.77 12.00 7.02
C ASP C 268 23.92 12.95 8.21
N ILE C 269 23.31 12.64 9.34
CA ILE C 269 23.47 13.50 10.50
C ILE C 269 24.98 13.49 10.76
N PRO C 270 25.60 14.67 10.92
CA PRO C 270 27.04 14.82 11.15
C PRO C 270 27.62 13.95 12.29
N PHE C 271 26.89 13.90 13.41
CA PHE C 271 27.31 13.12 14.57
C PHE C 271 27.88 11.74 14.25
N TRP C 272 27.22 11.00 13.36
CA TRP C 272 27.69 9.66 13.03
C TRP C 272 28.14 9.43 11.58
N SER C 273 28.35 10.52 10.85
CA SER C 273 28.79 10.42 9.46
C SER C 273 30.30 10.17 9.39
N ALA D 1 -24.16 13.78 17.76
CA ALA D 1 -23.53 12.52 17.30
C ALA D 1 -23.43 11.52 18.45
N ASP D 2 -22.99 10.31 18.13
CA ASP D 2 -22.83 9.27 19.15
C ASP D 2 -21.37 9.33 19.60
N TYR D 3 -21.11 9.98 20.73
CA TYR D 3 -19.74 10.13 21.24
C TYR D 3 -19.13 8.81 21.64
N GLN D 4 -19.99 7.84 21.97
CA GLN D 4 -19.54 6.52 22.35
C GLN D 4 -18.74 5.88 21.21
N THR D 5 -19.09 6.21 19.96
CA THR D 5 -18.38 5.61 18.83
C THR D 5 -17.00 6.20 18.66
N ILE D 6 -16.75 7.37 19.25
CA ILE D 6 -15.44 8.00 19.18
C ILE D 6 -14.59 7.50 20.33
N TYR D 7 -15.13 7.60 21.54
CA TYR D 7 -14.43 7.14 22.74
C TYR D 7 -15.44 6.89 23.86
N THR D 8 -14.98 6.22 24.92
CA THR D 8 -15.83 5.89 26.06
C THR D 8 -15.91 7.04 27.08
N GLN D 9 -17.05 7.73 27.10
CA GLN D 9 -17.24 8.87 27.99
C GLN D 9 -17.06 8.52 29.47
N ILE D 10 -17.68 7.43 29.90
CA ILE D 10 -17.57 7.00 31.30
C ILE D 10 -17.09 5.56 31.34
N GLN D 11 -15.87 5.37 31.84
CA GLN D 11 -15.30 4.03 31.93
C GLN D 11 -15.82 3.30 33.16
N ALA D 12 -15.82 1.98 33.08
CA ALA D 12 -16.29 1.16 34.18
C ALA D 12 -15.16 0.27 34.65
N ARG D 13 -15.13 0.00 35.95
CA ARG D 13 -14.14 -0.86 36.54
C ARG D 13 -14.90 -1.95 37.28
N GLY D 14 -14.39 -3.18 37.21
CA GLY D 14 -15.06 -4.27 37.87
C GLY D 14 -14.10 -5.39 38.16
N PRO D 15 -14.56 -6.47 38.78
CA PRO D 15 -13.69 -7.61 39.10
C PRO D 15 -13.07 -8.26 37.88
N HIS D 16 -11.86 -8.78 38.06
CA HIS D 16 -11.14 -9.49 37.00
C HIS D 16 -11.90 -10.77 36.70
N ILE D 17 -12.32 -10.96 35.45
CA ILE D 17 -13.04 -12.17 35.08
C ILE D 17 -12.12 -13.11 34.31
N THR D 18 -12.35 -14.41 34.46
CA THR D 18 -11.55 -15.41 33.77
C THR D 18 -12.42 -16.57 33.29
N VAL D 19 -12.23 -16.98 32.05
CA VAL D 19 -12.97 -18.11 31.50
C VAL D 19 -12.01 -19.27 31.53
N SER D 20 -12.39 -20.34 32.20
CA SER D 20 -11.53 -21.51 32.33
C SER D 20 -11.38 -22.26 31.02
N GLY D 21 -10.15 -22.67 30.73
CA GLY D 21 -9.89 -23.42 29.51
C GLY D 21 -9.83 -24.90 29.83
N GLU D 22 -9.92 -25.74 28.81
CA GLU D 22 -9.88 -27.17 29.00
C GLU D 22 -8.56 -27.57 29.65
N TRP D 23 -7.59 -26.65 29.62
CA TRP D 23 -6.28 -26.91 30.21
C TRP D 23 -5.44 -25.65 30.23
N GLY D 24 -4.32 -25.70 30.96
CA GLY D 24 -3.41 -24.57 31.04
C GLY D 24 -3.90 -23.38 31.85
N ASP D 25 -4.99 -23.53 32.59
CA ASP D 25 -5.49 -22.42 33.39
C ASP D 25 -4.43 -21.92 34.37
N ASN D 26 -3.55 -22.82 34.80
CA ASN D 26 -2.50 -22.46 35.75
C ASN D 26 -1.26 -21.95 35.03
N ASP D 27 -1.37 -21.69 33.73
CA ASP D 27 -0.25 -21.19 32.95
C ASP D 27 -0.37 -19.72 32.62
N ARG D 28 -1.41 -19.08 33.13
CA ARG D 28 -1.61 -17.66 32.91
C ARG D 28 -0.74 -16.94 33.92
N VAL D 29 0.06 -15.99 33.44
CA VAL D 29 0.97 -15.26 34.31
C VAL D 29 0.75 -13.75 34.25
N GLY D 30 1.17 -13.07 35.31
CA GLY D 30 1.03 -11.63 35.37
C GLY D 30 -0.21 -11.18 36.12
N LYS D 31 -0.12 -9.98 36.70
CA LYS D 31 -1.25 -9.42 37.43
C LYS D 31 -1.88 -8.39 36.50
N PRO D 32 -3.20 -8.47 36.30
CA PRO D 32 -3.85 -7.51 35.42
C PRO D 32 -3.77 -6.07 35.94
N PHE D 33 -3.33 -5.15 35.09
CA PHE D 33 -3.30 -3.75 35.49
C PHE D 33 -4.14 -2.96 34.49
N TYR D 34 -4.63 -1.81 34.90
CA TYR D 34 -5.48 -1.02 34.04
C TYR D 34 -4.89 0.31 33.61
N SER D 35 -5.14 0.67 32.36
CA SER D 35 -4.67 1.93 31.80
C SER D 35 -5.88 2.80 31.54
N TYR D 36 -5.93 3.95 32.22
CA TYR D 36 -7.05 4.87 32.06
C TYR D 36 -7.19 5.38 30.64
N TRP D 37 -6.09 5.83 30.04
CA TRP D 37 -6.16 6.36 28.69
C TRP D 37 -6.48 5.31 27.65
N LEU D 38 -6.01 4.09 27.88
CA LEU D 38 -6.31 3.01 26.95
C LEU D 38 -7.81 2.78 26.98
N GLY D 39 -8.39 2.80 28.19
CA GLY D 39 -9.81 2.59 28.35
C GLY D 39 -10.69 3.58 27.63
N LYS D 40 -10.09 4.62 27.07
CA LYS D 40 -10.85 5.63 26.33
C LYS D 40 -11.27 5.05 24.98
N ILE D 41 -10.44 4.18 24.43
CA ILE D 41 -10.69 3.61 23.12
C ILE D 41 -10.71 2.09 23.07
N GLY D 42 -10.44 1.46 24.22
CA GLY D 42 -10.45 0.02 24.27
C GLY D 42 -10.68 -0.43 25.70
N ASP D 43 -10.43 -1.71 25.96
CA ASP D 43 -10.60 -2.21 27.31
C ASP D 43 -9.37 -1.72 28.09
N ALA D 44 -9.59 -1.23 29.31
CA ALA D 44 -8.50 -0.69 30.12
C ALA D 44 -7.52 -1.72 30.70
N GLN D 45 -7.97 -2.96 30.85
CA GLN D 45 -7.11 -4.01 31.42
C GLN D 45 -6.03 -4.54 30.50
N ILE D 46 -4.82 -4.69 31.03
CA ILE D 46 -3.68 -5.24 30.28
C ILE D 46 -3.31 -6.54 30.98
N GLY D 47 -3.09 -7.61 30.21
CA GLY D 47 -2.75 -8.89 30.79
C GLY D 47 -3.94 -9.47 31.52
N PRO D 48 -3.81 -10.66 32.12
CA PRO D 48 -2.60 -11.49 32.15
C PRO D 48 -2.41 -12.17 30.80
N ILE D 49 -1.31 -12.91 30.65
CA ILE D 49 -1.06 -13.59 29.40
C ILE D 49 -0.83 -15.09 29.64
N TYR D 50 -1.10 -15.88 28.62
CA TYR D 50 -0.94 -17.32 28.71
C TYR D 50 0.41 -17.74 28.16
N LEU D 51 1.13 -18.56 28.93
CA LEU D 51 2.43 -19.05 28.51
C LEU D 51 2.27 -20.29 27.65
N GLY D 52 2.41 -21.46 28.27
CA GLY D 52 2.27 -22.70 27.52
C GLY D 52 3.53 -23.13 26.80
N ALA D 53 3.58 -24.41 26.45
CA ALA D 53 4.73 -24.98 25.76
C ALA D 53 4.96 -24.38 24.37
N SER D 54 3.94 -24.45 23.52
CA SER D 54 4.06 -23.93 22.16
C SER D 54 4.44 -22.45 22.16
N GLY D 55 3.83 -21.68 23.07
CA GLY D 55 4.14 -20.28 23.17
C GLY D 55 5.61 -20.06 23.50
N ILE D 56 6.09 -20.79 24.51
CA ILE D 56 7.48 -20.68 24.93
C ILE D 56 8.40 -21.17 23.83
N ALA D 57 7.99 -22.24 23.16
CA ALA D 57 8.79 -22.78 22.07
C ALA D 57 8.96 -21.70 21.00
N ALA D 58 7.87 -20.99 20.72
CA ALA D 58 7.87 -19.93 19.72
C ALA D 58 8.91 -18.84 20.03
N PHE D 59 8.87 -18.29 21.25
CA PHE D 59 9.82 -17.24 21.60
C PHE D 59 11.26 -17.74 21.52
N ALA D 60 11.48 -19.00 21.90
CA ALA D 60 12.82 -19.58 21.88
C ALA D 60 13.35 -19.67 20.47
N PHE D 61 12.56 -20.25 19.57
CA PHE D 61 12.97 -20.38 18.17
C PHE D 61 13.09 -19.00 17.53
N GLY D 62 12.11 -18.14 17.82
CA GLY D 62 12.11 -16.80 17.28
C GLY D 62 13.30 -16.00 17.73
N SER D 63 13.61 -16.08 19.02
CA SER D 63 14.75 -15.35 19.57
C SER D 63 16.05 -15.82 18.94
N THR D 64 16.14 -17.11 18.69
CA THR D 64 17.35 -17.66 18.09
C THR D 64 17.51 -17.07 16.69
N ALA D 65 16.41 -17.02 15.95
CA ALA D 65 16.41 -16.47 14.60
C ALA D 65 16.90 -15.03 14.62
N ILE D 66 16.29 -14.22 15.49
CA ILE D 66 16.66 -12.82 15.60
C ILE D 66 18.14 -12.64 15.94
N LEU D 67 18.65 -13.42 16.90
CA LEU D 67 20.06 -13.31 17.26
C LEU D 67 20.96 -13.60 16.08
N ILE D 68 20.62 -14.61 15.30
CA ILE D 68 21.42 -14.94 14.13
C ILE D 68 21.43 -13.76 13.17
N ILE D 69 20.29 -13.11 13.03
CA ILE D 69 20.16 -11.96 12.14
C ILE D 69 20.93 -10.75 12.67
N LEU D 70 20.70 -10.40 13.93
CA LEU D 70 21.37 -9.26 14.51
C LEU D 70 22.88 -9.40 14.54
N PHE D 71 23.37 -10.60 14.80
CA PHE D 71 24.81 -10.82 14.84
C PHE D 71 25.45 -10.60 13.48
N ASN D 72 24.78 -11.10 12.44
CA ASN D 72 25.30 -10.94 11.09
C ASN D 72 25.24 -9.47 10.67
N MET D 73 24.17 -8.78 11.09
CA MET D 73 24.02 -7.38 10.77
C MET D 73 25.12 -6.59 11.48
N ALA D 74 25.43 -7.02 12.70
CA ALA D 74 26.46 -6.37 13.49
C ALA D 74 27.81 -6.58 12.80
N ALA D 75 27.99 -7.76 12.22
CA ALA D 75 29.22 -8.06 11.51
C ALA D 75 29.37 -7.10 10.33
N GLU D 76 28.26 -6.78 9.68
CA GLU D 76 28.26 -5.88 8.53
C GLU D 76 28.88 -4.52 8.84
N VAL D 77 28.67 -4.00 10.04
CA VAL D 77 29.24 -2.71 10.40
C VAL D 77 30.45 -2.90 11.31
N HIS D 78 31.11 -4.04 11.14
CA HIS D 78 32.30 -4.39 11.92
C HIS D 78 32.09 -4.19 13.42
N PHE D 79 30.89 -4.51 13.88
CA PHE D 79 30.53 -4.42 15.29
C PHE D 79 30.59 -3.04 15.93
N ASP D 80 30.59 -2.01 15.10
CA ASP D 80 30.62 -0.65 15.63
C ASP D 80 29.22 -0.32 16.13
N PRO D 81 29.07 -0.07 17.44
CA PRO D 81 27.77 0.24 18.05
C PRO D 81 27.03 1.42 17.42
N LEU D 82 27.72 2.53 17.23
CA LEU D 82 27.08 3.72 16.67
C LEU D 82 26.70 3.54 15.20
N GLN D 83 27.57 2.93 14.41
CA GLN D 83 27.27 2.72 13.00
C GLN D 83 26.13 1.72 12.82
N PHE D 84 25.98 0.84 13.79
CA PHE D 84 24.94 -0.17 13.77
C PHE D 84 23.57 0.49 13.86
N PHE D 85 23.37 1.35 14.85
CA PHE D 85 22.09 2.04 15.00
C PHE D 85 21.83 2.95 13.81
N ARG D 86 22.88 3.58 13.32
CA ARG D 86 22.79 4.50 12.19
C ARG D 86 22.36 3.81 10.91
N GLN D 87 23.04 2.72 10.59
CA GLN D 87 22.81 1.97 9.37
C GLN D 87 21.80 0.83 9.46
N PHE D 88 21.22 0.62 10.63
CA PHE D 88 20.28 -0.47 10.85
C PHE D 88 19.42 -0.87 9.63
N PHE D 89 18.59 0.05 9.16
CA PHE D 89 17.70 -0.20 8.02
C PHE D 89 18.40 -0.81 6.79
N TRP D 90 19.62 -0.36 6.54
CA TRP D 90 20.39 -0.82 5.38
C TRP D 90 21.07 -2.16 5.61
N LEU D 91 21.09 -2.62 6.85
CA LEU D 91 21.75 -3.88 7.17
C LEU D 91 20.85 -5.08 6.92
N GLY D 92 21.47 -6.21 6.56
CA GLY D 92 20.69 -7.40 6.32
C GLY D 92 21.46 -8.71 6.30
N LEU D 93 20.70 -9.81 6.36
CA LEU D 93 21.26 -11.16 6.30
C LEU D 93 20.75 -11.69 4.98
N TYR D 94 21.66 -11.86 4.03
CA TYR D 94 21.30 -12.30 2.69
C TYR D 94 21.44 -13.78 2.37
N PRO D 95 20.67 -14.25 1.39
CA PRO D 95 20.73 -15.66 0.98
C PRO D 95 21.94 -15.73 0.03
N PRO D 96 22.31 -16.94 -0.42
CA PRO D 96 23.47 -17.03 -1.32
C PRO D 96 23.46 -16.12 -2.54
N LYS D 97 24.55 -15.39 -2.75
CA LYS D 97 24.69 -14.51 -3.89
C LYS D 97 25.14 -15.36 -5.07
N ALA D 98 25.92 -16.39 -4.76
CA ALA D 98 26.41 -17.30 -5.78
C ALA D 98 25.35 -18.38 -6.02
N GLN D 99 25.45 -19.02 -7.19
CA GLN D 99 24.52 -20.07 -7.56
C GLN D 99 25.05 -21.42 -7.11
N TYR D 100 24.49 -21.96 -6.03
CA TYR D 100 24.89 -23.26 -5.53
C TYR D 100 23.77 -24.26 -5.79
N GLY D 101 22.79 -23.83 -6.59
CA GLY D 101 21.65 -24.69 -6.89
C GLY D 101 20.94 -24.92 -5.57
N MET D 102 20.68 -26.19 -5.24
CA MET D 102 20.01 -26.51 -3.99
C MET D 102 20.97 -26.95 -2.90
N GLY D 103 22.26 -26.82 -3.16
CA GLY D 103 23.26 -27.21 -2.19
C GLY D 103 23.31 -26.25 -1.01
N ILE D 104 23.47 -26.79 0.20
CA ILE D 104 23.56 -25.94 1.38
C ILE D 104 24.72 -24.98 1.17
N PRO D 105 24.45 -23.66 1.20
CA PRO D 105 25.51 -22.67 0.99
C PRO D 105 26.41 -22.46 2.20
N PRO D 106 27.65 -21.99 1.96
CA PRO D 106 28.59 -21.75 3.05
C PRO D 106 28.06 -20.64 3.96
N LEU D 107 28.42 -20.70 5.24
CA LEU D 107 27.95 -19.72 6.20
C LEU D 107 28.08 -18.26 5.76
N HIS D 108 29.17 -17.93 5.09
CA HIS D 108 29.39 -16.55 4.67
C HIS D 108 28.60 -16.16 3.41
N ASP D 109 28.00 -17.13 2.73
CA ASP D 109 27.22 -16.81 1.54
C ASP D 109 25.90 -17.58 1.47
N GLY D 110 25.02 -17.33 2.43
CA GLY D 110 23.73 -17.99 2.46
C GLY D 110 23.50 -18.89 3.65
N GLY D 111 24.59 -19.47 4.18
CA GLY D 111 24.50 -20.36 5.32
C GLY D 111 23.66 -19.86 6.48
N TRP D 112 24.07 -18.73 7.06
CA TRP D 112 23.36 -18.15 8.19
C TRP D 112 21.93 -17.78 7.86
N TRP D 113 21.72 -17.32 6.62
CA TRP D 113 20.40 -16.94 6.17
C TRP D 113 19.46 -18.14 6.26
N LEU D 114 19.91 -19.26 5.73
CA LEU D 114 19.13 -20.49 5.74
C LEU D 114 18.83 -20.92 7.17
N MET D 115 19.82 -20.81 8.04
CA MET D 115 19.64 -21.19 9.43
C MET D 115 18.57 -20.33 10.09
N ALA D 116 18.64 -19.03 9.87
CA ALA D 116 17.66 -18.12 10.45
C ALA D 116 16.27 -18.46 9.90
N GLY D 117 16.20 -18.78 8.62
CA GLY D 117 14.93 -19.14 8.00
C GLY D 117 14.32 -20.36 8.67
N LEU D 118 15.17 -21.33 8.97
CA LEU D 118 14.74 -22.56 9.63
C LEU D 118 14.12 -22.25 10.99
N PHE D 119 14.83 -21.46 11.79
CA PHE D 119 14.34 -21.10 13.11
C PHE D 119 13.10 -20.21 13.07
N MET D 120 12.99 -19.37 12.05
CA MET D 120 11.80 -18.53 11.95
C MET D 120 10.62 -19.45 11.67
N THR D 121 10.80 -20.40 10.76
CA THR D 121 9.76 -21.36 10.40
C THR D 121 9.26 -22.12 11.62
N LEU D 122 10.20 -22.61 12.44
CA LEU D 122 9.83 -23.35 13.64
C LEU D 122 9.07 -22.43 14.57
N SER D 123 9.51 -21.18 14.62
CA SER D 123 8.84 -20.19 15.46
C SER D 123 7.38 -20.02 15.03
N LEU D 124 7.15 -19.94 13.72
CA LEU D 124 5.80 -19.78 13.20
C LEU D 124 4.93 -21.01 13.45
N GLY D 125 5.49 -22.20 13.24
CA GLY D 125 4.72 -23.41 13.48
C GLY D 125 4.31 -23.49 14.93
N SER D 126 5.24 -23.18 15.82
CA SER D 126 4.95 -23.23 17.25
C SER D 126 3.84 -22.25 17.57
N TRP D 127 3.94 -21.03 17.04
CA TRP D 127 2.92 -20.04 17.33
C TRP D 127 1.56 -20.45 16.73
N TRP D 128 1.60 -21.17 15.61
CA TRP D 128 0.36 -21.63 14.99
C TRP D 128 -0.36 -22.55 15.96
N ILE D 129 0.38 -23.49 16.55
CA ILE D 129 -0.18 -24.43 17.50
C ILE D 129 -0.86 -23.69 18.66
N ARG D 130 -0.24 -22.60 19.12
CA ARG D 130 -0.80 -21.81 20.21
C ARG D 130 -2.14 -21.21 19.78
N VAL D 131 -2.19 -20.64 18.58
CA VAL D 131 -3.39 -20.02 18.05
C VAL D 131 -4.49 -21.05 17.89
N TYR D 132 -4.11 -22.24 17.47
CA TYR D 132 -5.03 -23.34 17.27
C TYR D 132 -5.51 -23.90 18.62
N SER D 133 -4.54 -24.23 19.49
CA SER D 133 -4.83 -24.78 20.81
C SER D 133 -5.73 -23.94 21.70
N ARG D 134 -5.41 -22.67 21.86
CA ARG D 134 -6.20 -21.79 22.71
C ARG D 134 -7.68 -21.80 22.33
N ALA D 135 -7.96 -21.90 21.04
CA ALA D 135 -9.33 -21.92 20.57
C ALA D 135 -10.00 -23.19 21.09
N ARG D 136 -9.33 -24.33 20.87
CA ARG D 136 -9.85 -25.62 21.33
C ARG D 136 -10.05 -25.61 22.84
N ALA D 137 -9.03 -25.16 23.57
CA ALA D 137 -9.09 -25.11 25.01
C ALA D 137 -10.31 -24.34 25.49
N LEU D 138 -10.70 -23.31 24.76
CA LEU D 138 -11.84 -22.48 25.15
C LEU D 138 -13.16 -22.86 24.48
N GLY D 139 -13.17 -23.99 23.77
CA GLY D 139 -14.39 -24.42 23.11
C GLY D 139 -14.80 -23.51 21.98
N LEU D 140 -13.82 -23.08 21.17
CA LEU D 140 -14.06 -22.20 20.04
C LEU D 140 -13.67 -22.87 18.73
N GLY D 141 -14.31 -22.45 17.64
CA GLY D 141 -13.98 -22.99 16.34
C GLY D 141 -12.55 -22.56 16.00
N THR D 142 -11.92 -23.22 15.03
CA THR D 142 -10.55 -22.90 14.66
C THR D 142 -10.37 -21.99 13.44
N HIS D 143 -11.38 -21.20 13.12
CA HIS D 143 -11.31 -20.30 11.96
C HIS D 143 -10.06 -19.40 11.92
N ILE D 144 -9.64 -18.87 13.06
CA ILE D 144 -8.47 -18.02 13.06
C ILE D 144 -7.23 -18.78 12.63
N ALA D 145 -7.01 -19.96 13.21
CA ALA D 145 -5.84 -20.74 12.88
C ALA D 145 -5.76 -21.05 11.39
N TRP D 146 -6.89 -21.37 10.77
CA TRP D 146 -6.86 -21.67 9.34
C TRP D 146 -6.52 -20.45 8.49
N ASN D 147 -6.87 -19.27 8.97
CA ASN D 147 -6.56 -18.05 8.26
C ASN D 147 -5.05 -17.83 8.45
N PHE D 148 -4.59 -18.04 9.66
CA PHE D 148 -3.17 -17.87 10.00
C PHE D 148 -2.32 -18.84 9.17
N ALA D 149 -2.80 -20.07 8.98
CA ALA D 149 -2.08 -21.08 8.19
C ALA D 149 -1.82 -20.58 6.75
N ALA D 150 -2.80 -19.91 6.17
CA ALA D 150 -2.65 -19.41 4.81
C ALA D 150 -1.52 -18.39 4.74
N ALA D 151 -1.44 -17.52 5.75
CA ALA D 151 -0.38 -16.52 5.79
C ALA D 151 0.98 -17.18 5.98
N ILE D 152 1.03 -18.21 6.83
CA ILE D 152 2.29 -18.89 7.06
C ILE D 152 2.72 -19.57 5.76
N PHE D 153 1.77 -20.20 5.09
CA PHE D 153 2.09 -20.87 3.84
C PHE D 153 2.71 -19.91 2.82
N PHE D 154 2.15 -18.71 2.72
CA PHE D 154 2.67 -17.71 1.80
C PHE D 154 4.13 -17.41 2.12
N VAL D 155 4.42 -17.20 3.40
CA VAL D 155 5.78 -16.92 3.83
C VAL D 155 6.70 -18.06 3.41
N LEU D 156 6.22 -19.28 3.54
CA LEU D 156 7.03 -20.42 3.16
C LEU D 156 7.25 -20.45 1.65
N CYS D 157 6.27 -20.00 0.89
CA CYS D 157 6.39 -19.98 -0.57
C CYS D 157 7.51 -19.08 -1.04
N ILE D 158 7.55 -17.85 -0.54
CA ILE D 158 8.60 -16.93 -0.95
C ILE D 158 9.88 -17.23 -0.20
N GLY D 159 9.73 -17.85 0.96
CA GLY D 159 10.88 -18.19 1.79
C GLY D 159 11.70 -19.37 1.28
N CYS D 160 11.06 -20.49 1.02
CA CYS D 160 11.81 -21.64 0.53
C CYS D 160 11.15 -22.55 -0.49
N ILE D 161 9.83 -22.53 -0.61
CA ILE D 161 9.22 -23.41 -1.60
C ILE D 161 9.54 -22.97 -3.03
N HIS D 162 9.39 -21.68 -3.33
CA HIS D 162 9.71 -21.21 -4.67
C HIS D 162 11.19 -21.47 -4.95
N PRO D 163 12.06 -21.17 -3.97
CA PRO D 163 13.50 -21.42 -4.19
C PRO D 163 13.75 -22.89 -4.52
N THR D 164 13.03 -23.77 -3.83
CA THR D 164 13.16 -25.20 -4.05
C THR D 164 12.64 -25.59 -5.42
N LEU D 165 11.48 -25.05 -5.79
CA LEU D 165 10.89 -25.36 -7.09
C LEU D 165 11.74 -24.95 -8.30
N VAL D 166 12.55 -23.91 -8.16
CA VAL D 166 13.40 -23.50 -9.28
C VAL D 166 14.81 -24.05 -9.08
N GLY D 167 15.09 -24.50 -7.85
CA GLY D 167 16.39 -25.07 -7.54
C GLY D 167 17.48 -24.08 -7.19
N SER D 168 17.13 -23.00 -6.50
CA SER D 168 18.15 -22.02 -6.12
C SER D 168 17.78 -21.21 -4.88
N TRP D 169 18.61 -21.32 -3.86
CA TRP D 169 18.40 -20.60 -2.61
C TRP D 169 18.62 -19.10 -2.80
N SER D 170 19.25 -18.73 -3.89
CA SER D 170 19.54 -17.33 -4.18
C SER D 170 18.26 -16.51 -4.32
N GLU D 171 17.15 -17.19 -4.58
CA GLU D 171 15.88 -16.50 -4.79
C GLU D 171 15.17 -16.10 -3.51
N GLY D 172 15.66 -16.61 -2.38
CA GLY D 172 15.04 -16.31 -1.10
C GLY D 172 14.96 -14.85 -0.72
N VAL D 173 14.14 -14.54 0.28
CA VAL D 173 13.95 -13.18 0.77
C VAL D 173 14.96 -12.86 1.88
N PRO D 174 15.72 -11.77 1.72
CA PRO D 174 16.71 -11.34 2.71
C PRO D 174 16.07 -10.89 4.02
N PHE D 175 16.82 -10.92 5.10
CA PHE D 175 16.33 -10.45 6.39
C PHE D 175 16.87 -9.02 6.53
N GLY D 176 16.01 -8.07 6.86
CA GLY D 176 16.45 -6.69 6.99
C GLY D 176 15.38 -5.76 6.49
N ILE D 177 15.37 -4.53 7.00
CA ILE D 177 14.37 -3.55 6.61
C ILE D 177 14.40 -3.23 5.12
N TRP D 178 15.41 -2.50 4.66
CA TRP D 178 15.49 -2.18 3.24
C TRP D 178 15.77 -3.43 2.40
N PRO D 179 16.65 -4.32 2.89
CA PRO D 179 16.92 -5.52 2.08
C PRO D 179 15.68 -6.35 1.69
N HIS D 180 14.76 -6.62 2.61
CA HIS D 180 13.61 -7.42 2.21
C HIS D 180 12.75 -6.62 1.24
N ILE D 181 12.88 -5.30 1.32
CA ILE D 181 12.16 -4.41 0.42
C ILE D 181 12.80 -4.49 -0.98
N ASP D 182 14.13 -4.43 -1.05
CA ASP D 182 14.82 -4.47 -2.34
C ASP D 182 14.51 -5.75 -3.11
N TRP D 183 14.29 -6.84 -2.37
CA TRP D 183 13.99 -8.14 -2.96
C TRP D 183 12.73 -8.07 -3.83
N LEU D 184 11.75 -7.28 -3.39
CA LEU D 184 10.50 -7.14 -4.13
C LEU D 184 10.76 -6.70 -5.58
N THR D 185 11.60 -5.70 -5.77
CA THR D 185 11.90 -5.21 -7.10
C THR D 185 12.79 -6.19 -7.87
N ALA D 186 13.75 -6.79 -7.19
CA ALA D 186 14.63 -7.75 -7.87
C ALA D 186 13.78 -8.88 -8.42
N PHE D 187 12.87 -9.39 -7.60
CA PHE D 187 11.99 -10.49 -7.99
C PHE D 187 11.08 -10.08 -9.14
N SER D 188 10.43 -8.93 -9.01
CA SER D 188 9.54 -8.44 -10.07
C SER D 188 10.28 -8.23 -11.38
N ILE D 189 11.48 -7.67 -11.30
CA ILE D 189 12.25 -7.45 -12.51
C ILE D 189 12.59 -8.79 -13.17
N ARG D 190 13.15 -9.70 -12.37
CA ARG D 190 13.53 -11.01 -12.89
C ARG D 190 12.35 -11.74 -13.58
N TYR D 191 11.16 -11.62 -13.01
CA TYR D 191 10.03 -12.32 -13.57
C TYR D 191 9.10 -11.54 -14.47
N GLY D 192 9.64 -10.49 -15.06
CA GLY D 192 8.89 -9.68 -16.01
C GLY D 192 7.73 -8.82 -15.55
N ASN D 193 7.91 -8.09 -14.45
CA ASN D 193 6.89 -7.17 -13.95
C ASN D 193 5.69 -7.82 -13.29
N PHE D 194 5.70 -7.87 -11.97
CA PHE D 194 4.61 -8.51 -11.23
C PHE D 194 3.23 -7.90 -11.44
N TYR D 195 3.16 -6.71 -12.05
CA TYR D 195 1.87 -6.11 -12.33
C TYR D 195 1.08 -6.97 -13.32
N TYR D 196 1.80 -7.72 -14.16
CA TYR D 196 1.14 -8.57 -15.14
C TYR D 196 0.91 -10.00 -14.69
N CYS D 197 1.07 -10.24 -13.39
CA CYS D 197 0.84 -11.56 -12.83
C CYS D 197 -0.61 -11.54 -12.31
N PRO D 198 -1.50 -12.28 -12.98
CA PRO D 198 -2.92 -12.32 -12.57
C PRO D 198 -3.14 -12.52 -11.07
N TRP D 199 -2.34 -13.40 -10.47
CA TRP D 199 -2.48 -13.68 -9.05
C TRP D 199 -2.03 -12.52 -8.17
N HIS D 200 -1.16 -11.69 -8.73
CA HIS D 200 -0.72 -10.52 -8.00
C HIS D 200 -1.97 -9.63 -7.99
N GLY D 201 -2.64 -9.54 -9.14
CA GLY D 201 -3.85 -8.74 -9.26
C GLY D 201 -4.95 -9.24 -8.34
N PHE D 202 -5.12 -10.55 -8.26
CA PHE D 202 -6.17 -11.11 -7.39
C PHE D 202 -5.88 -10.74 -5.94
N SER D 203 -4.63 -10.95 -5.55
CA SER D 203 -4.20 -10.68 -4.20
C SER D 203 -4.49 -9.22 -3.84
N ILE D 204 -4.17 -8.33 -4.75
CA ILE D 204 -4.41 -6.90 -4.53
C ILE D 204 -5.92 -6.61 -4.45
N GLY D 205 -6.69 -7.27 -5.30
CA GLY D 205 -8.12 -7.07 -5.30
C GLY D 205 -8.67 -7.43 -3.93
N PHE D 206 -8.20 -8.54 -3.37
CA PHE D 206 -8.66 -8.95 -2.06
C PHE D 206 -8.10 -8.08 -0.94
N ALA D 207 -6.85 -7.65 -1.09
CA ALA D 207 -6.21 -6.79 -0.10
C ALA D 207 -6.99 -5.47 -0.06
N TYR D 208 -7.23 -4.88 -1.23
CA TYR D 208 -7.99 -3.65 -1.29
C TYR D 208 -9.40 -3.94 -0.78
N GLY D 209 -9.90 -5.15 -1.09
CA GLY D 209 -11.23 -5.56 -0.67
C GLY D 209 -11.35 -5.59 0.85
N CYS D 210 -10.27 -6.00 1.52
CA CYS D 210 -10.28 -6.04 2.97
C CYS D 210 -10.39 -4.62 3.49
N GLY D 211 -9.70 -3.68 2.84
CA GLY D 211 -9.77 -2.30 3.25
C GLY D 211 -11.20 -1.82 3.11
N LEU D 212 -11.81 -2.14 1.97
CA LEU D 212 -13.19 -1.74 1.74
C LEU D 212 -14.11 -2.33 2.80
N LEU D 213 -14.03 -3.65 2.97
CA LEU D 213 -14.87 -4.35 3.94
C LEU D 213 -14.74 -3.95 5.40
N PHE D 214 -13.52 -3.82 5.93
CA PHE D 214 -13.39 -3.44 7.33
C PHE D 214 -13.84 -2.00 7.52
N ALA D 215 -13.62 -1.17 6.51
CA ALA D 215 -14.06 0.21 6.60
C ALA D 215 -15.59 0.24 6.67
N ALA D 216 -16.22 -0.48 5.76
CA ALA D 216 -17.68 -0.53 5.70
C ALA D 216 -18.29 -1.25 6.90
N HIS D 217 -17.74 -2.42 7.24
CA HIS D 217 -18.24 -3.18 8.38
C HIS D 217 -18.01 -2.39 9.68
N GLY D 218 -16.79 -1.87 9.86
CA GLY D 218 -16.49 -1.10 11.05
C GLY D 218 -17.43 0.08 11.18
N ALA D 219 -17.58 0.85 10.11
CA ALA D 219 -18.47 1.99 10.12
C ALA D 219 -19.90 1.55 10.37
N THR D 220 -20.29 0.43 9.77
CA THR D 220 -21.65 -0.08 9.95
C THR D 220 -21.95 -0.37 11.43
N ILE D 221 -21.03 -1.03 12.12
CA ILE D 221 -21.27 -1.34 13.52
C ILE D 221 -21.30 -0.08 14.40
N LEU D 222 -20.44 0.90 14.12
CA LEU D 222 -20.47 2.12 14.93
C LEU D 222 -21.79 2.84 14.69
N ALA D 223 -22.27 2.80 13.45
CA ALA D 223 -23.51 3.46 13.10
C ALA D 223 -24.72 2.86 13.83
N VAL D 224 -24.58 1.63 14.31
CA VAL D 224 -25.67 0.99 15.04
C VAL D 224 -25.29 0.61 16.47
N ALA D 225 -24.27 1.28 17.00
CA ALA D 225 -23.82 1.02 18.37
C ALA D 225 -24.94 1.35 19.36
N ARG D 226 -25.78 2.33 19.00
CA ARG D 226 -26.87 2.74 19.87
C ARG D 226 -27.89 1.62 20.06
N PHE D 227 -27.85 0.62 19.20
CA PHE D 227 -28.79 -0.49 19.28
C PHE D 227 -28.08 -1.76 19.70
N GLY D 228 -26.85 -1.62 20.20
CA GLY D 228 -26.10 -2.78 20.65
C GLY D 228 -25.50 -3.59 19.52
N GLY D 229 -25.35 -2.97 18.36
CA GLY D 229 -24.79 -3.67 17.21
C GLY D 229 -23.42 -4.30 17.47
N ASP D 230 -22.70 -3.78 18.46
CA ASP D 230 -21.38 -4.32 18.78
C ASP D 230 -21.46 -5.69 19.41
N ARG D 231 -22.62 -6.03 19.95
CA ARG D 231 -22.79 -7.34 20.58
C ARG D 231 -23.21 -8.32 19.47
N GLU D 232 -22.30 -8.50 18.52
CA GLU D 232 -22.53 -9.35 17.36
C GLU D 232 -22.97 -10.80 17.62
N ILE D 233 -22.41 -11.45 18.65
CA ILE D 233 -22.78 -12.84 18.93
C ILE D 233 -24.28 -13.04 19.12
N GLU D 234 -24.86 -12.35 20.10
CA GLU D 234 -26.28 -12.49 20.37
C GLU D 234 -27.12 -11.87 19.25
N GLN D 235 -26.50 -11.03 18.42
CA GLN D 235 -27.24 -10.44 17.30
C GLN D 235 -27.36 -11.55 16.23
N ILE D 236 -26.45 -12.52 16.31
CA ILE D 236 -26.46 -13.65 15.40
C ILE D 236 -27.53 -14.66 15.84
N THR D 237 -27.50 -15.01 17.12
CA THR D 237 -28.46 -15.97 17.65
C THR D 237 -29.85 -15.38 17.83
N ASP D 238 -29.94 -14.05 17.85
CA ASP D 238 -31.24 -13.40 18.00
C ASP D 238 -31.27 -12.00 17.39
N ARG D 239 -31.42 -11.97 16.08
CA ARG D 239 -31.47 -10.73 15.29
C ARG D 239 -32.16 -9.56 15.99
N GLY D 240 -31.43 -8.46 16.15
CA GLY D 240 -31.99 -7.28 16.79
C GLY D 240 -32.16 -6.17 15.78
N THR D 241 -32.80 -5.07 16.16
CA THR D 241 -33.01 -3.97 15.23
C THR D 241 -31.67 -3.44 14.70
N ALA D 242 -30.61 -3.65 15.50
CA ALA D 242 -29.28 -3.20 15.11
C ALA D 242 -28.88 -3.80 13.76
N VAL D 243 -28.97 -5.12 13.63
CA VAL D 243 -28.57 -5.73 12.37
C VAL D 243 -29.66 -5.69 11.30
N GLU D 244 -30.91 -5.46 11.70
CA GLU D 244 -31.96 -5.34 10.69
C GLU D 244 -31.67 -4.03 9.97
N ARG D 245 -31.32 -3.01 10.73
CA ARG D 245 -31.02 -1.70 10.14
C ARG D 245 -29.75 -1.77 9.32
N ALA D 246 -28.75 -2.48 9.82
CA ALA D 246 -27.49 -2.62 9.11
C ALA D 246 -27.75 -3.25 7.74
N ALA D 247 -28.48 -4.36 7.73
CA ALA D 247 -28.78 -5.05 6.49
C ALA D 247 -29.55 -4.16 5.51
N LEU D 248 -30.53 -3.42 6.02
CA LEU D 248 -31.33 -2.56 5.16
C LEU D 248 -30.55 -1.38 4.63
N PHE D 249 -29.62 -0.87 5.43
CA PHE D 249 -28.83 0.26 4.95
C PHE D 249 -28.16 -0.22 3.67
N TRP D 250 -27.56 -1.42 3.74
CA TRP D 250 -26.88 -1.99 2.58
C TRP D 250 -27.79 -2.45 1.45
N ARG D 251 -28.93 -3.05 1.77
CA ARG D 251 -29.83 -3.50 0.72
C ARG D 251 -30.31 -2.28 -0.06
N TRP D 252 -30.64 -1.21 0.65
CA TRP D 252 -31.12 -0.01 0.00
C TRP D 252 -30.04 0.71 -0.79
N THR D 253 -28.79 0.50 -0.41
CA THR D 253 -27.68 1.15 -1.09
C THR D 253 -27.18 0.38 -2.32
N ILE D 254 -26.79 -0.87 -2.14
CA ILE D 254 -26.26 -1.67 -3.24
C ILE D 254 -27.18 -2.72 -3.84
N GLY D 255 -28.36 -2.92 -3.25
CA GLY D 255 -29.29 -3.89 -3.81
C GLY D 255 -29.32 -5.25 -3.17
N PHE D 256 -28.33 -5.54 -2.33
CA PHE D 256 -28.29 -6.83 -1.63
C PHE D 256 -27.59 -6.65 -0.30
N ASN D 257 -27.61 -7.66 0.54
CA ASN D 257 -27.02 -7.53 1.87
C ASN D 257 -26.60 -8.87 2.45
N ALA D 258 -25.83 -8.81 3.52
CA ALA D 258 -25.38 -10.01 4.20
C ALA D 258 -26.18 -10.09 5.49
N THR D 259 -25.76 -10.96 6.39
CA THR D 259 -26.37 -11.07 7.71
C THR D 259 -25.21 -10.65 8.63
N ILE D 260 -25.48 -10.46 9.92
CA ILE D 260 -24.39 -10.07 10.79
C ILE D 260 -23.36 -11.19 10.87
N GLU D 261 -23.77 -12.45 10.70
CA GLU D 261 -22.78 -13.53 10.75
C GLU D 261 -22.04 -13.69 9.42
N SER D 262 -22.77 -13.64 8.31
CA SER D 262 -22.15 -13.84 7.01
C SER D 262 -21.14 -12.75 6.64
N VAL D 263 -21.40 -11.51 7.04
CA VAL D 263 -20.47 -10.45 6.71
C VAL D 263 -19.07 -10.80 7.24
N HIS D 264 -19.04 -11.55 8.33
CA HIS D 264 -17.77 -11.98 8.89
C HIS D 264 -17.18 -13.11 8.05
N ARG D 265 -18.04 -13.87 7.39
CA ARG D 265 -17.57 -14.95 6.51
C ARG D 265 -16.92 -14.28 5.31
N TRP D 266 -17.57 -13.25 4.77
CA TRP D 266 -17.03 -12.50 3.64
C TRP D 266 -15.66 -11.92 4.02
N GLY D 267 -15.58 -11.34 5.21
CA GLY D 267 -14.32 -10.74 5.66
C GLY D 267 -13.23 -11.78 5.77
N TRP D 268 -13.57 -12.89 6.42
CA TRP D 268 -12.64 -13.99 6.60
C TRP D 268 -12.13 -14.50 5.25
N PHE D 269 -13.06 -14.62 4.29
CA PHE D 269 -12.75 -15.12 2.96
C PHE D 269 -11.80 -14.19 2.21
N PHE D 270 -12.15 -12.90 2.17
CA PHE D 270 -11.32 -11.91 1.49
C PHE D 270 -9.92 -11.90 2.06
N SER D 271 -9.83 -12.02 3.38
CA SER D 271 -8.54 -12.03 4.05
C SER D 271 -7.71 -13.24 3.63
N LEU D 272 -8.34 -14.42 3.68
CA LEU D 272 -7.69 -15.66 3.29
C LEU D 272 -7.22 -15.63 1.83
N MET D 273 -8.05 -15.08 0.96
CA MET D 273 -7.72 -15.04 -0.46
C MET D 273 -6.52 -14.16 -0.80
N VAL D 274 -6.22 -13.19 0.05
CA VAL D 274 -5.05 -12.34 -0.20
C VAL D 274 -3.82 -13.26 -0.20
N MET D 275 -3.77 -14.15 0.80
CA MET D 275 -2.65 -15.08 0.97
C MET D 275 -2.69 -16.25 0.01
N VAL D 276 -3.88 -16.80 -0.22
CA VAL D 276 -4.02 -17.93 -1.13
C VAL D 276 -3.63 -17.48 -2.55
N SER D 277 -4.18 -16.35 -2.98
CA SER D 277 -3.87 -15.83 -4.31
C SER D 277 -2.39 -15.55 -4.45
N ALA D 278 -1.80 -14.93 -3.43
CA ALA D 278 -0.38 -14.62 -3.47
C ALA D 278 0.43 -15.90 -3.61
N SER D 279 0.10 -16.91 -2.81
CA SER D 279 0.82 -18.19 -2.85
C SER D 279 0.78 -18.84 -4.23
N VAL D 280 -0.42 -18.89 -4.82
CA VAL D 280 -0.58 -19.48 -6.13
C VAL D 280 0.30 -18.73 -7.11
N GLY D 281 0.29 -17.41 -7.01
CA GLY D 281 1.10 -16.59 -7.91
C GLY D 281 2.58 -16.95 -7.82
N ILE D 282 3.07 -17.07 -6.59
CA ILE D 282 4.47 -17.40 -6.37
C ILE D 282 4.80 -18.82 -6.87
N LEU D 283 3.92 -19.78 -6.59
CA LEU D 283 4.14 -21.15 -7.03
C LEU D 283 4.26 -21.26 -8.54
N LEU D 284 3.51 -20.42 -9.27
CA LEU D 284 3.56 -20.45 -10.73
C LEU D 284 4.77 -19.68 -11.30
N THR D 285 5.32 -18.76 -10.52
CA THR D 285 6.44 -17.95 -10.99
C THR D 285 7.75 -18.71 -11.02
N GLY D 286 8.44 -18.60 -12.16
CA GLY D 286 9.72 -19.28 -12.32
C GLY D 286 9.51 -20.71 -12.73
N THR D 287 8.54 -21.35 -12.09
CA THR D 287 8.20 -22.73 -12.37
C THR D 287 7.60 -22.90 -13.76
N PHE D 288 6.51 -22.18 -14.03
CA PHE D 288 5.84 -22.30 -15.32
C PHE D 288 5.70 -21.00 -16.08
N VAL D 289 6.16 -19.91 -15.48
CA VAL D 289 6.09 -18.62 -16.15
C VAL D 289 7.42 -17.93 -15.87
N ASP D 290 8.07 -17.43 -16.91
CA ASP D 290 9.35 -16.76 -16.77
C ASP D 290 9.23 -15.22 -16.85
N ASN D 291 8.31 -14.74 -17.69
CA ASN D 291 8.11 -13.31 -17.88
C ASN D 291 6.61 -13.04 -17.96
N TRP D 292 6.03 -12.58 -16.85
CA TRP D 292 4.60 -12.33 -16.81
C TRP D 292 4.08 -11.37 -17.86
N TYR D 293 4.86 -10.34 -18.19
CA TYR D 293 4.43 -9.39 -19.20
C TYR D 293 4.29 -10.12 -20.55
N LEU D 294 5.32 -10.88 -20.91
CA LEU D 294 5.30 -11.62 -22.16
C LEU D 294 4.20 -12.67 -22.15
N TRP D 295 3.94 -13.22 -20.97
CA TRP D 295 2.89 -14.22 -20.85
C TRP D 295 1.55 -13.54 -21.19
N CYS D 296 1.36 -12.32 -20.69
CA CYS D 296 0.14 -11.58 -20.97
C CYS D 296 0.08 -11.22 -22.44
N VAL D 297 1.22 -10.82 -23.00
CA VAL D 297 1.27 -10.46 -24.40
C VAL D 297 0.90 -11.69 -25.22
N LYS D 298 1.45 -12.83 -24.82
CA LYS D 298 1.17 -14.08 -25.51
C LYS D 298 -0.34 -14.33 -25.58
N HIS D 299 -1.05 -14.04 -24.49
CA HIS D 299 -2.49 -14.26 -24.45
C HIS D 299 -3.27 -13.02 -24.84
N GLY D 300 -2.58 -12.09 -25.50
CA GLY D 300 -3.20 -10.86 -25.98
C GLY D 300 -3.93 -9.96 -24.99
N ALA D 301 -3.47 -9.93 -23.75
CA ALA D 301 -4.11 -9.10 -22.74
C ALA D 301 -3.40 -7.75 -22.51
N ALA D 302 -2.09 -7.70 -22.77
CA ALA D 302 -1.33 -6.48 -22.55
C ALA D 302 -1.69 -5.26 -23.41
N PRO D 303 -1.78 -4.09 -22.78
CA PRO D 303 -2.12 -2.88 -23.54
C PRO D 303 -0.87 -2.39 -24.27
N ASP D 304 -1.07 -1.63 -25.34
CA ASP D 304 0.06 -1.11 -26.09
C ASP D 304 -0.19 0.38 -26.32
N TYR D 305 0.89 1.14 -26.48
CA TYR D 305 0.74 2.58 -26.66
C TYR D 305 1.54 3.07 -27.84
N PRO D 306 1.13 4.21 -28.41
CA PRO D 306 1.86 4.78 -29.55
C PRO D 306 3.20 5.24 -29.01
N ALA D 307 4.16 5.47 -29.89
CA ALA D 307 5.44 5.97 -29.41
C ALA D 307 5.28 7.47 -29.22
N TYR D 308 6.01 8.03 -28.28
CA TYR D 308 5.94 9.47 -28.05
C TYR D 308 7.23 9.97 -28.67
N LEU D 309 8.35 9.56 -28.10
CA LEU D 309 9.65 9.90 -28.66
C LEU D 309 9.81 8.78 -29.69
N PRO D 310 10.66 8.95 -30.69
CA PRO D 310 10.82 7.88 -31.69
C PRO D 310 11.16 6.49 -31.13
N ALA D 311 10.59 5.47 -31.77
CA ALA D 311 10.83 4.09 -31.38
C ALA D 311 12.34 3.83 -31.47
N THR D 312 12.87 3.11 -30.49
CA THR D 312 14.29 2.85 -30.43
C THR D 312 14.70 1.39 -30.55
N PRO D 313 15.31 1.02 -31.69
CA PRO D 313 15.74 -0.36 -31.93
C PRO D 313 16.83 -0.73 -30.93
N ASP D 314 16.89 -2.02 -30.58
CA ASP D 314 17.90 -2.51 -29.64
C ASP D 314 19.25 -2.35 -30.35
N PRO D 315 20.10 -1.43 -29.87
CA PRO D 315 21.39 -1.25 -30.53
C PRO D 315 22.20 -2.54 -30.57
N ALA D 316 21.97 -3.42 -29.60
CA ALA D 316 22.69 -4.67 -29.52
C ALA D 316 22.42 -5.59 -30.73
N SER D 317 21.25 -5.43 -31.34
CA SER D 317 20.88 -6.26 -32.47
C SER D 317 21.25 -5.63 -33.81
N LEU D 318 21.90 -4.48 -33.78
CA LEU D 318 22.31 -3.83 -35.01
C LEU D 318 23.56 -4.52 -35.57
N PRO D 319 23.75 -4.46 -36.89
CA PRO D 319 24.92 -5.10 -37.52
C PRO D 319 26.22 -4.38 -37.17
N GLY D 320 27.21 -5.15 -36.71
CA GLY D 320 28.50 -4.57 -36.37
C GLY D 320 28.56 -4.07 -34.94
N ALA D 321 27.42 -4.09 -34.25
CA ALA D 321 27.36 -3.64 -32.87
C ALA D 321 28.24 -4.48 -31.96
N PRO D 322 28.91 -3.84 -31.00
CA PRO D 322 29.79 -4.55 -30.06
C PRO D 322 28.97 -5.53 -29.22
N LYS D 323 29.64 -6.37 -28.45
CA LYS D 323 28.92 -7.32 -27.62
C LYS D 323 28.25 -6.54 -26.49
FE HEC E . 53.06 20.88 -23.20
CHA HEC E . 54.51 19.05 -25.73
CHB HEC E . 54.57 23.72 -24.40
CHC HEC E . 51.47 22.78 -20.82
CHD HEC E . 51.67 18.06 -21.93
NA HEC E . 54.32 21.30 -24.74
C1A HEC E . 54.83 20.41 -25.66
C2A HEC E . 55.81 21.08 -26.48
C3A HEC E . 55.77 22.39 -26.16
C4A HEC E . 54.85 22.54 -25.06
CMA HEC E . 56.57 23.48 -26.89
CAA HEC E . 56.76 20.46 -27.48
CBA HEC E . 58.16 20.28 -26.92
CGA HEC E . 59.03 19.48 -27.85
O1A HEC E . 58.72 18.29 -28.08
O2A HEC E . 60.03 20.04 -28.38
NB HEC E . 53.01 22.87 -22.72
C1B HEC E . 53.72 23.89 -23.31
C2B HEC E . 53.46 25.12 -22.64
C3B HEC E . 52.46 24.90 -21.76
C4B HEC E . 52.26 23.46 -21.73
CMB HEC E . 54.12 26.48 -22.85
CAB HEC E . 51.58 25.81 -20.91
CBB HEC E . 50.95 26.90 -21.78
NC HEC E . 51.83 20.49 -21.66
C1C HEC E . 51.28 21.39 -20.77
C2C HEC E . 50.57 20.69 -19.73
C3C HEC E . 50.69 19.37 -20.00
C4C HEC E . 51.40 19.25 -21.27
CMC HEC E . 49.88 21.33 -18.52
CAC HEC E . 50.27 18.13 -19.22
CBC HEC E . 48.76 18.11 -19.00
ND HEC E . 53.05 18.94 -23.76
C1D HEC E . 52.42 17.90 -23.10
C2D HEC E . 52.63 16.68 -23.82
C3D HEC E . 53.29 16.99 -24.96
C4D HEC E . 53.67 18.38 -24.85
CMD HEC E . 52.17 15.26 -23.43
CAD HEC E . 53.51 16.03 -26.13
CBD HEC E . 52.56 16.33 -27.28
CGD HEC E . 52.55 15.25 -28.34
O1D HEC E . 51.78 15.37 -29.32
O2D HEC E . 53.31 14.27 -28.20
FE HEC F . 42.76 12.98 -17.93
CHA HEC F . 44.55 11.61 -15.29
CHB HEC F . 45.48 14.92 -18.69
CHC HEC F . 41.19 14.01 -20.79
CHD HEC F . 40.05 11.11 -17.09
NA HEC F . 44.64 13.24 -17.12
C1A HEC F . 45.20 12.59 -16.03
C2A HEC F . 46.47 13.20 -15.70
C3A HEC F . 46.71 14.15 -16.63
C4A HEC F . 45.60 14.12 -17.56
CMA HEC F . 47.93 15.10 -16.68
CAA HEC F . 47.41 12.94 -14.50
CBA HEC F . 46.78 13.43 -13.21
CGA HEC F . 47.67 13.23 -11.99
O1A HEC F . 48.44 14.15 -11.64
O2A HEC F . 47.60 12.15 -11.38
NB HEC F . 43.22 14.26 -19.42
C1B HEC F . 44.39 14.98 -19.55
C2B HEC F . 44.36 15.74 -20.79
C3B HEC F . 43.21 15.41 -21.42
C4B HEC F . 42.48 14.51 -20.56
CMB HEC F . 45.42 16.72 -21.28
CAB HEC F . 42.57 15.88 -22.74
CBB HEC F . 43.53 15.67 -23.93
NC HEC F . 40.93 12.73 -18.71
C1C HEC F . 40.47 13.20 -19.93
C2C HEC F . 39.11 12.78 -20.14
C3C HEC F . 38.75 12.05 -19.06
C4C HEC F . 39.92 11.93 -18.22
CMC HEC F . 38.24 13.11 -21.33
CAC HEC F . 37.45 11.43 -18.59
CBC HEC F . 36.88 10.47 -19.64
ND HEC F . 42.38 11.65 -16.46
C1D HEC F . 41.18 10.97 -16.28
C2D HEC F . 41.32 10.04 -15.19
C3D HEC F . 42.60 10.09 -14.78
C4D HEC F . 43.24 11.17 -15.50
CMD HEC F . 40.23 9.12 -14.61
CAD HEC F . 43.22 9.12 -13.74
CBD HEC F . 43.38 9.60 -12.31
CGD HEC F . 44.53 10.59 -12.15
O1D HEC F . 45.67 10.21 -12.44
O2D HEC F . 44.28 11.74 -11.73
FE HEC G . 17.76 0.56 -17.25
CHA HEC G . 18.64 -2.34 -18.82
CHB HEC G . 15.94 -1.27 -14.94
CHC HEC G . 17.22 3.39 -15.46
CHD HEC G . 19.48 2.37 -19.62
NA HEC G . 17.37 -1.41 -16.93
C1A HEC G . 17.82 -2.46 -17.71
C2A HEC G . 17.24 -3.70 -17.24
C3A HEC G . 16.46 -3.40 -16.16
C4A HEC G . 16.57 -1.97 -15.96
CMA HEC G . 15.64 -4.40 -15.34
CAA HEC G . 17.48 -5.07 -17.86
CBA HEC G . 16.62 -5.36 -19.08
CGA HEC G . 16.90 -6.74 -19.65
O1A HEC G . 17.17 -7.67 -18.85
O2A HEC G . 16.85 -6.89 -20.89
NB HEC G . 16.70 0.99 -15.60
C1B HEC G . 16.02 0.11 -14.77
C2B HEC G . 15.53 0.82 -13.61
C3B HEC G . 15.99 2.09 -13.69
C4B HEC G . 16.68 2.22 -14.95
CMB HEC G . 14.64 0.25 -12.51
CAB HEC G . 15.85 3.30 -12.77
CBB HEC G . 16.43 2.94 -11.41
NC HEC G . 18.14 2.51 -17.56
C1C HEC G . 17.87 3.54 -16.68
C2C HEC G . 18.22 4.80 -17.29
C3C HEC G . 18.76 4.52 -18.50
C4C HEC G . 18.84 3.08 -18.60
CMC HEC G . 18.01 6.24 -16.77
CAC HEC G . 19.17 5.41 -19.66
CBC HEC G . 20.17 6.51 -19.22
ND HEC G . 18.87 0.10 -18.87
C1D HEC G . 19.49 0.99 -19.75
C2D HEC G . 20.17 0.25 -20.78
C3D HEC G . 19.98 -1.07 -20.53
C4D HEC G . 19.13 -1.16 -19.36
CMD HEC G . 20.99 0.84 -21.94
CAD HEC G . 20.56 -2.24 -21.31
CBD HEC G . 22.00 -2.50 -20.89
CGD HEC G . 22.71 -3.49 -21.80
O1D HEC G . 23.91 -3.74 -21.58
O2D HEC G . 22.06 -4.02 -22.73
FE HEC H . 27.02 9.98 -21.66
CHA HEC H . 25.10 11.92 -23.71
CHB HEC H . 24.21 8.20 -20.76
CHC HEC H . 28.96 7.90 -19.78
CHD HEC H . 29.78 11.86 -22.43
NA HEC H . 25.03 10.08 -22.08
C1A HEC H . 24.43 10.95 -22.98
C2A HEC H . 23.01 10.67 -23.07
C3A HEC H . 22.75 9.67 -22.19
C4A HEC H . 24.01 9.27 -21.61
CMA HEC H . 21.36 9.07 -21.89
CAA HEC H . 22.05 11.37 -24.01
CBA HEC H . 21.11 12.27 -23.22
CGA HEC H . 20.21 13.11 -24.09
O1A HEC H . 20.06 12.81 -25.31
O2A HEC H . 19.64 14.08 -23.57
NB HEC H . 26.66 8.37 -20.50
C1B HEC H . 25.44 7.78 -20.24
C2B HEC H . 25.62 6.64 -19.37
C3B HEC H . 26.95 6.52 -19.15
C4B HEC H . 27.59 7.62 -19.82
CMB HEC H . 24.52 5.73 -18.80
CAB HEC H . 27.81 5.50 -18.37
CBB HEC H . 27.57 4.09 -18.89
NC HEC H . 28.98 9.90 -21.20
C1C HEC H . 29.60 8.97 -20.41
C2C HEC H . 30.99 9.33 -20.20
C3C HEC H . 31.21 10.45 -20.92
C4C HEC H . 29.98 10.79 -21.58
CMC HEC H . 32.01 8.61 -19.36
CAC HEC H . 32.46 11.37 -21.06
CBC HEC H . 33.66 10.69 -21.71
ND HEC H . 27.37 11.56 -22.83
C1D HEC H . 28.57 12.21 -23.02
C2D HEC H . 28.41 13.24 -24.02
C3D HEC H . 27.16 13.11 -24.51
C4D HEC H . 26.46 12.19 -23.65
CMD HEC H . 29.45 14.28 -24.46
CAD HEC H . 26.61 13.74 -25.77
CBD HEC H . 25.58 14.79 -25.45
CGD HEC H . 24.90 15.31 -26.69
O1D HEC H . 24.59 14.49 -27.58
O2D HEC H . 24.67 16.55 -26.77
N1 LDA I . -30.24 -25.88 -1.18
O1 LDA I . -30.04 -27.02 -1.59
CM1 LDA I . -28.98 -25.25 -0.83
CM2 LDA I . -30.87 -25.06 -2.21
C1 LDA I . -31.10 -25.91 -0.01
C2 LDA I . -32.44 -26.63 -0.12
C3 LDA I . -33.29 -26.45 1.12
C4 LDA I . -33.74 -25.01 1.29
C5 LDA I . -34.88 -24.89 2.29
C6 LDA I . -34.48 -25.38 3.67
C7 LDA I . -35.61 -25.22 4.68
C8 LDA I . -35.91 -23.75 4.95
C9 LDA I . -36.89 -23.61 6.10
C10 LDA I . -37.15 -22.15 6.46
C11 LDA I . -37.90 -21.43 5.35
C12 LDA I . -38.12 -19.99 5.74
S SO4 J . -32.09 -11.30 -3.21
O1 SO4 J . -31.46 -10.19 -2.56
O2 SO4 J . -31.77 -12.51 -2.51
O3 SO4 J . -31.64 -11.41 -4.56
O4 SO4 J . -33.49 -11.07 -3.21
MG BCB K . 2.25 1.08 -3.84
CHA BCB K . 0.09 3.77 -3.43
CHB BCB K . 0.40 -0.74 -1.54
CHC BCB K . 4.49 -1.45 -4.15
CHD BCB K . 3.56 2.65 -6.63
NA BCB K . 0.44 1.45 -2.69
C1A BCB K . -0.20 2.67 -2.58
C2A BCB K . -1.26 2.58 -1.49
C3A BCB K . -1.39 1.12 -1.23
C4A BCB K . -0.13 0.51 -1.84
CMA BCB K . -1.48 0.85 0.27
CAA BCB K . -2.62 3.18 -1.87
CBA BCB K . -3.20 2.67 -3.16
CGA BCB K . -4.22 3.62 -3.75
O1A BCB K . -3.96 4.81 -3.86
O2A BCB K . -5.44 3.19 -4.20
NB BCB K . 2.42 -0.76 -3.01
C1B BCB K . 1.57 -1.30 -2.05
C2B BCB K . 2.14 -2.55 -1.59
C3B BCB K . 3.26 -2.79 -2.34
C4B BCB K . 3.46 -1.63 -3.21
CMB BCB K . 1.49 -3.40 -0.50
CAB BCB K . 4.18 -3.92 -2.43
OBB BCB K . 5.25 -3.90 -3.04
CBB BCB K . 3.80 -5.17 -1.65
NC BCB K . 3.78 0.68 -5.18
C1C BCB K . 4.63 -0.41 -5.06
C2C BCB K . 5.61 -0.36 -6.20
C3C BCB K . 5.18 0.81 -7.05
C4C BCB K . 4.14 1.42 -6.32
CMC BCB K . 7.03 -0.12 -5.67
CAC BCB K . 5.70 1.23 -8.25
CBC BCB K . 6.86 0.57 -8.94
ND BCB K . 1.98 2.81 -4.80
C1D BCB K . 2.56 3.33 -5.93
C2D BCB K . 2.07 4.66 -6.19
C3D BCB K . 1.14 4.91 -5.21
C4D BCB K . 1.04 3.72 -4.42
CMD BCB K . 2.56 5.60 -7.30
CAD BCB K . 0.23 5.87 -4.63
OBD BCB K . -0.02 7.02 -4.94
CBD BCB K . -0.47 5.18 -3.44
CGD BCB K . 0.09 5.84 -2.18
O1D BCB K . -0.74 6.03 -1.26
O2D BCB K . 1.45 6.19 -2.05
CED BCB K . 1.89 6.64 -0.84
C1 BCB K . -6.29 4.21 -4.78
C2 BCB K . -7.58 3.71 -4.83
C3 BCB K . -8.72 4.47 -5.04
C4 BCB K . -8.65 5.99 -5.23
C5 BCB K . -10.08 3.79 -5.07
C6 BCB K . -11.18 4.75 -5.40
C7 BCB K . -12.53 4.09 -5.40
C8 BCB K . -13.66 5.04 -5.76
C9 BCB K . -13.89 6.06 -4.66
C10 BCB K . -14.95 4.36 -6.19
C11 BCB K . -14.75 3.47 -7.40
C12 BCB K . -16.05 2.82 -7.78
C13 BCB K . -15.98 1.93 -9.01
C14 BCB K . -15.75 2.72 -10.29
C15 BCB K . -17.39 1.36 -8.94
C16 BCB K . -17.62 0.14 -9.80
C17 BCB K . -19.03 -0.38 -9.59
C18 BCB K . -19.20 -1.87 -9.84
C19 BCB K . -20.65 -2.26 -9.55
C20 BCB K . -18.27 -2.66 -8.93
MG BCB L . -6.71 -0.10 -9.44
CHA BCB L . -6.27 -3.58 -9.31
CHB BCB L . -10.07 -0.63 -10.22
CHC BCB L . -7.37 3.20 -8.76
CHD BCB L . -3.54 0.25 -8.06
NA BCB L . -7.95 -1.85 -9.84
C1A BCB L . -7.58 -3.19 -9.68
C2A BCB L . -8.75 -4.09 -9.98
C3A BCB L . -9.78 -3.17 -10.58
C4A BCB L . -9.29 -1.77 -10.23
CMA BCB L . -9.83 -3.31 -12.09
CAA BCB L . -9.30 -4.73 -8.69
CBA BCB L . -10.12 -3.79 -7.83
CGA BCB L . -10.45 -4.32 -6.46
O1A BCB L . -10.78 -5.49 -6.31
O2A BCB L . -10.43 -3.40 -5.38
NB BCB L . -8.40 1.08 -9.51
C1B BCB L . -9.67 0.68 -9.87
C2B BCB L . -10.57 1.78 -9.73
C3B BCB L . -9.84 2.87 -9.34
C4B BCB L . -8.46 2.42 -9.19
CMB BCB L . -12.09 1.68 -9.99
CAB BCB L . -10.19 4.25 -9.07
OBB BCB L . -9.51 5.03 -8.40
CBB BCB L . -11.56 4.72 -9.53
NC BCB L . -5.58 1.50 -8.68
C1C BCB L . -6.06 2.78 -8.55
C2C BCB L . -4.91 3.67 -8.19
C3C BCB L . -3.80 2.72 -7.82
C4C BCB L . -4.27 1.44 -8.16
CMC BCB L . -4.50 4.52 -9.43
CAC BCB L . -2.63 3.04 -7.13
CBC BCB L . -2.22 4.48 -6.79
ND BCB L . -5.22 -1.32 -8.85
C1D BCB L . -3.95 -1.05 -8.40
C2D BCB L . -3.11 -2.24 -8.50
C3D BCB L . -3.97 -3.25 -8.86
C4D BCB L . -5.26 -2.68 -9.01
CMD BCB L . -1.61 -2.30 -8.33
CAD BCB L . -4.09 -4.65 -9.19
OBD BCB L . -3.25 -5.52 -9.36
CBD BCB L . -5.59 -4.95 -9.36
CGD BCB L . -5.77 -5.46 -10.80
O1D BCB L . -6.09 -6.65 -10.88
O2D BCB L . -5.59 -4.66 -11.94
CED BCB L . -5.97 -5.20 -13.12
C1 BCB L . -11.18 -3.77 -4.19
C2 BCB L . -12.60 -3.67 -4.49
C3 BCB L . -13.56 -4.67 -4.50
C4 BCB L . -13.29 -6.14 -4.16
C5 BCB L . -15.02 -4.46 -4.90
C6 BCB L . -15.26 -4.73 -6.37
C7 BCB L . -14.63 -3.67 -7.25
C8 BCB L . -14.64 -4.00 -8.74
C9 BCB L . -13.78 -5.22 -9.01
C10 BCB L . -14.19 -2.82 -9.59
C11 BCB L . -14.31 -3.04 -11.07
C12 BCB L . -13.95 -1.79 -11.85
C13 BCB L . -14.13 -1.92 -13.37
C14 BCB L . -13.12 -2.86 -14.02
C15 BCB L . -14.45 -0.71 -14.24
C16 BCB L . -15.30 0.33 -13.56
C17 BCB L . -15.86 1.30 -14.58
C18 BCB L . -16.94 0.70 -15.47
C19 BCB L . -17.25 1.62 -16.64
C20 BCB L . -18.20 0.45 -14.63
C1 BPB M . -21.57 4.98 -7.87
C2 BPB M . -20.83 4.75 -9.13
C3 BPB M . -20.85 3.74 -10.09
C4 BPB M . -21.75 2.51 -10.01
C5 BPB M . -19.96 3.73 -11.33
C6 BPB M . -19.49 5.06 -11.87
C7 BPB M . -18.65 4.88 -13.12
C8 BPB M . -18.04 6.17 -13.67
C9 BPB M . -19.12 7.17 -14.05
NA BPB M . -16.12 1.12 -3.15
NB BPB M . -13.26 0.77 -3.40
NC BPB M . -12.90 1.68 -0.54
ND BPB M . -15.64 1.84 -0.28
C10 BPB M . -17.21 5.79 -14.91
C11 BPB M . -15.92 5.04 -14.59
C12 BPB M . -14.93 5.97 -13.96
C13 BPB M . -13.67 5.30 -13.44
C14 BPB M . -12.76 6.33 -12.78
C15 BPB M . -12.88 4.32 -14.32
C16 BPB M . -11.84 3.51 -13.56
C17 BPB M . -11.26 2.38 -14.40
C18 BPB M . -10.24 1.52 -13.65
C19 BPB M . -9.86 0.30 -14.49
C1A BPB M . -17.44 1.42 -2.80
O1A BPB M . -19.35 4.76 -6.36
C1B BPB M . -13.59 0.35 -4.66
C1C BPB M . -11.58 1.57 -0.96
C1D BPB M . -15.40 2.14 1.02
O1D BPB M . -21.19 1.12 -1.65
C20 BPB M . -9.00 2.31 -13.24
C2A BPB M . -18.33 1.22 -3.99
O2A BPB M . -21.34 3.85 -6.99
C2B BPB M . -12.40 0.10 -5.44
C2C BPB M . -10.69 1.88 0.19
C2D BPB M . -16.63 2.38 1.74
O2D BPB M . -19.62 -0.35 -0.74
C3A BPB M . -17.47 0.52 -5.00
C3B BPB M . -11.34 0.33 -4.63
C3C BPB M . -11.61 2.21 1.34
C3D BPB M . -17.61 2.28 0.80
C4A BPB M . -16.07 0.64 -4.46
C4B BPB M . -11.88 0.81 -3.36
C4C BPB M . -12.91 2.05 0.81
C4D BPB M . -16.96 1.95 -0.44
CAA BPB M . -18.82 2.57 -4.56
CAB BPB M . -9.90 0.20 -4.86
CAC BPB M . -11.29 2.84 2.53
CAD BPB M . -19.02 2.41 0.52
CBA BPB M . -19.56 2.44 -5.87
CBB BPB M . -8.88 -0.09 -3.78
OBB BPB M . -9.51 0.17 -6.03
CBC BPB M . -9.85 3.28 2.90
CBD BPB M . -19.22 2.20 -0.99
OBD BPB M . -19.96 2.67 1.26
CED BPB M . -20.22 -1.48 -1.19
CGA BPB M . -20.06 3.76 -6.41
CGD BPB M . -20.07 0.93 -1.14
CHA BPB M . -17.83 1.81 -1.51
CHB BPB M . -14.90 0.28 -5.15
CHC BPB M . -11.14 1.19 -2.23
CHD BPB M . -14.10 2.24 1.52
CMA BPB M . -17.88 -0.94 -5.10
CMB BPB M . -12.34 -0.32 -6.90
CMC BPB M . -9.83 0.66 0.53
CMD BPB M . -16.76 2.71 3.23
C2 SMA N . -9.15 -8.74 18.31
C3 SMA N . -9.97 -8.88 17.20
C3M SMA N . -9.41 -8.98 15.82
C4 SMA N . -11.46 -8.93 17.35
C4A SMA N . -11.98 -8.83 18.77
C5 SMA N . -13.39 -8.86 19.13
C5M SMA N . -15.69 -9.05 18.37
C6 SMA N . -13.79 -8.75 20.49
C7 SMA N . -12.83 -8.62 21.53
C7M SMA N . -14.48 -8.52 23.35
C8 SMA N . -11.43 -8.57 21.22
C8A SMA N . -11.02 -8.68 19.84
C9 SMA N . -7.64 -8.69 18.34
C10 SMA N . -7.11 -7.84 19.49
C11 SMA N . -5.58 -7.81 19.56
C12 SMA N . -4.85 -7.23 18.31
C13 SMA N . -4.48 -5.71 18.29
C14 SMA N . -3.71 -5.42 16.95
C15 SMA N . -3.06 -4.05 17.03
C16 SMA N . -3.20 -3.01 16.19
C17 SMA N . -2.48 -1.76 16.44
C18 SMA N . -2.57 -0.66 15.65
C19 SMA N . -1.87 0.63 15.88
C20 SMA N . -2.07 1.65 15.00
C21 SMA N . -1.45 3.02 15.07
C22 SMA N . -5.14 -7.14 20.87
C23 SMA N . -3.57 -9.04 17.37
C24 SMA N . -5.72 -4.82 18.36
C25 SMA N . -4.01 -6.32 14.76
C26 SMA N . -0.98 0.75 17.09
O1 SMA N . -9.64 -8.64 19.62
O4 SMA N . -12.22 -9.06 16.38
O5 SMA N . -14.28 -9.00 18.07
O7 SMA N . -13.11 -8.50 22.90
O8 SMA N . -10.44 -8.44 22.18
O12 SMA N . -3.57 -7.91 18.24
O14 SMA N . -4.60 -5.59 15.83
MG BCB O . 7.54 -6.49 5.04
CHA BCB O . 6.89 -3.10 5.56
CHB BCB O . 8.12 -6.87 8.46
CHC BCB O . 7.61 -9.89 4.63
CHD BCB O . 6.37 -6.10 1.81
NA BCB O . 7.66 -5.13 6.75
C1A BCB O . 7.26 -3.80 6.74
C2A BCB O . 7.22 -3.28 8.17
C3A BCB O . 7.92 -4.35 8.95
C4A BCB O . 7.96 -5.55 8.04
CMA BCB O . 9.36 -3.93 9.27
CAA BCB O . 5.78 -3.11 8.71
CBA BCB O . 4.88 -4.35 8.60
CGA BCB O . 3.54 -4.20 9.30
O1A BCB O . 3.13 -3.09 9.61
O2A BCB O . 2.68 -5.35 9.62
NB BCB O . 7.80 -8.09 6.31
C1B BCB O . 8.03 -8.03 7.67
C2B BCB O . 8.13 -9.38 8.17
C3B BCB O . 7.90 -10.23 7.14
C4B BCB O . 7.80 -9.42 5.93
CMB BCB O . 8.46 -9.76 9.63
CAB BCB O . 7.82 -11.70 7.06
OBB BCB O . 8.58 -12.36 7.76
CBB BCB O . 6.78 -12.44 6.26
NC BCB O . 7.12 -7.77 3.44
C1C BCB O . 7.31 -9.13 3.49
C2C BCB O . 7.06 -9.70 2.12
C3C BCB O . 6.52 -8.54 1.32
C4C BCB O . 6.64 -7.42 2.17
CMC BCB O . 8.39 -10.19 1.53
CAC BCB O . 5.82 -8.60 0.13
CBC BCB O . 5.57 -9.90 -0.63
ND BCB O . 6.98 -4.97 3.85
C1D BCB O . 6.53 -4.94 2.57
C2D BCB O . 6.36 -3.57 2.11
C3D BCB O . 6.53 -2.81 3.24
C4D BCB O . 6.83 -3.69 4.31
CMD BCB O . 6.07 -3.13 0.69
CAD BCB O . 6.51 -1.48 3.80
OBD BCB O . 6.38 -0.38 3.26
CBD BCB O . 6.67 -1.60 5.32
CGD BCB O . 8.00 -0.94 5.65
O1D BCB O . 7.94 0.02 6.45
O2D BCB O . 9.23 -1.35 5.09
CED BCB O . 10.29 -0.56 5.33
C1 BCB O . 1.61 -5.12 10.59
C2 BCB O . 1.89 -5.90 11.80
C3 BCB O . 1.17 -6.13 12.98
C4 BCB O . -0.21 -5.57 13.30
C5 BCB O . 1.65 -6.95 14.17
C6 BCB O . 2.41 -6.17 15.24
C7 BCB O . 1.49 -5.39 16.17
C8 BCB O . 0.72 -6.26 17.18
C9 BCB O . -0.12 -5.38 18.08
C10 BCB O . 1.54 -7.26 18.01
C11 BCB O . 0.73 -8.36 18.71
C12 BCB O . -0.06 -7.86 19.93
C13 BCB O . 0.80 -7.41 21.11
C14 BCB O . 1.77 -8.50 21.55
C15 BCB O . -0.08 -6.93 22.28
C16 BCB O . 0.59 -5.96 23.25
C17 BCB O . 1.76 -6.57 24.01
C18 BCB O . 1.37 -7.63 25.06
C19 BCB O . 0.64 -6.98 26.23
C20 BCB O . 2.60 -8.39 25.54
MG BCB P . 3.10 -6.41 -4.93
CHA BCB P . 3.01 -9.57 -3.51
CHB BCB P . 0.23 -5.55 -3.20
CHC BCB P . 3.07 -3.48 -6.60
CHD BCB P . 6.36 -7.01 -5.86
NA BCB P . 1.80 -7.43 -3.53
C1A BCB P . 1.91 -8.76 -3.15
C2A BCB P . 0.82 -9.11 -2.18
C3A BCB P . 0.13 -7.80 -1.89
C4A BCB P . 0.72 -6.83 -2.91
CMA BCB P . -1.38 -7.94 -2.07
CAA BCB P . 1.45 -9.67 -0.91
CBA BCB P . 0.47 -10.01 0.13
CGA BCB P . 0.89 -9.55 1.50
O1A BCB P . 0.03 -9.27 2.31
O2A BCB P . 2.23 -9.42 1.96
NB BCB P . 1.87 -4.79 -4.90
C1B BCB P . 0.73 -4.63 -4.14
C2B BCB P . 0.10 -3.39 -4.50
C3B BCB P . 0.89 -2.77 -5.42
C4B BCB P . 1.98 -3.71 -5.74
CMB BCB P . -1.20 -2.88 -3.86
CAB BCB P . 0.87 -1.45 -6.04
OBB BCB P . 1.71 -1.00 -6.83
CBB BCB P . -0.27 -0.53 -5.62
NC BCB P . 4.53 -5.38 -5.98
C1C BCB P . 4.23 -4.26 -6.72
C2C BCB P . 5.39 -3.99 -7.64
C3C BCB P . 6.48 -4.90 -7.16
C4C BCB P . 5.84 -5.78 -6.28
CMC BCB P . 4.99 -4.36 -9.07
CAC BCB P . 7.84 -4.73 -7.28
CBC BCB P . 8.49 -3.55 -8.01
ND BCB P . 4.43 -7.90 -4.72
C1D BCB P . 5.73 -8.02 -5.15
C2D BCB P . 6.22 -9.37 -4.93
C3D BCB P . 5.18 -10.02 -4.29
C4D BCB P . 4.12 -9.09 -4.14
CMD BCB P . 7.56 -9.92 -5.36
CAD BCB P . 4.73 -11.26 -3.69
OBD BCB P . 5.30 -12.30 -3.46
CBD BCB P . 3.25 -11.06 -3.29
CGD BCB P . 2.43 -11.74 -4.39
O1D BCB P . 1.19 -11.67 -4.25
O2D BCB P . 3.00 -12.41 -5.46
CED BCB P . 2.08 -12.92 -6.32
C1 BCB P . 2.39 -9.08 3.37
C2 BCB P . 2.18 -10.29 4.18
C3 BCB P . 3.06 -11.30 4.52
C4 BCB P . 4.53 -11.28 4.09
C5 BCB P . 2.75 -12.55 5.33
C6 BCB P . 3.07 -12.50 6.82
C7 BCB P . 2.89 -13.87 7.45
C8 BCB P . 3.09 -13.90 8.97
C9 BCB P . 3.12 -15.35 9.46
C10 BCB P . 4.33 -13.14 9.44
C11 BCB P . 4.58 -13.17 10.93
C12 BCB P . 5.93 -12.55 11.22
C13 BCB P . 6.55 -12.95 12.56
C14 BCB P . 6.21 -11.97 13.65
C15 BCB P . 8.00 -12.77 12.10
C16 BCB P . 9.05 -12.97 13.17
C17 BCB P . 10.41 -13.00 12.50
C18 BCB P . 11.59 -13.16 13.46
C19 BCB P . 12.87 -13.15 12.64
C20 BCB P . 11.47 -14.45 14.25
C1 BPB Q . 6.36 -16.11 16.60
C2 BPB Q . 7.21 -15.73 17.73
C3 BPB Q . 8.27 -14.83 17.87
C4 BPB Q . 8.84 -13.94 16.74
C5 BPB Q . 8.96 -14.68 19.22
C6 BPB Q . 10.13 -13.74 19.50
C7 BPB Q . 9.66 -12.30 19.73
C8 BPB Q . 10.59 -11.49 20.66
C9 BPB Q . 10.09 -10.07 20.91
NA BPB Q . 0.81 -11.95 12.55
NB BPB Q . 1.28 -10.46 10.11
NC BPB Q . -1.13 -11.62 8.76
ND BPB Q . -1.61 -12.98 11.13
C10 BPB Q . 12.11 -11.56 20.59
C11 BPB Q . 12.82 -11.23 21.90
C12 BPB Q . 14.35 -11.29 21.75
C13 BPB Q . 15.14 -11.21 23.06
C14 BPB Q . 16.63 -11.19 22.79
C15 BPB Q . 14.76 -12.31 24.05
C16 BPB Q . 15.38 -12.15 25.44
C17 BPB Q . 14.89 -10.87 26.12
C18 BPB Q . 15.46 -10.65 27.52
C19 BPB Q . 15.05 -11.78 28.46
C1A BPB Q . 0.42 -12.86 13.52
O1A BPB Q . 4.31 -16.15 14.75
C1B BPB Q . 2.34 -9.98 10.86
C1C BPB Q . -0.58 -10.92 7.71
C1D BPB Q . -2.76 -13.38 10.51
O1D BPB Q . -1.11 -14.49 16.69
C20 BPB Q . 15.00 -9.31 28.08
C2A BPB Q . 1.44 -12.87 14.65
O2A BPB Q . 5.54 -14.96 16.24
C2B BPB Q . 3.17 -9.13 10.04
C2C BPB Q . -1.50 -11.08 6.52
C2D BPB Q . -3.58 -14.19 11.39
O2D BPB Q . -2.35 -12.76 15.76
C3A BPB Q . 2.28 -11.65 14.39
C3B BPB Q . 2.63 -9.11 8.81
C3C BPB Q . -2.70 -11.85 7.04
C3D BPB Q . -2.81 -14.38 12.50
C4A BPB Q . 1.94 -11.25 12.97
C4B BPB Q . 1.44 -9.96 8.83
C4C BPB Q . -2.35 -12.18 8.37
C4D BPB Q . -1.61 -13.60 12.33
CAA BPB Q . 2.32 -14.12 14.56
CAB BPB Q . 3.04 -8.46 7.58
CAC BPB Q . -3.94 -12.10 6.45
CAD BPB Q . -2.70 -15.03 13.77
CBA BPB Q . 3.14 -14.36 15.80
CBB BPB Q . 2.05 -7.51 6.95
OBB BPB Q . 4.20 -8.44 7.18
CBC BPB Q . -4.36 -11.74 5.05
CBD BPB Q . -1.32 -14.70 14.37
OBD BPB Q . -3.48 -15.75 14.38
CED BPB Q . -2.68 -12.31 16.98
CGA BPB Q . 4.36 -15.22 15.54
CGD BPB Q . -1.59 -13.95 15.68
CHA BPB Q . -0.74 -13.65 13.42
CHB BPB Q . 2.64 -10.34 12.19
CHC BPB Q . 0.58 -10.18 7.75
CHD BPB Q . -3.09 -13.00 9.22
CMA BPB Q . 1.89 -10.52 15.36
CMB BPB Q . 4.46 -8.43 10.45
CMC BPB Q . -1.93 -9.72 5.97
CMD BPB Q . -4.98 -14.68 11.08
FE FE R . -17.90 -7.49 13.39
C1 MQ7 S . -22.00 -5.02 7.21
O1 MQ7 S . -21.16 -4.73 8.07
C2 MQ7 S . -21.71 -4.84 5.80
C2M MQ7 S . -20.39 -4.18 5.46
C3 MQ7 S . -22.61 -5.25 4.84
C4 MQ7 S . -23.87 -5.88 5.24
O4 MQ7 S . -24.68 -6.21 4.40
C5 MQ7 S . -24.16 -6.05 6.65
C6 MQ7 S . -25.36 -6.66 7.02
C7 MQ7 S . -25.63 -6.87 8.36
C8 MQ7 S . -24.72 -6.45 9.31
C9 MQ7 S . -23.54 -5.85 8.92
C10 MQ7 S . -23.26 -5.65 7.59
C11 MQ7 S . -22.29 -5.09 3.39
C12 MQ7 S . -21.60 -6.25 2.83
C13 MQ7 S . -21.96 -7.24 1.94
C14 MQ7 S . -23.33 -7.39 1.26
C15 MQ7 S . -20.95 -8.31 1.54
C16 MQ7 S . -20.39 -8.22 0.13
C17 MQ7 S . -19.69 -6.97 -0.15
C18 MQ7 S . -18.54 -6.72 -0.89
C19 MQ7 S . -17.73 -7.80 -1.61
C20 MQ7 S . -18.02 -5.30 -1.03
C21 MQ7 S . -18.17 -4.70 -2.43
C22 MQ7 S . -19.52 -4.47 -2.92
C23 MQ7 S . -19.94 -4.65 -4.23
C24 MQ7 S . -19.01 -5.13 -5.35
C25 MQ7 S . -21.36 -4.37 -4.66
C26 MQ7 S . -21.33 -3.18 -5.58
C27 MQ7 S . -22.65 -2.76 -6.01
C28 MQ7 S . -23.02 -1.46 -6.34
C29 MQ7 S . -22.02 -0.30 -6.28
C30 MQ7 S . -24.42 -1.05 -6.78
C31 MQ7 S . -24.66 -1.01 -8.27
C32 MQ7 S . -26.02 -0.58 -8.49
C33 MQ7 S . -26.51 0.62 -8.99
C34 MQ7 S . -25.65 1.80 -9.48
C35 MQ7 S . -28.00 0.91 -9.12
C36 MQ7 S . -28.48 1.95 -8.12
C37 MQ7 S . -29.88 2.23 -8.37
C38 MQ7 S . -30.67 3.35 -8.18
C39 MQ7 S . -30.12 4.67 -7.62
C40 MQ7 S . -32.17 3.46 -8.51
C41 MQ7 S . -32.56 3.52 -9.98
C42 MQ7 S . -32.58 2.23 -10.72
C43 MQ7 S . -31.88 1.60 -11.75
C44 MQ7 S . -32.24 0.17 -12.21
C45 MQ7 S . -30.70 2.13 -12.59
C1 NS5 T . 14.96 -3.19 19.78
CM1 NS5 T . 16.28 -2.85 19.12
CM2 NS5 T . 14.42 -2.01 20.57
C2 NS5 T . 13.93 -3.67 18.75
C3 NS5 T . 14.32 -4.95 18.02
C4 NS5 T . 13.24 -5.38 17.04
C5 NS5 T . 13.57 -6.65 16.34
C6 NS5 T . 13.19 -7.89 17.07
C7 NS5 T . 14.30 -6.66 15.22
C8 NS5 T . 14.70 -7.91 14.49
C9 NS5 T . 15.60 -7.64 13.28
C10 NS5 T . 14.82 -7.38 12.01
C11 NS5 T . 14.29 -6.00 11.86
C12 NS5 T . 14.98 -8.22 10.96
C13 NS5 T . 14.32 -8.22 9.66
C14 NS5 T . 13.07 -8.64 9.42
C15 NS5 T . 12.43 -8.71 8.09
C16 NS5 T . 11.66 -7.48 7.74
C17 NS5 T . 12.37 -9.86 7.38
C18 NS5 T . 11.62 -10.09 6.15
C19 NS5 T . 11.36 -11.22 5.47
C20 NS5 T . 11.99 -12.54 5.62
C21 NS5 T . 11.56 -13.67 5.00
C22 NS5 T . 10.19 -13.82 4.37
C23 NS5 T . 12.41 -14.90 5.00
C24 NS5 T . 11.95 -16.15 4.77
C25 NS5 T . 12.73 -17.37 4.84
C26 NS5 T . 12.29 -18.63 5.07
C27 NS5 T . 10.88 -18.96 5.50
C28 NS5 T . 13.20 -19.79 4.85
C29 NS5 T . 12.90 -21.07 5.18
C30 NS5 T . 13.74 -22.22 4.96
C31 NS5 T . 13.44 -23.53 5.17
C32 NS5 T . 12.17 -23.99 5.79
C33 NS5 T . 14.24 -24.60 4.49
C34 NS5 T . 15.16 -25.30 5.47
C35 NS5 T . 15.93 -26.39 4.82
C36 NS5 T . 16.78 -27.22 5.47
CM3 NS5 T . 17.07 -27.09 6.91
CM4 NS5 T . 17.50 -28.31 4.77
N1 LDA U . -24.84 -10.68 -6.44
O1 LDA U . -24.76 -11.86 -6.08
CM1 LDA U . -24.95 -10.59 -7.89
CM2 LDA U . -26.01 -10.03 -5.86
C1 LDA U . -23.64 -9.95 -6.03
C2 LDA U . -22.23 -10.36 -6.38
C3 LDA U . -21.23 -9.49 -5.67
C4 LDA U . -19.81 -10.01 -5.82
C5 LDA U . -18.84 -9.14 -5.04
C6 LDA U . -17.52 -9.84 -4.81
C7 LDA U . -16.64 -9.88 -6.04
C8 LDA U . -15.24 -10.37 -5.66
C9 LDA U . -14.24 -10.13 -6.77
C10 LDA U . -12.82 -10.25 -6.25
C11 LDA U . -11.81 -9.77 -7.28
C12 LDA U . -10.41 -9.87 -6.71
N1 LDA V . -7.16 -16.20 -22.70
O1 LDA V . -8.29 -16.46 -23.14
CM1 LDA V . -6.28 -17.32 -22.91
CM2 LDA V . -6.62 -15.04 -23.39
C1 LDA V . -7.24 -15.92 -21.26
C2 LDA V . -6.21 -15.55 -20.19
C3 LDA V . -5.59 -14.18 -20.44
C4 LDA V . -4.52 -13.85 -19.41
C5 LDA V . -5.12 -13.58 -18.05
C6 LDA V . -5.90 -12.28 -18.05
C7 LDA V . -4.99 -11.07 -18.05
C8 LDA V . -4.41 -10.81 -16.67
C9 LDA V . -3.54 -9.56 -16.68
C10 LDA V . -2.96 -9.25 -15.31
C11 LDA V . -4.04 -8.85 -14.32
C12 LDA V . -3.38 -8.45 -13.02
N1 LDA W . -1.04 -29.09 23.26
O1 LDA W . -1.31 -28.41 24.26
CM1 LDA W . -1.03 -30.50 23.61
CM2 LDA W . -2.04 -28.88 22.22
C1 LDA W . 0.28 -28.72 22.74
C2 LDA W . 1.58 -28.80 23.52
C3 LDA W . 2.72 -28.15 22.75
C4 LDA W . 3.19 -29.01 21.58
C5 LDA W . 4.15 -28.26 20.67
C6 LDA W . 5.34 -27.70 21.44
C7 LDA W . 6.30 -26.92 20.55
C8 LDA W . 7.25 -27.84 19.77
C9 LDA W . 6.58 -28.53 18.60
C10 LDA W . 6.33 -27.58 17.44
C11 LDA W . 7.62 -27.10 16.79
C12 LDA W . 7.32 -26.25 15.57
N1 LDA X . -29.70 -7.63 -6.70
O1 LDA X . -29.94 -8.26 -7.72
CM1 LDA X . -30.92 -7.11 -6.13
CM2 LDA X . -29.08 -8.49 -5.71
C1 LDA X . -28.80 -6.53 -6.98
C2 LDA X . -27.47 -6.63 -7.71
C3 LDA X . -26.79 -5.27 -7.77
C4 LDA X . -25.62 -5.27 -8.76
C5 LDA X . -24.50 -6.21 -8.34
C6 LDA X . -23.28 -6.03 -9.23
C7 LDA X . -22.10 -6.85 -8.73
C8 LDA X . -20.85 -6.57 -9.55
C9 LDA X . -19.67 -7.42 -9.08
C10 LDA X . -18.47 -7.23 -9.99
C11 LDA X . -17.34 -8.16 -9.62
C12 LDA X . -16.18 -8.03 -10.60
N1 LDA Y . 29.49 -12.53 7.20
O1 LDA Y . 29.17 -11.37 7.40
CM1 LDA Y . 28.53 -13.19 6.32
CM2 LDA Y . 30.79 -12.58 6.56
C1 LDA Y . 29.55 -13.27 8.45
C2 LDA Y . 30.45 -12.89 9.62
C3 LDA Y . 30.28 -13.84 10.80
C4 LDA Y . 28.90 -13.70 11.44
C5 LDA Y . 28.72 -14.72 12.56
C6 LDA Y . 27.38 -14.56 13.27
C7 LDA Y . 27.17 -15.67 14.28
C8 LDA Y . 25.86 -15.49 15.05
C9 LDA Y . 25.63 -16.62 16.04
C10 LDA Y . 24.34 -16.44 16.82
C11 LDA Y . 24.08 -17.61 17.74
C12 LDA Y . 22.80 -17.46 18.55
S SO4 Z . -18.34 -23.11 9.80
O1 SO4 Z . -18.22 -21.83 10.38
O2 SO4 Z . -17.58 -24.06 10.53
O3 SO4 Z . -17.83 -23.09 8.49
O4 SO4 Z . -19.71 -23.43 9.76
S SO4 AA . -27.08 12.44 16.30
O1 SO4 AA . -28.42 12.91 16.20
O2 SO4 AA . -26.64 12.45 17.66
O3 SO4 AA . -26.24 13.30 15.53
O4 SO4 AA . -27.00 11.13 15.77
S SO4 BA . -0.05 -24.99 24.62
O1 SO4 BA . -0.56 -25.59 25.80
O2 SO4 BA . -0.07 -23.58 24.86
O3 SO4 BA . -0.87 -25.33 23.50
O4 SO4 BA . 1.28 -25.44 24.30
#